data_3P0X
#
_entry.id   3P0X
#
_cell.length_a   76.910
_cell.length_b   135.930
_cell.length_c   181.790
_cell.angle_alpha   90.00
_cell.angle_beta   90.00
_cell.angle_gamma   90.00
#
_symmetry.space_group_name_H-M   'P 21 21 21'
#
loop_
_entity.id
_entity.type
_entity.pdbx_description
1 polymer 'Isocitrate lyase'
2 non-polymer 1,2-ETHANEDIOL
3 non-polymer 'ISOCITRIC ACID'
4 non-polymer 'MAGNESIUM ION'
5 water water
#
_entity_poly.entity_id   1
_entity_poly.type   'polypeptide(L)'
_entity_poly.pdbx_seq_one_letter_code
;GPGSMTDFYSLIPSAPKGRFDGIERAHTAEDVKRLRGSVEIKYSLAEMGANRLWKLIHEEDFVNALGALSGNQAMQMVRA
GLKAIYLSGWQVAADANTASAMYPDQSLYPANAGPELAKRINRTLQRADQIETAEGKGLSVDTWFAPIVADAEAGFGGPL
DAFEIMKAYIEAGAAGVHFEDQLASEKKCGHLGGKVLIPTAAHIRNLNAARLAADVMGTPTLIVARTDAEAAKLLTSDID
ERDQPFVDYEAGRTAEGFYQVKNGIEPCIARAIAYAPYCDLIWMETSKPDLAQARRFAEAVHKAHPGKLLAYNCSPSFNW
KKNLDDATIAKFQRELGAMGYKFQFITLAGFHQLNYGMFELARGYKDRQMAAYSELQQAEFAAEADGYTATKHQREVGTG
YFDAVSLAITGGQSSTTAMKESTETAQFKPAAE
;
_entity_poly.pdbx_strand_id   A,B,C,D
#
loop_
_chem_comp.id
_chem_comp.type
_chem_comp.name
_chem_comp.formula
EDO non-polymer 1,2-ETHANEDIOL 'C2 H6 O2'
ICT non-polymer 'ISOCITRIC ACID' 'C6 H8 O7'
MG non-polymer 'MAGNESIUM ION' 'Mg 2'
#
# COMPACT_ATOMS: atom_id res chain seq x y z
N ASP A 7 -14.17 1.25 36.88
CA ASP A 7 -14.99 2.18 36.05
C ASP A 7 -14.44 2.24 34.61
N PHE A 8 -13.41 3.06 34.38
CA PHE A 8 -12.66 3.00 33.12
C PHE A 8 -11.77 1.76 33.13
N TYR A 9 -11.33 1.37 34.33
CA TYR A 9 -10.54 0.15 34.55
C TYR A 9 -11.21 -1.14 34.04
N SER A 10 -12.54 -1.23 34.10
CA SER A 10 -13.24 -2.38 33.52
C SER A 10 -13.38 -2.31 31.99
N LEU A 11 -13.11 -1.14 31.41
CA LEU A 11 -13.13 -0.98 29.95
C LEU A 11 -11.77 -1.26 29.32
N ILE A 12 -10.73 -1.13 30.15
CA ILE A 12 -9.34 -1.37 29.77
C ILE A 12 -8.80 -2.43 30.74
N PRO A 13 -9.10 -3.71 30.45
CA PRO A 13 -8.85 -4.77 31.43
C PRO A 13 -7.38 -4.97 31.78
N SER A 14 -6.50 -4.72 30.80
CA SER A 14 -5.07 -4.91 31.00
C SER A 14 -4.43 -3.76 31.77
N ALA A 15 -5.18 -2.69 32.01
CA ALA A 15 -4.64 -1.51 32.67
C ALA A 15 -4.25 -1.88 34.11
N PRO A 16 -3.02 -1.54 34.53
CA PRO A 16 -2.60 -1.88 35.89
C PRO A 16 -3.22 -0.97 36.96
N LYS A 17 -3.07 -1.34 38.23
CA LYS A 17 -3.58 -0.54 39.32
C LYS A 17 -2.84 0.82 39.32
N GLY A 18 -3.60 1.90 39.39
CA GLY A 18 -3.03 3.25 39.43
C GLY A 18 -2.76 3.93 38.08
N ARG A 19 -3.02 3.22 36.98
CA ARG A 19 -2.65 3.68 35.64
C ARG A 19 -3.20 5.06 35.31
N PHE A 20 -4.45 5.30 35.69
CA PHE A 20 -5.11 6.56 35.42
C PHE A 20 -5.23 7.47 36.67
N ASP A 21 -4.33 7.33 37.64
CA ASP A 21 -4.29 8.30 38.74
C ASP A 21 -4.01 9.67 38.17
N GLY A 22 -4.81 10.65 38.56
CA GLY A 22 -4.60 12.05 38.17
C GLY A 22 -4.86 12.38 36.72
N ILE A 23 -5.57 11.50 35.99
CA ILE A 23 -5.89 11.69 34.58
C ILE A 23 -7.36 12.03 34.45
N GLU A 24 -7.67 13.15 33.82
CA GLU A 24 -9.03 13.56 33.58
C GLU A 24 -9.42 13.28 32.14
N ARG A 25 -10.71 12.97 31.96
CA ARG A 25 -11.31 12.76 30.65
C ARG A 25 -12.54 13.65 30.46
N ALA A 26 -12.72 14.18 29.26
CA ALA A 26 -13.91 14.97 28.91
C ALA A 26 -15.17 14.10 28.75
N HIS A 27 -14.95 12.86 28.34
CA HIS A 27 -16.01 11.90 28.06
C HIS A 27 -16.26 10.95 29.24
N THR A 28 -17.35 10.19 29.16
CA THR A 28 -17.76 9.26 30.22
C THR A 28 -17.50 7.78 29.90
N ALA A 29 -17.64 6.92 30.90
CA ALA A 29 -17.44 5.50 30.71
C ALA A 29 -18.54 5.00 29.80
N GLU A 30 -19.73 5.53 30.00
CA GLU A 30 -20.85 5.20 29.14
C GLU A 30 -20.59 5.64 27.69
N ASP A 31 -19.95 6.80 27.51
CA ASP A 31 -19.55 7.27 26.17
C ASP A 31 -18.72 6.19 25.48
N VAL A 32 -17.81 5.57 26.22
CA VAL A 32 -16.92 4.59 25.66
C VAL A 32 -17.68 3.35 25.18
N LYS A 33 -18.56 2.83 26.02
CA LYS A 33 -19.34 1.64 25.65
C LYS A 33 -20.15 1.91 24.42
N ARG A 34 -20.73 3.10 24.39
CA ARG A 34 -21.62 3.48 23.31
C ARG A 34 -20.87 3.54 21.98
N LEU A 35 -19.58 3.86 22.02
CA LEU A 35 -18.80 4.18 20.82
C LEU A 35 -17.84 3.10 20.34
N ARG A 36 -17.80 1.95 21.01
CA ARG A 36 -16.76 0.97 20.71
C ARG A 36 -17.28 -0.25 19.95
N GLY A 37 -18.51 -0.20 19.49
CA GLY A 37 -19.11 -1.36 18.84
C GLY A 37 -19.36 -2.49 19.83
N SER A 38 -19.92 -3.59 19.32
CA SER A 38 -20.56 -4.59 20.15
C SER A 38 -19.68 -5.79 20.50
N VAL A 39 -18.50 -5.88 19.91
CA VAL A 39 -17.63 -7.05 20.06
C VAL A 39 -16.26 -6.65 20.64
N GLU A 40 -15.66 -7.59 21.35
CA GLU A 40 -14.34 -7.38 21.92
C GLU A 40 -13.29 -7.74 20.89
N ILE A 41 -12.48 -6.78 20.48
CA ILE A 41 -11.33 -7.05 19.63
C ILE A 41 -10.09 -6.76 20.41
N LYS A 42 -9.18 -7.71 20.45
CA LYS A 42 -7.93 -7.54 21.21
C LYS A 42 -6.81 -6.96 20.36
N TYR A 43 -6.02 -6.08 20.98
CA TYR A 43 -4.80 -5.48 20.40
C TYR A 43 -3.62 -5.81 21.35
N SER A 44 -3.16 -7.06 21.27
CA SER A 44 -2.19 -7.61 22.19
C SER A 44 -0.87 -6.84 22.27
N LEU A 45 -0.31 -6.49 21.13
CA LEU A 45 0.98 -5.83 21.13
C LEU A 45 0.85 -4.42 21.70
N ALA A 46 -0.29 -3.78 21.49
CA ALA A 46 -0.59 -2.48 22.11
C ALA A 46 -0.71 -2.61 23.63
N GLU A 47 -1.41 -3.66 24.10
CA GLU A 47 -1.55 -3.92 25.53
C GLU A 47 -0.19 -4.18 26.16
N MET A 48 0.49 -5.16 25.62
CA MET A 48 1.80 -5.53 26.18
C MET A 48 2.71 -4.29 26.18
N GLY A 49 2.80 -3.61 25.04
CA GLY A 49 3.72 -2.49 24.91
C GLY A 49 3.46 -1.36 25.89
N ALA A 50 2.20 -1.02 26.07
CA ALA A 50 1.79 0.05 26.96
C ALA A 50 1.98 -0.31 28.43
N ASN A 51 1.77 -1.58 28.79
CA ASN A 51 2.00 -1.98 30.18
C ASN A 51 3.50 -2.04 30.47
N ARG A 52 4.27 -2.52 29.50
CA ARG A 52 5.71 -2.60 29.67
C ARG A 52 6.36 -1.21 29.73
N LEU A 53 5.88 -0.28 28.91
CA LEU A 53 6.36 1.09 29.00
C LEU A 53 6.06 1.69 30.38
N TRP A 54 4.84 1.48 30.86
CA TRP A 54 4.42 1.99 32.16
C TRP A 54 5.34 1.48 33.27
N LYS A 55 5.58 0.18 33.24
CA LYS A 55 6.51 -0.46 34.15
C LYS A 55 7.91 0.19 34.02
N LEU A 56 8.44 0.23 32.81
CA LEU A 56 9.79 0.76 32.60
C LEU A 56 9.97 2.19 33.10
N ILE A 57 9.04 3.09 32.79
CA ILE A 57 9.24 4.49 33.17
C ILE A 57 9.12 4.71 34.68
N HIS A 58 8.46 3.80 35.38
CA HIS A 58 8.36 3.87 36.84
C HIS A 58 9.45 3.07 37.57
N GLU A 59 10.12 2.16 36.87
CA GLU A 59 11.13 1.30 37.49
C GLU A 59 12.57 1.73 37.26
N GLU A 60 12.87 2.23 36.07
CA GLU A 60 14.24 2.60 35.70
C GLU A 60 14.61 3.98 36.21
N ASP A 61 15.91 4.24 36.28
CA ASP A 61 16.47 5.58 36.45
C ASP A 61 15.78 6.49 35.42
N PHE A 62 15.87 6.05 34.17
CA PHE A 62 15.18 6.62 33.02
C PHE A 62 15.22 5.61 31.88
N VAL A 63 14.31 5.73 30.93
CA VAL A 63 14.28 4.89 29.76
C VAL A 63 14.79 5.71 28.57
N ASN A 64 15.88 5.29 27.93
CA ASN A 64 16.40 6.03 26.79
C ASN A 64 16.26 5.27 25.48
N ALA A 65 16.02 5.99 24.39
CA ALA A 65 15.71 5.40 23.06
C ALA A 65 16.42 6.11 21.90
N LEU A 66 16.40 5.45 20.76
CA LEU A 66 16.82 6.04 19.49
C LEU A 66 15.70 5.89 18.45
N GLY A 67 15.56 6.89 17.58
CA GLY A 67 14.58 6.82 16.49
C GLY A 67 14.93 5.84 15.39
N ALA A 68 14.08 4.82 15.21
CA ALA A 68 14.32 3.80 14.18
C ALA A 68 13.56 4.12 12.89
N LEU A 69 14.19 3.95 11.74
CA LEU A 69 13.48 4.15 10.47
C LEU A 69 13.18 2.83 9.74
N SER A 70 13.57 1.71 10.35
CA SER A 70 13.28 0.41 9.79
C SER A 70 13.23 -0.64 10.88
N GLY A 71 12.54 -1.74 10.59
CA GLY A 71 12.49 -2.87 11.51
C GLY A 71 13.88 -3.36 11.92
N ASN A 72 14.78 -3.53 10.94
CA ASN A 72 16.14 -3.97 11.19
C ASN A 72 16.82 -3.06 12.20
N GLN A 73 16.65 -1.74 12.06
CA GLN A 73 17.26 -0.82 13.01
C GLN A 73 16.71 -1.08 14.42
N ALA A 74 15.38 -1.17 14.52
CA ALA A 74 14.74 -1.51 15.79
C ALA A 74 15.31 -2.79 16.40
N MET A 75 15.53 -3.81 15.58
CA MET A 75 15.98 -5.10 16.08
C MET A 75 17.37 -4.96 16.69
N GLN A 76 18.27 -4.28 16.00
CA GLN A 76 19.63 -4.19 16.53
C GLN A 76 19.65 -3.36 17.79
N MET A 77 18.78 -2.35 17.90
CA MET A 77 18.66 -1.56 19.12
C MET A 77 18.30 -2.45 20.31
N VAL A 78 17.35 -3.35 20.10
CA VAL A 78 16.83 -4.18 21.15
C VAL A 78 17.85 -5.24 21.49
N ARG A 79 18.53 -5.75 20.47
CA ARG A 79 19.60 -6.70 20.66
C ARG A 79 20.70 -6.12 21.54
N ALA A 80 21.01 -4.84 21.34
CA ALA A 80 22.11 -4.19 22.04
C ALA A 80 21.73 -3.86 23.47
N GLY A 81 20.44 -3.99 23.79
CA GLY A 81 19.98 -3.89 25.16
C GLY A 81 19.11 -2.70 25.49
N LEU A 82 18.80 -1.88 24.49
CA LEU A 82 17.89 -0.77 24.68
C LEU A 82 16.50 -1.31 24.94
N LYS A 83 15.73 -0.58 25.73
CA LYS A 83 14.46 -1.10 26.25
C LYS A 83 13.25 -0.48 25.62
N ALA A 84 13.46 0.54 24.80
CA ALA A 84 12.38 1.20 24.09
C ALA A 84 12.81 1.63 22.69
N ILE A 85 11.85 1.83 21.81
CA ILE A 85 12.14 2.26 20.43
C ILE A 85 11.38 3.55 20.22
N TYR A 86 12.03 4.53 19.62
CA TYR A 86 11.36 5.79 19.30
C TYR A 86 11.08 5.79 17.80
N LEU A 87 9.96 6.35 17.41
CA LEU A 87 9.53 6.40 16.03
C LEU A 87 9.27 7.85 15.66
N SER A 88 10.22 8.40 14.92
CA SER A 88 10.28 9.79 14.54
C SER A 88 9.41 10.02 13.32
N GLY A 89 8.64 11.11 13.33
CA GLY A 89 7.86 11.52 12.16
C GLY A 89 8.76 12.17 11.12
N TRP A 90 9.78 12.84 11.61
CA TRP A 90 10.82 13.43 10.78
C TRP A 90 11.44 12.35 9.89
N GLN A 91 11.79 11.21 10.47
CA GLN A 91 12.40 10.10 9.70
C GLN A 91 11.42 9.41 8.75
N VAL A 92 10.17 9.30 9.18
CA VAL A 92 9.12 8.79 8.31
C VAL A 92 9.03 9.68 7.07
N ALA A 93 9.08 10.99 7.29
CA ALA A 93 9.09 11.94 6.17
C ALA A 93 10.32 11.77 5.25
N ALA A 94 11.47 11.42 5.83
CA ALA A 94 12.74 11.45 5.09
C ALA A 94 12.92 10.25 4.18
N ASP A 95 12.55 9.08 4.70
CA ASP A 95 12.92 7.82 4.06
C ASP A 95 12.03 6.61 4.37
N ALA A 96 10.82 6.80 4.90
CA ALA A 96 9.95 5.68 5.28
C ALA A 96 8.44 6.04 5.33
N ASN A 97 7.88 6.54 4.24
CA ASN A 97 6.47 6.92 4.25
C ASN A 97 5.68 6.30 3.09
N THR A 98 4.37 6.51 3.14
CA THR A 98 3.45 5.83 2.26
C THR A 98 3.17 6.58 0.98
N ALA A 99 3.88 7.69 0.76
CA ALA A 99 3.94 8.33 -0.56
C ALA A 99 5.21 7.96 -1.29
N SER A 100 6.08 7.18 -0.66
CA SER A 100 7.33 6.79 -1.31
C SER A 100 8.10 8.01 -1.87
N ALA A 101 8.28 9.02 -1.01
CA ALA A 101 9.02 10.23 -1.34
C ALA A 101 9.82 10.71 -0.14
N MET A 102 10.79 11.57 -0.42
CA MET A 102 11.56 12.21 0.64
C MET A 102 10.98 13.60 0.85
N TYR A 103 10.64 13.87 2.09
CA TYR A 103 10.04 15.13 2.46
C TYR A 103 10.73 15.75 3.69
N PRO A 104 10.62 17.07 3.81
CA PRO A 104 10.90 17.72 5.08
C PRO A 104 9.79 17.46 6.11
N ASP A 105 10.04 17.89 7.32
CA ASP A 105 9.23 17.48 8.44
C ASP A 105 8.07 18.44 8.61
N GLN A 106 7.10 18.35 7.70
CA GLN A 106 6.01 19.34 7.60
C GLN A 106 4.63 18.71 7.45
N SER A 107 4.46 17.51 8.01
CA SER A 107 3.21 16.75 7.87
C SER A 107 2.75 16.70 6.42
N LEU A 108 3.69 16.41 5.53
CA LEU A 108 3.43 16.35 4.10
C LEU A 108 2.99 14.95 3.61
N TYR A 109 3.39 13.93 4.35
CA TYR A 109 3.17 12.57 3.93
C TYR A 109 1.80 12.12 4.45
N PRO A 110 1.28 10.99 3.94
CA PRO A 110 -0.07 10.60 4.34
C PRO A 110 -0.16 10.07 5.78
N ALA A 111 -1.25 10.43 6.47
CA ALA A 111 -1.40 10.16 7.90
C ALA A 111 -1.20 8.69 8.35
N ASN A 112 -1.26 7.74 7.42
CA ASN A 112 -1.04 6.32 7.72
C ASN A 112 0.43 5.94 7.82
N ALA A 113 1.33 6.83 7.45
CA ALA A 113 2.74 6.44 7.32
C ALA A 113 3.32 5.96 8.62
N GLY A 114 3.13 6.74 9.67
CA GLY A 114 3.64 6.42 10.99
C GLY A 114 3.22 5.06 11.52
N PRO A 115 1.92 4.80 11.62
CA PRO A 115 1.43 3.47 12.00
C PRO A 115 1.97 2.34 11.10
N GLU A 116 2.09 2.58 9.80
CA GLU A 116 2.67 1.55 8.90
C GLU A 116 4.10 1.17 9.30
N LEU A 117 4.91 2.18 9.61
CA LEU A 117 6.24 1.91 10.13
C LEU A 117 6.16 1.17 11.47
N ALA A 118 5.23 1.56 12.34
CA ALA A 118 5.20 0.90 13.68
C ALA A 118 4.91 -0.57 13.52
N LYS A 119 4.04 -0.90 12.58
CA LYS A 119 3.74 -2.30 12.30
C LYS A 119 5.00 -3.00 11.77
N ARG A 120 5.73 -2.33 10.86
CA ARG A 120 6.91 -2.93 10.30
C ARG A 120 7.85 -3.33 11.43
N ILE A 121 8.03 -2.45 12.39
CA ILE A 121 8.99 -2.65 13.48
C ILE A 121 8.58 -3.82 14.36
N ASN A 122 7.32 -3.85 14.77
CA ASN A 122 6.80 -4.96 15.56
C ASN A 122 6.93 -6.32 14.86
N ARG A 123 6.77 -6.31 13.54
CA ARG A 123 6.83 -7.55 12.76
C ARG A 123 8.24 -8.12 12.69
N THR A 124 9.22 -7.23 12.53
CA THR A 124 10.59 -7.64 12.56
C THR A 124 10.96 -8.20 13.94
N LEU A 125 10.44 -7.57 15.00
CA LEU A 125 10.75 -8.01 16.36
C LEU A 125 10.09 -9.36 16.61
N GLN A 126 8.87 -9.54 16.10
CA GLN A 126 8.17 -10.81 16.16
C GLN A 126 9.01 -11.94 15.50
N ARG A 127 9.62 -11.62 14.36
CA ARG A 127 10.43 -12.62 13.67
C ARG A 127 11.68 -12.92 14.50
N ALA A 128 12.29 -11.89 15.07
CA ALA A 128 13.44 -12.08 15.92
C ALA A 128 13.06 -13.04 17.03
N ASP A 129 11.92 -12.79 17.63
CA ASP A 129 11.42 -13.65 18.69
C ASP A 129 11.15 -15.08 18.23
N GLN A 130 10.52 -15.23 17.09
CA GLN A 130 10.21 -16.56 16.60
C GLN A 130 11.49 -17.36 16.33
N ILE A 131 12.54 -16.66 15.87
CA ILE A 131 13.80 -17.29 15.58
C ILE A 131 14.38 -17.91 16.85
N GLU A 132 14.52 -17.11 17.89
CA GLU A 132 15.15 -17.57 19.14
C GLU A 132 14.31 -18.60 19.87
N THR A 133 12.99 -18.42 19.87
CA THR A 133 12.07 -19.40 20.43
C THR A 133 12.21 -20.76 19.73
N ALA A 134 12.37 -20.75 18.40
CA ALA A 134 12.59 -22.01 17.65
C ALA A 134 13.94 -22.68 17.94
N GLU A 135 14.96 -21.90 18.27
CA GLU A 135 16.29 -22.46 18.57
C GLU A 135 16.34 -23.14 19.94
N GLY A 136 15.40 -22.79 20.81
CA GLY A 136 15.13 -23.54 22.02
C GLY A 136 16.11 -23.31 23.16
N LYS A 137 16.94 -22.29 23.06
CA LYS A 137 17.91 -21.97 24.12
C LYS A 137 17.57 -20.67 24.88
N GLY A 138 16.32 -20.19 24.75
CA GLY A 138 15.90 -18.96 25.41
C GLY A 138 16.23 -17.71 24.61
N LEU A 139 15.73 -16.55 25.07
CA LEU A 139 15.94 -15.32 24.35
C LEU A 139 17.31 -14.73 24.72
N SER A 140 17.86 -13.92 23.82
CA SER A 140 19.10 -13.20 24.11
C SER A 140 18.83 -11.81 24.69
N VAL A 141 17.58 -11.53 25.02
CA VAL A 141 17.17 -10.21 25.50
C VAL A 141 16.03 -10.42 26.49
N ASP A 142 15.65 -9.38 27.20
CA ASP A 142 14.56 -9.46 28.16
C ASP A 142 13.26 -9.85 27.45
N THR A 143 13.00 -9.15 26.34
CA THR A 143 11.91 -9.40 25.43
C THR A 143 12.25 -8.73 24.10
N TRP A 144 11.76 -9.28 23.01
CA TRP A 144 11.92 -8.62 21.70
C TRP A 144 10.97 -7.43 21.51
N PHE A 145 9.86 -7.44 22.22
CA PHE A 145 8.82 -6.45 22.06
C PHE A 145 9.04 -5.24 22.98
N ALA A 146 10.13 -4.54 22.75
CA ALA A 146 10.39 -3.29 23.41
C ALA A 146 9.28 -2.35 22.99
N PRO A 147 8.83 -1.52 23.91
CA PRO A 147 7.80 -0.57 23.58
C PRO A 147 8.23 0.51 22.55
N ILE A 148 7.34 0.79 21.63
CA ILE A 148 7.53 1.86 20.64
C ILE A 148 6.78 3.11 21.12
N VAL A 149 7.47 4.25 21.20
CA VAL A 149 6.83 5.55 21.43
C VAL A 149 6.90 6.27 20.09
N ALA A 150 5.75 6.66 19.55
CA ALA A 150 5.65 7.16 18.16
C ALA A 150 5.06 8.55 18.03
N ASP A 151 5.50 9.21 16.97
CA ASP A 151 5.14 10.58 16.63
C ASP A 151 3.81 10.63 15.84
N ALA A 152 2.78 11.24 16.42
CA ALA A 152 1.54 11.53 15.70
C ALA A 152 1.50 12.99 15.24
N GLU A 153 2.66 13.64 15.33
CA GLU A 153 2.80 15.04 14.91
C GLU A 153 1.71 15.93 15.53
N ALA A 154 0.90 16.59 14.70
CA ALA A 154 -0.13 17.51 15.20
C ALA A 154 -1.52 16.88 15.10
N GLY A 155 -1.58 15.56 14.91
CA GLY A 155 -2.84 14.85 14.76
C GLY A 155 -3.39 14.81 13.36
N PHE A 156 -2.68 15.43 12.42
CA PHE A 156 -3.09 15.54 11.02
C PHE A 156 -4.46 16.22 10.86
N GLY A 157 -4.70 17.21 11.71
CA GLY A 157 -5.89 18.01 11.60
C GLY A 157 -6.57 18.18 12.94
N GLY A 158 -7.86 17.93 12.95
CA GLY A 158 -8.68 18.18 14.12
C GLY A 158 -8.76 16.97 15.01
N PRO A 159 -9.64 17.02 16.03
CA PRO A 159 -9.70 15.95 17.01
C PRO A 159 -9.93 14.58 16.40
N LEU A 160 -10.85 14.51 15.45
CA LEU A 160 -11.16 13.27 14.74
C LEU A 160 -9.95 12.71 13.99
N ASP A 161 -9.10 13.58 13.45
CA ASP A 161 -7.88 13.09 12.80
C ASP A 161 -6.93 12.55 13.88
N ALA A 162 -6.87 13.23 15.01
CA ALA A 162 -6.13 12.73 16.17
C ALA A 162 -6.67 11.36 16.61
N PHE A 163 -7.99 11.26 16.70
CA PHE A 163 -8.71 10.03 17.05
C PHE A 163 -8.30 8.91 16.12
N GLU A 164 -8.32 9.17 14.83
CA GLU A 164 -8.01 8.12 13.86
C GLU A 164 -6.56 7.66 13.89
N ILE A 165 -5.62 8.59 14.05
CA ILE A 165 -4.21 8.19 14.04
C ILE A 165 -3.87 7.48 15.34
N MET A 166 -4.49 7.86 16.44
CA MET A 166 -4.31 7.12 17.69
C MET A 166 -4.76 5.66 17.55
N LYS A 167 -5.97 5.44 17.03
CA LYS A 167 -6.46 4.09 16.74
C LYS A 167 -5.48 3.31 15.86
N ALA A 168 -4.98 3.96 14.82
CA ALA A 168 -4.10 3.30 13.86
C ALA A 168 -2.81 2.83 14.54
N TYR A 169 -2.26 3.69 15.38
CA TYR A 169 -1.09 3.34 16.14
C TYR A 169 -1.31 2.16 17.09
N ILE A 170 -2.48 2.11 17.70
CA ILE A 170 -2.78 1.04 18.61
C ILE A 170 -2.86 -0.27 17.83
N GLU A 171 -3.58 -0.25 16.73
CA GLU A 171 -3.65 -1.44 15.89
C GLU A 171 -2.29 -1.91 15.46
N ALA A 172 -1.38 -0.97 15.22
CA ALA A 172 -0.03 -1.31 14.75
C ALA A 172 0.83 -1.81 15.91
N GLY A 173 0.36 -1.63 17.14
CA GLY A 173 1.04 -2.16 18.33
C GLY A 173 1.99 -1.19 19.02
N ALA A 174 1.77 0.11 18.83
CA ALA A 174 2.56 1.14 19.52
C ALA A 174 2.18 1.23 20.99
N ALA A 175 3.16 1.57 21.81
CA ALA A 175 3.00 1.62 23.28
C ALA A 175 2.58 3.01 23.74
N GLY A 176 3.10 4.03 23.05
CA GLY A 176 2.85 5.42 23.42
C GLY A 176 2.87 6.29 22.18
N VAL A 177 2.17 7.42 22.25
CA VAL A 177 2.01 8.28 21.10
C VAL A 177 2.06 9.73 21.53
N HIS A 178 2.77 10.56 20.75
CA HIS A 178 2.90 11.94 21.11
C HIS A 178 2.23 12.89 20.13
N PHE A 179 1.63 13.94 20.70
CA PHE A 179 0.90 14.95 19.95
C PHE A 179 1.38 16.32 20.37
N GLU A 180 1.55 17.21 19.40
CA GLU A 180 2.13 18.51 19.66
C GLU A 180 1.13 19.63 19.35
N ASP A 181 1.30 20.78 19.98
CA ASP A 181 0.34 21.87 19.85
C ASP A 181 0.66 22.82 18.68
N GLN A 182 1.07 22.27 17.54
CA GLN A 182 1.23 23.04 16.30
C GLN A 182 0.01 22.94 15.36
N LEU A 183 -0.07 23.86 14.40
CA LEU A 183 -1.10 23.81 13.38
C LEU A 183 -0.67 22.77 12.34
N ALA A 184 -1.48 21.73 12.16
CA ALA A 184 -1.14 20.60 11.29
C ALA A 184 -0.85 21.08 9.87
N SER A 185 -1.68 22.00 9.36
CA SER A 185 -1.55 22.49 7.98
C SER A 185 -0.24 23.22 7.72
N GLU A 186 0.41 23.69 8.79
CA GLU A 186 1.69 24.42 8.72
C GLU A 186 2.75 23.82 9.64
N LYS A 187 2.53 22.56 10.07
CA LYS A 187 3.47 21.83 10.93
C LYS A 187 4.95 21.94 10.49
N LYS A 188 5.85 22.06 11.47
CA LYS A 188 7.29 22.05 11.22
C LYS A 188 7.99 21.14 12.18
N CYS A 189 9.21 20.80 11.84
CA CYS A 189 10.14 20.26 12.81
C CYS A 189 10.21 21.26 13.96
N GLY A 190 10.25 20.75 15.18
CA GLY A 190 10.37 21.61 16.36
C GLY A 190 11.52 22.61 16.32
N HIS A 191 12.62 22.24 15.66
CA HIS A 191 13.82 23.08 15.62
C HIS A 191 13.98 23.91 14.34
N LEU A 192 12.90 23.96 13.54
CA LEU A 192 12.75 24.89 12.42
C LEU A 192 11.97 26.13 12.87
N GLY A 193 12.19 27.24 12.19
CA GLY A 193 11.41 28.47 12.42
C GLY A 193 10.06 28.43 11.73
N GLY A 194 9.22 29.42 12.02
CA GLY A 194 7.92 29.57 11.37
C GLY A 194 6.81 28.71 11.93
N LYS A 195 6.95 28.25 13.18
CA LYS A 195 5.99 27.33 13.79
C LYS A 195 4.76 28.09 14.20
N VAL A 196 3.58 27.48 14.09
CA VAL A 196 2.35 28.17 14.50
C VAL A 196 1.61 27.35 15.55
N LEU A 197 1.36 27.95 16.71
CA LEU A 197 0.68 27.25 17.79
C LEU A 197 -0.82 27.25 17.59
N ILE A 198 -1.48 26.21 18.10
CA ILE A 198 -2.94 26.22 18.27
C ILE A 198 -3.27 26.60 19.73
N PRO A 199 -4.51 27.04 19.98
CA PRO A 199 -4.90 27.41 21.33
C PRO A 199 -4.73 26.28 22.30
N THR A 200 -4.45 26.62 23.56
CA THR A 200 -4.30 25.61 24.59
C THR A 200 -5.48 24.62 24.61
N ALA A 201 -6.70 25.15 24.51
CA ALA A 201 -7.89 24.30 24.51
C ALA A 201 -7.95 23.38 23.28
N ALA A 202 -7.59 23.92 22.11
CA ALA A 202 -7.63 23.11 20.90
C ALA A 202 -6.70 21.89 21.04
N HIS A 203 -5.56 22.05 21.70
CA HIS A 203 -4.68 20.90 21.92
C HIS A 203 -5.17 19.93 22.99
N ILE A 204 -5.82 20.46 24.03
CA ILE A 204 -6.46 19.62 25.02
C ILE A 204 -7.50 18.72 24.34
N ARG A 205 -8.19 19.21 23.32
CA ARG A 205 -9.17 18.42 22.56
C ARG A 205 -8.54 17.26 21.77
N ASN A 206 -7.39 17.52 21.16
CA ASN A 206 -6.66 16.46 20.48
C ASN A 206 -6.19 15.38 21.48
N LEU A 207 -5.63 15.81 22.60
CA LEU A 207 -5.20 14.86 23.63
C LEU A 207 -6.37 13.99 24.13
N ASN A 208 -7.51 14.65 24.31
CA ASN A 208 -8.72 13.97 24.73
C ASN A 208 -9.26 13.04 23.68
N ALA A 209 -9.14 13.43 22.41
CA ALA A 209 -9.42 12.55 21.31
C ALA A 209 -8.51 11.33 21.37
N ALA A 210 -7.22 11.55 21.62
CA ALA A 210 -6.30 10.40 21.73
C ALA A 210 -6.75 9.46 22.84
N ARG A 211 -7.14 10.02 23.97
CA ARG A 211 -7.57 9.23 25.13
C ARG A 211 -8.84 8.47 24.84
N LEU A 212 -9.76 9.11 24.12
CA LEU A 212 -11.01 8.44 23.73
C LEU A 212 -10.74 7.28 22.80
N ALA A 213 -9.79 7.44 21.88
CA ALA A 213 -9.37 6.35 21.00
C ALA A 213 -8.86 5.18 21.81
N ALA A 214 -7.96 5.46 22.74
CA ALA A 214 -7.39 4.41 23.59
C ALA A 214 -8.49 3.66 24.37
N ASP A 215 -9.38 4.41 25.02
CA ASP A 215 -10.46 3.81 25.82
C ASP A 215 -11.36 2.94 24.95
N VAL A 216 -11.64 3.45 23.77
CA VAL A 216 -12.50 2.77 22.81
C VAL A 216 -11.85 1.51 22.24
N MET A 217 -10.53 1.53 22.06
CA MET A 217 -9.76 0.35 21.69
C MET A 217 -9.55 -0.59 22.88
N GLY A 218 -9.74 -0.09 24.10
CA GLY A 218 -9.58 -0.90 25.29
C GLY A 218 -8.15 -1.11 25.72
N THR A 219 -7.26 -0.21 25.33
CA THR A 219 -5.83 -0.34 25.64
C THR A 219 -5.37 0.83 26.50
N PRO A 220 -4.38 0.59 27.39
CA PRO A 220 -3.87 1.65 28.25
C PRO A 220 -2.69 2.38 27.63
N THR A 221 -2.83 2.66 26.33
CA THR A 221 -1.81 3.34 25.51
C THR A 221 -1.41 4.67 26.16
N LEU A 222 -0.11 4.97 26.18
CA LEU A 222 0.36 6.20 26.80
C LEU A 222 0.26 7.37 25.85
N ILE A 223 -0.03 8.54 26.41
CA ILE A 223 -0.12 9.75 25.66
C ILE A 223 0.96 10.70 26.16
N VAL A 224 1.73 11.23 25.21
CA VAL A 224 2.72 12.24 25.50
C VAL A 224 2.28 13.55 24.83
N ALA A 225 2.13 14.58 25.65
CA ALA A 225 1.81 15.93 25.18
C ALA A 225 3.11 16.71 24.98
N ARG A 226 3.25 17.33 23.82
CA ARG A 226 4.41 18.14 23.50
C ARG A 226 3.96 19.58 23.27
N THR A 227 4.71 20.55 23.77
CA THR A 227 4.49 21.95 23.42
C THR A 227 5.66 22.45 22.61
N ASP A 228 5.34 23.19 21.55
CA ASP A 228 6.34 23.84 20.69
C ASP A 228 6.44 25.35 20.96
N ALA A 229 6.01 25.78 22.15
CA ALA A 229 5.93 27.20 22.50
C ALA A 229 7.28 27.86 22.82
N GLU A 230 8.33 27.09 23.11
CA GLU A 230 9.60 27.71 23.39
C GLU A 230 10.06 28.59 22.23
N ALA A 231 9.86 28.08 21.01
CA ALA A 231 10.33 28.76 19.79
C ALA A 231 9.23 29.44 19.00
N ALA A 232 8.01 28.93 19.10
CA ALA A 232 6.89 29.43 18.27
C ALA A 232 6.52 30.87 18.60
N LYS A 233 6.45 31.72 17.57
CA LYS A 233 6.06 33.13 17.71
C LYS A 233 4.68 33.44 17.12
N LEU A 234 4.02 32.44 16.54
CA LEU A 234 2.70 32.64 15.96
C LEU A 234 1.68 31.72 16.61
N LEU A 235 0.42 32.14 16.59
CA LEU A 235 -0.69 31.43 17.24
C LEU A 235 -1.92 31.67 16.36
N THR A 236 -2.71 30.63 16.12
CA THR A 236 -3.83 30.73 15.19
C THR A 236 -4.96 31.62 15.71
N SER A 237 -5.26 31.52 17.00
CA SER A 237 -6.35 32.28 17.59
C SER A 237 -6.09 32.57 19.06
N ASP A 238 -6.55 33.74 19.52
CA ASP A 238 -6.43 34.13 20.91
C ASP A 238 -7.71 33.82 21.68
N ILE A 239 -8.53 32.91 21.16
CA ILE A 239 -9.82 32.63 21.79
C ILE A 239 -9.69 32.13 23.24
N ASP A 240 -8.54 31.56 23.58
CA ASP A 240 -8.33 30.96 24.91
C ASP A 240 -7.67 31.97 25.86
N GLU A 241 -8.34 32.29 26.96
CA GLU A 241 -7.80 33.24 27.93
C GLU A 241 -6.43 32.86 28.47
N ARG A 242 -6.12 31.56 28.48
CA ARG A 242 -4.80 31.10 28.95
C ARG A 242 -3.66 31.51 28.02
N ASP A 243 -3.97 31.70 26.75
CA ASP A 243 -2.96 32.12 25.78
C ASP A 243 -2.81 33.64 25.66
N GLN A 244 -3.91 34.37 25.91
CA GLN A 244 -3.99 35.80 25.69
C GLN A 244 -2.89 36.62 26.33
N PRO A 245 -2.34 36.17 27.48
CA PRO A 245 -1.28 36.97 28.11
C PRO A 245 0.02 37.03 27.34
N PHE A 246 0.22 36.07 26.45
CA PHE A 246 1.44 36.01 25.70
C PHE A 246 1.24 36.62 24.32
N VAL A 247 0.04 37.14 24.05
CA VAL A 247 -0.25 37.70 22.74
C VAL A 247 0.18 39.17 22.64
N ASP A 248 1.02 39.46 21.65
CA ASP A 248 1.46 40.82 21.35
C ASP A 248 0.40 41.51 20.47
N TYR A 249 -0.55 42.18 21.11
CA TYR A 249 -1.64 42.83 20.40
C TYR A 249 -1.18 44.04 19.60
N GLU A 250 -0.24 44.80 20.16
CA GLU A 250 0.31 45.94 19.45
C GLU A 250 0.82 45.51 18.07
N ALA A 251 1.48 44.36 17.99
CA ALA A 251 2.05 43.91 16.72
C ALA A 251 0.99 43.54 15.66
N GLY A 252 -0.21 43.20 16.08
CA GLY A 252 -1.27 42.86 15.14
C GLY A 252 -1.13 41.48 14.52
N ARG A 253 -2.04 41.17 13.60
CA ARG A 253 -2.07 39.87 12.96
C ARG A 253 -1.23 39.88 11.68
N THR A 254 -0.77 38.69 11.30
CA THR A 254 -0.08 38.49 10.04
C THR A 254 -1.11 38.39 8.90
N ALA A 255 -0.62 38.41 7.68
CA ALA A 255 -1.48 38.36 6.51
C ALA A 255 -2.33 37.10 6.50
N GLU A 256 -1.79 36.02 7.06
CA GLU A 256 -2.53 34.77 7.19
C GLU A 256 -3.60 34.82 8.27
N GLY A 257 -3.59 35.86 9.11
CA GLY A 257 -4.55 36.00 10.22
C GLY A 257 -4.04 35.50 11.57
N PHE A 258 -2.75 35.19 11.66
CA PHE A 258 -2.19 34.62 12.88
C PHE A 258 -1.86 35.69 13.89
N TYR A 259 -2.04 35.36 15.17
CA TYR A 259 -1.61 36.22 16.25
C TYR A 259 -0.11 36.07 16.50
N GLN A 260 0.51 37.13 17.01
CA GLN A 260 1.95 37.12 17.33
C GLN A 260 2.11 36.97 18.84
N VAL A 261 2.95 36.03 19.26
CA VAL A 261 3.12 35.75 20.68
C VAL A 261 4.55 35.83 21.19
N LYS A 262 4.66 36.10 22.49
CA LYS A 262 5.91 36.02 23.22
C LYS A 262 6.24 34.55 23.48
N ASN A 263 7.35 34.07 22.94
CA ASN A 263 7.72 32.67 23.09
C ASN A 263 8.58 32.49 24.34
N GLY A 264 8.96 31.25 24.64
CA GLY A 264 9.92 30.97 25.71
C GLY A 264 9.39 30.00 26.75
N ILE A 265 10.14 29.85 27.83
CA ILE A 265 9.81 28.88 28.86
C ILE A 265 8.45 29.17 29.51
N GLU A 266 8.07 30.44 29.68
CA GLU A 266 6.79 30.77 30.35
C GLU A 266 5.52 30.18 29.70
N PRO A 267 5.31 30.38 28.38
CA PRO A 267 4.18 29.70 27.77
C PRO A 267 4.29 28.18 27.78
N CYS A 268 5.52 27.65 27.70
CA CYS A 268 5.72 26.20 27.83
C CYS A 268 5.25 25.70 29.19
N ILE A 269 5.55 26.44 30.25
CA ILE A 269 5.09 26.07 31.60
C ILE A 269 3.57 26.11 31.70
N ALA A 270 3.00 27.23 31.29
CA ALA A 270 1.55 27.41 31.37
C ALA A 270 0.82 26.31 30.58
N ARG A 271 1.25 26.08 29.34
CA ARG A 271 0.64 25.04 28.53
C ARG A 271 0.86 23.66 29.12
N ALA A 272 2.07 23.36 29.54
CA ALA A 272 2.39 22.08 30.16
C ALA A 272 1.49 21.79 31.35
N ILE A 273 1.27 22.81 32.18
CA ILE A 273 0.44 22.64 33.38
C ILE A 273 -1.02 22.43 32.98
N ALA A 274 -1.45 23.12 31.93
CA ALA A 274 -2.82 22.98 31.43
C ALA A 274 -3.00 21.62 30.72
N TYR A 275 -1.96 21.12 30.07
CA TYR A 275 -2.07 19.82 29.42
C TYR A 275 -1.92 18.63 30.39
N ALA A 276 -1.26 18.85 31.54
CA ALA A 276 -0.91 17.73 32.45
C ALA A 276 -2.00 16.68 32.75
N PRO A 277 -3.24 17.10 33.05
CA PRO A 277 -4.27 16.12 33.39
C PRO A 277 -4.73 15.26 32.24
N TYR A 278 -4.35 15.61 31.01
CA TYR A 278 -4.87 14.95 29.81
C TYR A 278 -3.80 14.16 29.08
N CYS A 279 -2.66 13.93 29.75
CA CYS A 279 -1.59 13.13 29.20
C CYS A 279 -0.82 12.37 30.25
N ASP A 280 0.04 11.46 29.80
CA ASP A 280 0.83 10.64 30.72
C ASP A 280 2.27 11.14 30.88
N LEU A 281 2.81 11.76 29.84
CA LEU A 281 4.07 12.47 29.94
C LEU A 281 3.97 13.82 29.24
N ILE A 282 4.73 14.79 29.72
CA ILE A 282 4.80 16.12 29.12
C ILE A 282 6.19 16.34 28.56
N TRP A 283 6.25 17.06 27.45
CA TRP A 283 7.48 17.27 26.72
C TRP A 283 7.50 18.70 26.18
N MET A 284 8.57 19.42 26.50
CA MET A 284 8.84 20.74 25.95
C MET A 284 9.96 20.67 24.94
N GLU A 285 9.70 20.98 23.68
CA GLU A 285 10.80 21.16 22.72
C GLU A 285 11.69 22.32 23.16
N THR A 286 13.01 22.17 22.98
CA THR A 286 13.98 23.23 23.33
C THR A 286 14.95 23.51 22.19
N SER A 287 15.50 24.73 22.18
CA SER A 287 16.52 25.20 21.18
C SER A 287 17.95 24.65 21.40
N LYS A 288 18.23 24.28 22.66
CA LYS A 288 19.57 23.90 23.07
C LYS A 288 19.46 22.82 24.14
N PRO A 289 20.49 21.97 24.24
CA PRO A 289 20.50 21.02 25.32
C PRO A 289 20.97 21.76 26.56
N ASP A 290 20.03 22.20 27.38
CA ASP A 290 20.33 23.03 28.54
C ASP A 290 19.70 22.43 29.78
N LEU A 291 20.53 21.89 30.65
CA LEU A 291 20.04 21.21 31.85
C LEU A 291 19.32 22.16 32.80
N ALA A 292 19.84 23.39 32.91
CA ALA A 292 19.24 24.38 33.79
C ALA A 292 17.85 24.73 33.31
N GLN A 293 17.67 24.88 32.00
CA GLN A 293 16.34 25.15 31.47
C GLN A 293 15.45 23.95 31.78
N ALA A 294 15.99 22.76 31.55
CA ALA A 294 15.27 21.52 31.82
C ALA A 294 14.84 21.44 33.28
N ARG A 295 15.73 21.80 34.20
CA ARG A 295 15.43 21.84 35.64
C ARG A 295 14.34 22.86 35.96
N ARG A 296 14.48 24.06 35.40
CA ARG A 296 13.52 25.11 35.59
C ARG A 296 12.10 24.70 35.16
N PHE A 297 12.00 24.06 33.99
CA PHE A 297 10.72 23.55 33.48
C PHE A 297 10.17 22.43 34.38
N ALA A 298 11.03 21.47 34.72
CA ALA A 298 10.65 20.34 35.57
C ALA A 298 10.12 20.82 36.92
N GLU A 299 10.82 21.78 37.52
CA GLU A 299 10.42 22.34 38.82
C GLU A 299 9.05 23.02 38.77
N ALA A 300 8.81 23.84 37.75
CA ALA A 300 7.52 24.56 37.66
C ALA A 300 6.36 23.60 37.40
N VAL A 301 6.57 22.60 36.54
CA VAL A 301 5.53 21.62 36.27
C VAL A 301 5.21 20.91 37.58
N HIS A 302 6.25 20.49 38.29
CA HIS A 302 6.10 19.70 39.53
C HIS A 302 5.55 20.46 40.73
N LYS A 303 5.62 21.80 40.74
CA LYS A 303 4.91 22.57 41.80
C LYS A 303 3.39 22.41 41.63
N ALA A 304 2.95 22.36 40.37
CA ALA A 304 1.53 22.21 40.06
C ALA A 304 1.10 20.75 40.09
N HIS A 305 1.97 19.87 39.59
CA HIS A 305 1.68 18.45 39.49
C HIS A 305 2.89 17.63 39.96
N PRO A 306 3.03 17.42 41.28
CA PRO A 306 4.15 16.67 41.81
C PRO A 306 4.24 15.32 41.16
N GLY A 307 5.46 14.88 40.85
CA GLY A 307 5.67 13.54 40.32
C GLY A 307 5.28 13.28 38.85
N LYS A 308 4.89 14.33 38.13
CA LYS A 308 4.52 14.16 36.72
C LYS A 308 5.74 13.73 35.93
N LEU A 309 5.56 12.68 35.14
CA LEU A 309 6.63 12.15 34.31
C LEU A 309 6.83 13.03 33.06
N LEU A 310 8.09 13.22 32.68
CA LEU A 310 8.43 14.15 31.61
C LEU A 310 9.20 13.37 30.56
N ALA A 311 9.32 13.95 29.37
CA ALA A 311 10.12 13.37 28.29
C ALA A 311 11.03 14.46 27.75
N TYR A 312 12.18 14.08 27.19
CA TYR A 312 13.10 15.07 26.68
C TYR A 312 13.70 14.65 25.36
N ASN A 313 13.68 15.54 24.37
CA ASN A 313 14.31 15.26 23.07
C ASN A 313 15.77 15.61 23.05
N CYS A 314 16.62 14.59 23.09
CA CYS A 314 18.06 14.73 22.85
C CYS A 314 18.35 14.85 21.34
N SER A 315 18.12 16.04 20.81
CA SER A 315 18.04 16.26 19.37
C SER A 315 19.39 16.33 18.65
N PRO A 316 19.52 15.64 17.50
CA PRO A 316 20.63 15.83 16.60
C PRO A 316 20.59 17.15 15.87
N SER A 317 19.45 17.86 15.95
CA SER A 317 19.39 19.26 15.51
C SER A 317 20.29 20.17 16.36
N PHE A 318 20.82 19.63 17.47
CA PHE A 318 21.80 20.34 18.29
C PHE A 318 23.21 19.91 17.92
N ASN A 319 24.17 20.85 17.93
CA ASN A 319 25.60 20.56 17.84
C ASN A 319 26.07 20.38 19.26
N TRP A 320 26.39 19.15 19.63
CA TRP A 320 26.59 18.81 21.03
C TRP A 320 27.89 19.35 21.60
N LYS A 321 29.02 19.09 20.95
CA LYS A 321 30.33 19.51 21.47
C LYS A 321 30.57 21.02 21.36
N LYS A 322 29.81 21.70 20.51
CA LYS A 322 29.79 23.16 20.51
C LYS A 322 29.08 23.68 21.76
N ASN A 323 27.92 23.13 22.08
CA ASN A 323 27.09 23.62 23.19
C ASN A 323 27.55 23.19 24.60
N LEU A 324 28.14 22.01 24.71
CA LEU A 324 28.47 21.43 26.01
C LEU A 324 29.86 20.83 25.98
N ASP A 325 30.48 20.74 27.16
CA ASP A 325 31.76 20.04 27.29
C ASP A 325 31.58 18.54 27.51
N ASP A 326 32.65 17.77 27.33
CA ASP A 326 32.61 16.30 27.35
C ASP A 326 31.96 15.69 28.60
N ALA A 327 32.25 16.26 29.77
CA ALA A 327 31.74 15.74 31.03
C ALA A 327 30.22 15.95 31.20
N THR A 328 29.72 17.09 30.71
CA THR A 328 28.29 17.39 30.76
C THR A 328 27.55 16.47 29.77
N ILE A 329 28.14 16.25 28.60
CA ILE A 329 27.58 15.30 27.62
C ILE A 329 27.42 13.90 28.24
N ALA A 330 28.49 13.43 28.85
CA ALA A 330 28.49 12.16 29.56
C ALA A 330 27.36 12.05 30.58
N LYS A 331 27.15 13.11 31.36
CA LYS A 331 26.22 13.03 32.49
C LYS A 331 24.79 13.45 32.13
N PHE A 332 24.60 13.90 30.90
CA PHE A 332 23.38 14.62 30.48
C PHE A 332 22.09 13.88 30.76
N GLN A 333 21.96 12.68 30.19
CA GLN A 333 20.72 11.91 30.34
C GLN A 333 20.49 11.52 31.79
N ARG A 334 21.58 11.21 32.48
CA ARG A 334 21.52 10.81 33.88
C ARG A 334 20.94 11.96 34.73
N GLU A 335 21.36 13.18 34.46
CA GLU A 335 20.93 14.34 35.21
C GLU A 335 19.48 14.65 34.93
N LEU A 336 19.10 14.58 33.67
CA LEU A 336 17.71 14.74 33.26
C LEU A 336 16.81 13.70 33.93
N GLY A 337 17.31 12.46 34.02
CA GLY A 337 16.58 11.39 34.67
C GLY A 337 16.20 11.73 36.09
N ALA A 338 17.17 12.24 36.86
CA ALA A 338 16.94 12.64 38.27
C ALA A 338 15.94 13.79 38.40
N MET A 339 15.76 14.58 37.33
CA MET A 339 14.79 15.69 37.35
C MET A 339 13.36 15.23 37.05
N GLY A 340 13.20 13.97 36.61
CA GLY A 340 11.89 13.44 36.24
C GLY A 340 11.70 13.15 34.75
N TYR A 341 12.73 13.37 33.93
CA TYR A 341 12.64 13.05 32.51
C TYR A 341 12.93 11.56 32.31
N LYS A 342 11.86 10.76 32.38
CA LYS A 342 11.96 9.32 32.38
C LYS A 342 11.88 8.69 31.00
N PHE A 343 11.58 9.47 29.97
CA PHE A 343 11.71 9.01 28.60
C PHE A 343 12.55 9.99 27.80
N GLN A 344 13.69 9.53 27.35
CA GLN A 344 14.62 10.36 26.62
C GLN A 344 14.96 9.70 25.30
N PHE A 345 15.08 10.50 24.25
CA PHE A 345 15.22 9.94 22.92
C PHE A 345 16.01 10.84 21.97
N ILE A 346 16.87 10.20 21.17
CA ILE A 346 17.56 10.88 20.07
C ILE A 346 16.70 10.65 18.85
N THR A 347 15.85 11.62 18.56
CA THR A 347 14.89 11.52 17.48
C THR A 347 15.49 10.99 16.16
N LEU A 348 16.54 11.63 15.66
CA LEU A 348 17.03 11.37 14.31
C LEU A 348 18.27 10.47 14.24
N ALA A 349 18.47 9.62 15.24
CA ALA A 349 19.65 8.79 15.27
C ALA A 349 19.70 7.88 14.05
N GLY A 350 18.57 7.26 13.72
CA GLY A 350 18.50 6.31 12.63
C GLY A 350 18.87 6.90 11.27
N PHE A 351 18.39 8.11 11.04
CA PHE A 351 18.71 8.82 9.81
C PHE A 351 20.21 9.13 9.73
N HIS A 352 20.77 9.66 10.82
CA HIS A 352 22.20 9.99 10.81
C HIS A 352 23.07 8.74 10.67
N GLN A 353 22.75 7.68 11.42
CA GLN A 353 23.56 6.47 11.37
C GLN A 353 23.50 5.87 9.96
N LEU A 354 22.31 5.78 9.40
CA LEU A 354 22.12 5.14 8.08
C LEU A 354 22.88 5.91 7.00
N ASN A 355 22.71 7.24 7.02
CA ASN A 355 23.28 8.10 5.99
C ASN A 355 24.80 8.29 6.06
N TYR A 356 25.36 8.42 7.26
CA TYR A 356 26.82 8.51 7.43
C TYR A 356 27.47 7.20 7.06
N GLY A 357 26.93 6.13 7.61
CA GLY A 357 27.51 4.82 7.42
C GLY A 357 27.62 4.49 5.95
N MET A 358 26.52 4.70 5.22
CA MET A 358 26.52 4.31 3.81
C MET A 358 27.42 5.26 3.02
N PHE A 359 27.40 6.55 3.35
CA PHE A 359 28.29 7.49 2.69
C PHE A 359 29.72 7.03 2.85
N GLU A 360 30.10 6.68 4.07
CA GLU A 360 31.48 6.28 4.35
C GLU A 360 31.86 4.97 3.68
N LEU A 361 30.92 4.04 3.58
CA LEU A 361 31.17 2.77 2.86
C LEU A 361 31.26 2.99 1.34
N ALA A 362 30.37 3.81 0.79
CA ALA A 362 30.33 4.02 -0.67
C ALA A 362 31.60 4.76 -1.12
N ARG A 363 32.06 5.67 -0.28
CA ARG A 363 33.27 6.43 -0.55
C ARG A 363 34.47 5.52 -0.59
N GLY A 364 34.60 4.67 0.43
CA GLY A 364 35.67 3.68 0.49
C GLY A 364 35.61 2.66 -0.64
N TYR A 365 34.39 2.28 -1.03
CA TYR A 365 34.17 1.32 -2.09
C TYR A 365 34.64 1.89 -3.42
N LYS A 366 34.27 3.13 -3.69
CA LYS A 366 34.79 3.85 -4.86
C LYS A 366 36.33 3.91 -4.90
N ASP A 367 36.95 4.12 -3.75
CA ASP A 367 38.40 4.31 -3.67
C ASP A 367 39.14 2.96 -3.82
N ARG A 368 38.72 1.96 -3.06
CA ARG A 368 39.45 0.69 -2.93
C ARG A 368 38.58 -0.55 -3.14
N GLN A 369 37.37 -0.37 -3.66
CA GLN A 369 36.46 -1.49 -3.93
C GLN A 369 36.38 -2.51 -2.79
N MET A 370 36.74 -3.77 -3.05
CA MET A 370 36.45 -4.83 -2.08
C MET A 370 37.17 -4.73 -0.75
N ALA A 371 38.31 -4.06 -0.71
CA ALA A 371 39.02 -3.82 0.55
C ALA A 371 38.13 -3.05 1.52
N ALA A 372 37.40 -2.07 0.98
CA ALA A 372 36.47 -1.27 1.77
C ALA A 372 35.39 -2.14 2.37
N TYR A 373 34.86 -3.08 1.60
CA TYR A 373 33.83 -3.97 2.13
C TYR A 373 34.38 -4.98 3.14
N SER A 374 35.59 -5.48 2.92
CA SER A 374 36.18 -6.45 3.85
C SER A 374 36.37 -5.85 5.22
N GLU A 375 36.76 -4.59 5.28
CA GLU A 375 36.88 -3.90 6.55
C GLU A 375 35.55 -3.87 7.33
N LEU A 376 34.44 -3.61 6.65
CA LEU A 376 33.15 -3.65 7.33
C LEU A 376 32.89 -5.06 7.87
N GLN A 377 33.02 -6.04 6.99
CA GLN A 377 32.85 -7.43 7.40
C GLN A 377 33.73 -7.82 8.59
N GLN A 378 35.02 -7.44 8.56
CA GLN A 378 35.90 -7.75 9.69
C GLN A 378 35.44 -7.03 10.96
N ALA A 379 34.98 -5.78 10.82
CA ALA A 379 34.44 -5.05 11.97
C ALA A 379 33.21 -5.78 12.51
N GLU A 380 32.38 -6.28 11.62
CA GLU A 380 31.24 -7.11 12.02
C GLU A 380 31.71 -8.32 12.83
N PHE A 381 32.67 -9.06 12.29
CA PHE A 381 33.22 -10.22 12.99
C PHE A 381 33.74 -9.88 14.38
N ALA A 382 34.45 -8.76 14.51
CA ALA A 382 34.96 -8.35 15.83
C ALA A 382 33.84 -7.96 16.78
N ALA A 383 32.70 -7.54 16.24
CA ALA A 383 31.56 -7.13 17.08
C ALA A 383 30.76 -8.29 17.65
N GLU A 384 31.07 -9.53 17.26
CA GLU A 384 30.29 -10.68 17.76
C GLU A 384 30.55 -10.98 19.25
N ALA A 385 31.77 -10.76 19.72
CA ALA A 385 32.07 -10.88 21.15
C ALA A 385 31.14 -10.00 22.00
N ASP A 386 30.66 -8.91 21.40
CA ASP A 386 29.79 -7.95 22.06
C ASP A 386 28.30 -8.20 21.84
N GLY A 387 27.95 -9.25 21.09
CA GLY A 387 26.55 -9.66 20.89
C GLY A 387 26.00 -9.55 19.46
N TYR A 388 26.80 -8.99 18.55
CA TYR A 388 26.36 -8.82 17.16
C TYR A 388 26.20 -10.19 16.52
N THR A 389 25.11 -10.38 15.79
CA THR A 389 24.83 -11.65 15.12
C THR A 389 24.60 -11.52 13.62
N ALA A 390 24.43 -10.30 13.12
CA ALA A 390 23.96 -10.10 11.74
C ALA A 390 24.99 -10.53 10.67
N THR A 391 26.24 -10.75 11.07
CA THR A 391 27.24 -11.30 10.15
C THR A 391 26.75 -12.60 9.50
N LYS A 392 26.10 -13.45 10.31
CA LYS A 392 25.36 -14.61 9.80
C LYS A 392 23.99 -14.12 9.34
N HIS A 393 23.96 -13.47 8.18
CA HIS A 393 22.73 -12.80 7.73
C HIS A 393 21.56 -13.75 7.44
N GLN A 394 21.85 -15.00 7.11
CA GLN A 394 20.77 -15.92 6.77
C GLN A 394 19.92 -16.24 8.01
N ARG A 395 20.59 -16.57 9.11
CA ARG A 395 19.95 -16.80 10.40
C ARG A 395 19.21 -15.55 10.85
N GLU A 396 19.86 -14.40 10.75
CA GLU A 396 19.30 -13.15 11.23
C GLU A 396 17.89 -12.87 10.74
N VAL A 397 17.67 -13.10 9.44
CA VAL A 397 16.40 -12.77 8.80
C VAL A 397 15.41 -13.92 8.83
N GLY A 398 15.84 -15.07 9.34
CA GLY A 398 14.92 -16.15 9.69
C GLY A 398 15.00 -17.38 8.82
N THR A 399 16.11 -17.59 8.13
CA THR A 399 16.19 -18.73 7.22
C THR A 399 16.08 -20.04 7.97
N GLY A 400 16.72 -20.11 9.13
CA GLY A 400 16.65 -21.28 9.98
C GLY A 400 15.27 -21.49 10.56
N TYR A 401 14.59 -20.42 10.92
CA TYR A 401 13.22 -20.56 11.38
C TYR A 401 12.33 -21.16 10.28
N PHE A 402 12.47 -20.68 9.04
CA PHE A 402 11.59 -21.15 7.96
C PHE A 402 11.94 -22.57 7.51
N ASP A 403 13.22 -22.93 7.66
CA ASP A 403 13.67 -24.31 7.56
C ASP A 403 12.91 -25.21 8.51
N ALA A 404 12.77 -24.78 9.76
CA ALA A 404 12.10 -25.60 10.75
C ALA A 404 10.60 -25.66 10.45
N VAL A 405 10.05 -24.56 9.90
CA VAL A 405 8.66 -24.58 9.46
C VAL A 405 8.46 -25.61 8.37
N SER A 406 9.39 -25.64 7.41
CA SER A 406 9.35 -26.66 6.36
C SER A 406 9.41 -28.09 6.89
N LEU A 407 10.33 -28.34 7.82
CA LEU A 407 10.51 -29.67 8.36
C LEU A 407 9.26 -30.11 9.12
N ALA A 408 8.59 -29.21 9.82
CA ALA A 408 7.36 -29.55 10.52
C ALA A 408 6.21 -29.85 9.53
N ILE A 409 6.17 -29.14 8.42
CA ILE A 409 5.14 -29.35 7.40
C ILE A 409 5.30 -30.71 6.74
N THR A 410 6.53 -31.07 6.41
CA THR A 410 6.81 -32.29 5.66
C THR A 410 7.13 -33.48 6.56
N GLY A 411 6.92 -33.33 7.87
CA GLY A 411 7.36 -34.33 8.84
C GLY A 411 8.80 -34.75 8.61
N GLY A 412 9.68 -33.78 8.36
CA GLY A 412 11.12 -34.01 8.23
C GLY A 412 11.71 -34.28 6.84
N GLN A 413 10.86 -34.57 5.86
CA GLN A 413 11.35 -35.16 4.59
C GLN A 413 11.54 -34.18 3.42
N SER A 414 11.69 -32.89 3.71
CA SER A 414 11.96 -31.90 2.66
C SER A 414 13.39 -32.04 2.09
N SER A 415 13.47 -32.13 0.76
CA SER A 415 14.73 -32.21 0.02
C SER A 415 15.35 -30.83 -0.24
N THR A 416 14.59 -29.76 0.04
CA THR A 416 14.98 -28.42 -0.40
C THR A 416 15.24 -27.45 0.75
N THR A 417 15.77 -27.94 1.88
CA THR A 417 16.08 -27.07 3.02
C THR A 417 17.27 -26.16 2.68
N ALA A 418 17.32 -25.01 3.34
CA ALA A 418 18.25 -23.92 2.99
C ALA A 418 19.62 -24.00 3.68
N MET A 419 19.64 -24.11 5.01
CA MET A 419 20.87 -23.93 5.80
C MET A 419 21.99 -25.00 5.69
N LYS A 420 21.63 -26.28 5.56
CA LYS A 420 22.60 -27.39 5.61
C LYS A 420 23.77 -27.19 4.65
N GLU A 421 23.46 -26.86 3.39
CA GLU A 421 24.48 -26.73 2.34
C GLU A 421 24.83 -25.27 1.99
N SER A 422 24.46 -24.34 2.87
CA SER A 422 24.78 -22.94 2.65
C SER A 422 26.28 -22.66 2.80
N THR A 423 26.69 -21.52 2.24
CA THR A 423 28.05 -20.96 2.42
C THR A 423 28.20 -20.31 3.81
N GLU A 424 27.10 -19.77 4.33
CA GLU A 424 27.05 -19.28 5.71
C GLU A 424 27.43 -20.37 6.71
N THR A 425 26.91 -21.59 6.51
CA THR A 425 27.28 -22.72 7.36
C THR A 425 28.75 -23.12 7.13
N ALA A 426 29.21 -23.04 5.88
CA ALA A 426 30.57 -23.48 5.51
C ALA A 426 31.71 -22.48 5.78
N GLN A 427 31.41 -21.17 5.75
CA GLN A 427 32.48 -20.14 5.83
C GLN A 427 32.36 -19.19 7.06
N PHE A 428 31.39 -19.46 7.93
CA PHE A 428 31.18 -18.69 9.16
C PHE A 428 31.11 -19.71 10.31
N ASP B 7 13.51 -1.86 -37.26
CA ASP B 7 12.38 -2.79 -36.92
C ASP B 7 11.95 -2.59 -35.46
N PHE B 8 12.70 -3.17 -34.52
CA PHE B 8 12.47 -2.94 -33.09
C PHE B 8 12.91 -1.54 -32.65
N TYR B 9 13.93 -1.01 -33.33
CA TYR B 9 14.41 0.35 -33.05
C TYR B 9 13.32 1.43 -33.15
N SER B 10 12.40 1.30 -34.11
CA SER B 10 11.26 2.23 -34.24
C SER B 10 10.19 2.02 -33.15
N LEU B 11 10.13 0.81 -32.60
CA LEU B 11 9.25 0.54 -31.44
C LEU B 11 9.87 1.03 -30.12
N ILE B 12 11.18 1.24 -30.13
CA ILE B 12 11.93 1.65 -28.95
C ILE B 12 12.80 2.86 -29.35
N PRO B 13 12.17 4.03 -29.54
CA PRO B 13 12.81 5.22 -30.12
C PRO B 13 14.11 5.66 -29.43
N SER B 14 14.18 5.44 -28.11
CA SER B 14 15.32 5.87 -27.32
C SER B 14 16.51 4.93 -27.46
N ALA B 15 16.30 3.77 -28.10
CA ALA B 15 17.36 2.79 -28.23
C ALA B 15 18.50 3.37 -29.04
N PRO B 16 19.75 3.17 -28.59
CA PRO B 16 20.91 3.65 -29.34
C PRO B 16 21.41 2.63 -30.38
N LYS B 17 22.30 3.12 -31.23
CA LYS B 17 22.79 2.33 -32.36
C LYS B 17 23.46 1.08 -31.80
N GLY B 18 23.10 -0.08 -32.34
CA GLY B 18 23.74 -1.33 -31.92
C GLY B 18 23.28 -1.90 -30.58
N ARG B 19 22.35 -1.22 -29.91
CA ARG B 19 21.76 -1.69 -28.66
C ARG B 19 21.36 -3.17 -28.67
N PHE B 20 20.80 -3.63 -29.79
CA PHE B 20 20.29 -5.00 -29.91
C PHE B 20 21.17 -5.91 -30.79
N ASP B 21 22.43 -5.53 -30.95
CA ASP B 21 23.37 -6.36 -31.70
C ASP B 21 23.48 -7.74 -31.05
N GLY B 22 23.15 -8.77 -31.82
CA GLY B 22 23.28 -10.14 -31.36
C GLY B 22 22.20 -10.60 -30.41
N ILE B 23 21.11 -9.83 -30.28
CA ILE B 23 19.98 -10.20 -29.44
C ILE B 23 18.90 -10.84 -30.28
N GLU B 24 18.33 -11.91 -29.76
CA GLU B 24 17.27 -12.66 -30.44
C GLU B 24 15.98 -12.52 -29.66
N ARG B 25 14.87 -12.54 -30.37
CA ARG B 25 13.55 -12.48 -29.76
C ARG B 25 12.70 -13.63 -30.28
N ALA B 26 11.79 -14.13 -29.45
CA ALA B 26 10.82 -15.13 -29.89
C ALA B 26 9.64 -14.48 -30.64
N HIS B 27 9.35 -13.22 -30.31
CA HIS B 27 8.18 -12.53 -30.85
C HIS B 27 8.63 -11.63 -32.01
N THR B 28 7.67 -11.07 -32.75
CA THR B 28 7.97 -10.11 -33.81
C THR B 28 7.63 -8.67 -33.43
N ALA B 29 8.08 -7.72 -34.25
CA ALA B 29 7.74 -6.31 -34.08
C ALA B 29 6.23 -6.09 -34.15
N GLU B 30 5.56 -6.85 -35.03
CA GLU B 30 4.11 -6.76 -35.16
C GLU B 30 3.40 -7.29 -33.91
N ASP B 31 3.93 -8.34 -33.29
CA ASP B 31 3.40 -8.83 -32.03
C ASP B 31 3.36 -7.67 -31.02
N VAL B 32 4.48 -6.96 -30.92
CA VAL B 32 4.64 -5.83 -30.02
C VAL B 32 3.58 -4.74 -30.27
N LYS B 33 3.41 -4.36 -31.54
CA LYS B 33 2.37 -3.37 -31.93
C LYS B 33 0.95 -3.85 -31.56
N ARG B 34 0.71 -5.15 -31.62
CA ARG B 34 -0.59 -5.73 -31.31
C ARG B 34 -0.85 -5.76 -29.81
N LEU B 35 0.21 -5.83 -29.01
CA LEU B 35 0.08 -6.10 -27.57
C LEU B 35 0.37 -4.89 -26.69
N ARG B 36 0.63 -3.74 -27.31
CA ARG B 36 1.05 -2.58 -26.56
C ARG B 36 -0.02 -1.51 -26.39
N GLY B 37 -1.24 -1.75 -26.86
CA GLY B 37 -2.30 -0.77 -26.71
C GLY B 37 -2.15 0.31 -27.76
N SER B 38 -3.11 1.22 -27.81
CA SER B 38 -3.18 2.23 -28.89
C SER B 38 -2.61 3.61 -28.57
N VAL B 39 -2.03 3.81 -27.40
CA VAL B 39 -1.46 5.11 -27.06
C VAL B 39 -0.04 4.99 -26.57
N GLU B 40 0.70 6.08 -26.78
CA GLU B 40 2.08 6.16 -26.39
C GLU B 40 2.16 6.71 -24.97
N ILE B 41 2.71 5.91 -24.06
CA ILE B 41 2.92 6.36 -22.71
C ILE B 41 4.41 6.27 -22.49
N LYS B 42 4.99 7.37 -22.00
CA LYS B 42 6.43 7.47 -21.85
C LYS B 42 6.82 7.02 -20.45
N TYR B 43 7.96 6.32 -20.37
CA TYR B 43 8.59 5.96 -19.09
C TYR B 43 9.99 6.58 -19.03
N SER B 44 10.02 7.87 -18.70
CA SER B 44 11.23 8.68 -18.86
C SER B 44 12.44 8.19 -18.08
N LEU B 45 12.25 7.85 -16.81
CA LEU B 45 13.37 7.38 -15.98
C LEU B 45 13.92 5.99 -16.37
N ALA B 46 13.05 5.12 -16.90
CA ALA B 46 13.47 3.82 -17.38
C ALA B 46 14.36 3.96 -18.63
N GLU B 47 13.96 4.85 -19.53
CA GLU B 47 14.75 5.15 -20.72
C GLU B 47 16.10 5.73 -20.37
N MET B 48 16.08 6.84 -19.63
CA MET B 48 17.30 7.51 -19.24
C MET B 48 18.24 6.52 -18.54
N GLY B 49 17.68 5.72 -17.63
CA GLY B 49 18.46 4.77 -16.85
C GLY B 49 19.06 3.66 -17.69
N ALA B 50 18.26 3.08 -18.58
CA ALA B 50 18.71 2.02 -19.49
C ALA B 50 19.87 2.49 -20.37
N ASN B 51 19.70 3.64 -20.99
CA ASN B 51 20.70 4.19 -21.90
C ASN B 51 21.95 4.67 -21.18
N ARG B 52 21.81 5.24 -20.00
CA ARG B 52 22.97 5.60 -19.21
C ARG B 52 23.76 4.35 -18.78
N LEU B 53 23.05 3.29 -18.37
CA LEU B 53 23.72 2.05 -17.97
C LEU B 53 24.41 1.41 -19.17
N TRP B 54 23.73 1.38 -20.32
CA TRP B 54 24.34 0.94 -21.56
C TRP B 54 25.65 1.71 -21.89
N LYS B 55 25.60 3.03 -21.75
CA LYS B 55 26.79 3.85 -21.97
C LYS B 55 27.85 3.48 -20.96
N LEU B 56 27.51 3.48 -19.68
CA LEU B 56 28.49 3.25 -18.63
C LEU B 56 29.24 1.93 -18.77
N ILE B 57 28.52 0.85 -19.05
CA ILE B 57 29.10 -0.49 -19.00
C ILE B 57 30.03 -0.76 -20.20
N HIS B 58 29.85 0.00 -21.27
CA HIS B 58 30.74 -0.05 -22.40
C HIS B 58 31.95 0.86 -22.23
N GLU B 59 31.73 2.08 -21.73
CA GLU B 59 32.80 3.08 -21.63
C GLU B 59 33.76 2.81 -20.48
N GLU B 60 33.22 2.48 -19.31
CA GLU B 60 34.02 2.33 -18.08
C GLU B 60 34.72 0.98 -18.02
N ASP B 61 35.80 0.90 -17.23
CA ASP B 61 36.57 -0.36 -17.07
C ASP B 61 35.69 -1.44 -16.46
N PHE B 62 34.95 -1.04 -15.44
CA PHE B 62 33.80 -1.78 -14.91
C PHE B 62 32.91 -0.79 -14.17
N VAL B 63 31.63 -1.14 -14.03
CA VAL B 63 30.69 -0.39 -13.20
C VAL B 63 30.43 -1.20 -11.94
N ASN B 64 30.77 -0.67 -10.78
CA ASN B 64 30.48 -1.37 -9.53
C ASN B 64 29.37 -0.70 -8.71
N ALA B 65 28.67 -1.50 -7.93
CA ALA B 65 27.50 -1.04 -7.21
C ALA B 65 27.43 -1.62 -5.83
N LEU B 66 26.51 -1.08 -5.03
CA LEU B 66 26.18 -1.58 -3.72
C LEU B 66 24.66 -1.75 -3.67
N GLY B 67 24.19 -2.76 -2.95
CA GLY B 67 22.76 -3.00 -2.77
C GLY B 67 22.15 -2.01 -1.79
N ALA B 68 21.20 -1.20 -2.29
CA ALA B 68 20.52 -0.17 -1.49
C ALA B 68 19.17 -0.69 -1.05
N LEU B 69 18.90 -0.62 0.26
CA LEU B 69 17.60 -1.01 0.80
C LEU B 69 16.68 0.16 1.12
N SER B 70 17.16 1.39 0.87
CA SER B 70 16.31 2.58 0.98
C SER B 70 16.78 3.69 0.05
N GLY B 71 15.90 4.67 -0.13
CA GLY B 71 16.17 5.87 -0.88
C GLY B 71 17.38 6.63 -0.39
N ASN B 72 17.45 6.85 0.92
CA ASN B 72 18.58 7.57 1.51
C ASN B 72 19.92 6.88 1.26
N GLN B 73 19.96 5.56 1.37
CA GLN B 73 21.18 4.81 1.09
C GLN B 73 21.58 5.04 -0.35
N ALA B 74 20.59 5.00 -1.24
CA ALA B 74 20.85 5.18 -2.65
C ALA B 74 21.43 6.57 -2.89
N MET B 75 20.81 7.56 -2.23
CA MET B 75 21.22 8.92 -2.39
C MET B 75 22.69 9.10 -2.02
N GLN B 76 23.13 8.49 -0.91
CA GLN B 76 24.50 8.70 -0.42
C GLN B 76 25.51 7.98 -1.29
N MET B 77 25.06 6.89 -1.90
CA MET B 77 25.88 6.15 -2.82
C MET B 77 26.21 7.01 -4.01
N VAL B 78 25.19 7.69 -4.53
CA VAL B 78 25.37 8.52 -5.70
C VAL B 78 26.20 9.74 -5.31
N ARG B 79 25.93 10.30 -4.14
CA ARG B 79 26.70 11.44 -3.65
C ARG B 79 28.19 11.09 -3.56
N ALA B 80 28.48 9.89 -3.06
CA ALA B 80 29.85 9.46 -2.83
C ALA B 80 30.61 9.22 -4.13
N GLY B 81 29.93 9.23 -5.27
CA GLY B 81 30.57 9.06 -6.57
C GLY B 81 30.27 7.76 -7.31
N LEU B 82 29.59 6.82 -6.66
CA LEU B 82 29.20 5.57 -7.33
C LEU B 82 28.25 5.90 -8.47
N LYS B 83 28.29 5.08 -9.53
CA LYS B 83 27.64 5.40 -10.80
C LYS B 83 26.40 4.59 -11.11
N ALA B 84 26.09 3.65 -10.22
CA ALA B 84 24.97 2.73 -10.41
C ALA B 84 24.53 2.25 -9.04
N ILE B 85 23.31 1.70 -9.01
CA ILE B 85 22.67 1.26 -7.79
C ILE B 85 22.14 -0.16 -7.99
N TYR B 86 22.39 -1.05 -7.05
CA TYR B 86 21.81 -2.40 -7.10
C TYR B 86 20.67 -2.49 -6.11
N LEU B 87 19.59 -3.15 -6.54
CA LEU B 87 18.42 -3.42 -5.74
C LEU B 87 18.33 -4.92 -5.46
N SER B 88 18.58 -5.28 -4.20
CA SER B 88 18.70 -6.68 -3.79
C SER B 88 17.36 -7.20 -3.36
N GLY B 89 16.97 -8.36 -3.92
CA GLY B 89 15.76 -9.07 -3.47
C GLY B 89 15.89 -9.60 -2.04
N TRP B 90 17.07 -10.12 -1.72
CA TRP B 90 17.42 -10.53 -0.36
C TRP B 90 17.10 -9.40 0.62
N GLN B 91 17.50 -8.17 0.30
CA GLN B 91 17.29 -7.03 1.20
C GLN B 91 15.84 -6.56 1.26
N VAL B 92 15.15 -6.63 0.12
CA VAL B 92 13.71 -6.41 0.08
C VAL B 92 13.02 -7.37 1.05
N ALA B 93 13.43 -8.63 1.01
CA ALA B 93 12.84 -9.65 1.89
C ALA B 93 13.16 -9.34 3.34
N ALA B 94 14.39 -8.92 3.59
CA ALA B 94 14.85 -8.67 4.95
C ALA B 94 14.17 -7.48 5.67
N ASP B 95 13.97 -6.38 4.94
CA ASP B 95 13.65 -5.08 5.60
C ASP B 95 12.93 -4.05 4.75
N ALA B 96 12.42 -4.42 3.56
CA ALA B 96 11.82 -3.44 2.67
C ALA B 96 10.80 -4.03 1.72
N ASN B 97 9.82 -4.77 2.24
CA ASN B 97 8.79 -5.35 1.37
C ASN B 97 7.35 -4.90 1.69
N THR B 98 6.43 -5.23 0.80
CA THR B 98 5.05 -4.77 0.86
C THR B 98 4.18 -5.67 1.74
N ALA B 99 4.78 -6.70 2.34
CA ALA B 99 4.12 -7.48 3.42
C ALA B 99 4.47 -6.95 4.83
N SER B 100 5.39 -6.00 4.87
CA SER B 100 5.88 -5.42 6.10
C SER B 100 6.29 -6.51 7.05
N ALA B 101 7.17 -7.39 6.59
CA ALA B 101 7.68 -8.48 7.41
C ALA B 101 9.13 -8.71 7.10
N MET B 102 9.81 -9.42 7.98
CA MET B 102 11.19 -9.83 7.71
C MET B 102 11.17 -11.27 7.20
N TYR B 103 11.76 -11.47 6.03
CA TYR B 103 11.74 -12.82 5.44
C TYR B 103 13.13 -13.26 5.04
N PRO B 104 13.35 -14.56 5.07
CA PRO B 104 14.51 -15.07 4.36
C PRO B 104 14.36 -14.92 2.83
N ASP B 105 15.44 -15.18 2.10
CA ASP B 105 15.49 -14.90 0.67
C ASP B 105 14.89 -16.05 -0.16
N GLN B 106 13.57 -16.20 -0.07
CA GLN B 106 12.88 -17.35 -0.68
C GLN B 106 11.63 -16.95 -1.49
N SER B 107 11.65 -15.78 -2.10
CA SER B 107 10.48 -15.25 -2.81
C SER B 107 9.19 -15.39 -2.01
N LEU B 108 9.22 -15.01 -0.73
CA LEU B 108 8.05 -15.11 0.12
C LEU B 108 7.22 -13.84 0.06
N TYR B 109 7.86 -12.70 -0.20
CA TYR B 109 7.16 -11.41 -0.21
C TYR B 109 6.32 -11.17 -1.51
N PRO B 110 5.39 -10.21 -1.48
CA PRO B 110 4.53 -10.03 -2.63
C PRO B 110 5.28 -9.48 -3.84
N ALA B 111 4.90 -9.92 -5.02
CA ALA B 111 5.70 -9.67 -6.22
C ALA B 111 5.93 -8.19 -6.56
N ASN B 112 5.19 -7.28 -5.95
CA ASN B 112 5.31 -5.84 -6.21
C ASN B 112 6.39 -5.12 -5.39
N ALA B 113 7.02 -5.83 -4.45
CA ALA B 113 7.91 -5.19 -3.47
C ALA B 113 9.17 -4.55 -4.07
N GLY B 114 9.84 -5.28 -4.95
CA GLY B 114 11.02 -4.78 -5.65
C GLY B 114 10.76 -3.49 -6.43
N PRO B 115 9.82 -3.53 -7.39
CA PRO B 115 9.41 -2.31 -8.11
C PRO B 115 9.02 -1.14 -7.20
N GLU B 116 8.33 -1.42 -6.09
CA GLU B 116 8.04 -0.35 -5.12
C GLU B 116 9.32 0.27 -4.51
N LEU B 117 10.31 -0.55 -4.22
CA LEU B 117 11.54 -0.01 -3.66
C LEU B 117 12.25 0.77 -4.75
N ALA B 118 12.26 0.26 -5.99
CA ALA B 118 12.86 1.00 -7.10
C ALA B 118 12.23 2.38 -7.22
N LYS B 119 10.91 2.44 -7.11
CA LYS B 119 10.22 3.72 -7.13
C LYS B 119 10.67 4.63 -5.99
N ARG B 120 10.85 4.08 -4.80
CA ARG B 120 11.34 4.88 -3.65
C ARG B 120 12.71 5.47 -3.94
N ILE B 121 13.60 4.65 -4.50
CA ILE B 121 14.95 5.07 -4.74
C ILE B 121 14.93 6.22 -5.75
N ASN B 122 14.21 6.05 -6.86
CA ASN B 122 14.19 7.12 -7.87
C ASN B 122 13.57 8.38 -7.32
N ARG B 123 12.58 8.24 -6.47
CA ARG B 123 11.94 9.42 -5.87
C ARG B 123 12.90 10.18 -4.96
N THR B 124 13.68 9.45 -4.18
CA THR B 124 14.66 10.11 -3.35
C THR B 124 15.69 10.84 -4.21
N LEU B 125 16.12 10.18 -5.29
CA LEU B 125 17.10 10.79 -6.19
C LEU B 125 16.53 12.06 -6.84
N GLN B 126 15.27 11.99 -7.27
CA GLN B 126 14.56 13.13 -7.81
C GLN B 126 14.54 14.32 -6.86
N ARG B 127 14.27 14.07 -5.57
CA ARG B 127 14.27 15.17 -4.61
C ARG B 127 15.65 15.78 -4.49
N ALA B 128 16.67 14.93 -4.44
CA ALA B 128 18.04 15.38 -4.36
C ALA B 128 18.37 16.25 -5.56
N ASP B 129 17.91 15.84 -6.74
CA ASP B 129 18.14 16.67 -7.93
C ASP B 129 17.36 17.98 -7.85
N GLN B 130 16.11 17.92 -7.38
CA GLN B 130 15.33 19.13 -7.20
C GLN B 130 16.06 20.09 -6.25
N ILE B 131 16.60 19.57 -5.15
CA ILE B 131 17.23 20.44 -4.15
C ILE B 131 18.35 21.28 -4.80
N GLU B 132 19.30 20.60 -5.42
CA GLU B 132 20.46 21.26 -6.01
C GLU B 132 20.09 22.13 -7.21
N THR B 133 19.10 21.74 -8.00
CA THR B 133 18.66 22.56 -9.12
C THR B 133 18.16 23.90 -8.57
N ALA B 134 17.35 23.85 -7.52
CA ALA B 134 16.78 25.07 -6.93
C ALA B 134 17.84 25.98 -6.27
N GLU B 135 18.89 25.38 -5.73
CA GLU B 135 20.00 26.15 -5.15
C GLU B 135 20.74 26.92 -6.25
N GLY B 136 20.76 26.35 -7.45
CA GLY B 136 21.15 27.08 -8.65
C GLY B 136 22.65 27.21 -8.93
N LYS B 137 23.47 26.41 -8.24
CA LYS B 137 24.93 26.37 -8.46
C LYS B 137 25.42 25.10 -9.13
N GLY B 138 24.55 24.42 -9.89
CA GLY B 138 24.89 23.14 -10.52
C GLY B 138 24.84 21.94 -9.58
N LEU B 139 24.98 20.74 -10.17
CA LEU B 139 24.88 19.50 -9.42
C LEU B 139 26.23 19.11 -8.81
N SER B 140 26.19 18.36 -7.70
CA SER B 140 27.41 17.88 -7.03
C SER B 140 27.80 16.49 -7.52
N VAL B 141 27.03 15.97 -8.46
CA VAL B 141 27.28 14.68 -9.06
C VAL B 141 27.11 14.84 -10.57
N ASP B 142 27.54 13.82 -11.32
CA ASP B 142 27.30 13.75 -12.77
C ASP B 142 25.80 13.78 -13.10
N THR B 143 25.05 12.94 -12.39
CA THR B 143 23.59 12.92 -12.43
C THR B 143 23.14 12.25 -11.14
N TRP B 144 21.97 12.62 -10.65
CA TRP B 144 21.41 11.95 -9.48
C TRP B 144 20.75 10.65 -9.89
N PHE B 145 20.41 10.57 -11.18
CA PHE B 145 19.66 9.44 -11.72
C PHE B 145 20.62 8.35 -12.20
N ALA B 146 21.34 7.78 -11.24
CA ALA B 146 22.20 6.65 -11.45
C ALA B 146 21.34 5.46 -11.79
N PRO B 147 21.77 4.66 -12.77
CA PRO B 147 20.94 3.52 -13.13
C PRO B 147 20.74 2.52 -11.99
N ILE B 148 19.54 1.95 -11.92
CA ILE B 148 19.21 0.92 -10.95
C ILE B 148 19.17 -0.44 -11.64
N VAL B 149 19.95 -1.39 -11.15
CA VAL B 149 19.90 -2.77 -11.62
C VAL B 149 19.18 -3.56 -10.53
N ALA B 150 18.01 -4.12 -10.88
CA ALA B 150 17.10 -4.68 -9.89
C ALA B 150 16.81 -6.16 -10.08
N ASP B 151 16.61 -6.83 -8.96
CA ASP B 151 16.39 -8.26 -8.81
C ASP B 151 14.90 -8.62 -9.01
N ALA B 152 14.60 -9.35 -10.08
CA ALA B 152 13.27 -9.91 -10.31
C ALA B 152 13.23 -11.39 -9.92
N GLU B 153 14.27 -11.83 -9.22
CA GLU B 153 14.32 -13.16 -8.66
C GLU B 153 14.04 -14.22 -9.74
N ALA B 154 13.12 -15.15 -9.51
CA ALA B 154 12.85 -16.18 -10.52
C ALA B 154 11.59 -15.86 -11.33
N GLY B 155 11.19 -14.59 -11.34
CA GLY B 155 10.06 -14.13 -12.14
C GLY B 155 8.73 -14.20 -11.41
N PHE B 156 8.74 -14.74 -10.19
CA PHE B 156 7.53 -14.98 -9.40
C PHE B 156 6.48 -15.87 -10.06
N GLY B 157 6.95 -16.79 -10.89
CA GLY B 157 6.07 -17.84 -11.36
C GLY B 157 6.43 -18.18 -12.77
N GLY B 158 5.47 -18.01 -13.68
CA GLY B 158 5.70 -18.32 -15.08
C GLY B 158 6.04 -17.09 -15.92
N PRO B 159 6.17 -17.27 -17.24
CA PRO B 159 6.44 -16.19 -18.18
C PRO B 159 5.54 -14.95 -18.03
N LEU B 160 4.28 -15.14 -17.67
CA LEU B 160 3.37 -14.01 -17.46
C LEU B 160 3.72 -13.24 -16.20
N ASP B 161 4.23 -13.95 -15.20
CA ASP B 161 4.64 -13.29 -13.97
C ASP B 161 5.91 -12.51 -14.21
N ALA B 162 6.81 -13.11 -14.99
CA ALA B 162 8.03 -12.44 -15.41
C ALA B 162 7.70 -11.20 -16.22
N PHE B 163 6.76 -11.35 -17.14
CA PHE B 163 6.25 -10.25 -17.95
C PHE B 163 5.77 -9.13 -17.04
N GLU B 164 4.95 -9.44 -16.06
CA GLU B 164 4.41 -8.40 -15.19
C GLU B 164 5.44 -7.68 -14.31
N ILE B 165 6.40 -8.40 -13.74
CA ILE B 165 7.36 -7.78 -12.84
C ILE B 165 8.32 -6.90 -13.62
N MET B 166 8.64 -7.29 -14.84
CA MET B 166 9.46 -6.45 -15.72
C MET B 166 8.74 -5.13 -16.00
N LYS B 167 7.45 -5.18 -16.31
CA LYS B 167 6.71 -3.97 -16.59
C LYS B 167 6.69 -3.07 -15.38
N ALA B 168 6.44 -3.66 -14.21
CA ALA B 168 6.42 -2.91 -12.97
C ALA B 168 7.76 -2.18 -12.72
N TYR B 169 8.87 -2.91 -12.91
CA TYR B 169 10.19 -2.29 -12.77
C TYR B 169 10.40 -1.16 -13.76
N ILE B 170 9.81 -1.28 -14.95
CA ILE B 170 9.97 -0.25 -15.98
C ILE B 170 9.26 1.03 -15.54
N GLU B 171 8.02 0.88 -15.08
CA GLU B 171 7.30 2.01 -14.51
C GLU B 171 7.96 2.66 -13.31
N ALA B 172 8.64 1.85 -12.47
CA ALA B 172 9.34 2.35 -11.29
C ALA B 172 10.61 3.05 -11.73
N GLY B 173 11.00 2.86 -12.99
CA GLY B 173 12.18 3.51 -13.56
C GLY B 173 13.47 2.74 -13.37
N ALA B 174 13.41 1.41 -13.27
CA ALA B 174 14.65 0.60 -13.24
C ALA B 174 15.31 0.58 -14.63
N ALA B 175 16.65 0.42 -14.64
CA ALA B 175 17.47 0.44 -15.88
C ALA B 175 17.77 -0.98 -16.38
N GLY B 176 17.86 -1.90 -15.44
CA GLY B 176 18.13 -3.30 -15.72
C GLY B 176 17.53 -4.20 -14.67
N VAL B 177 17.21 -5.43 -15.08
CA VAL B 177 16.48 -6.36 -14.26
C VAL B 177 17.04 -7.74 -14.46
N HIS B 178 17.34 -8.44 -13.35
CA HIS B 178 17.82 -9.80 -13.48
C HIS B 178 16.83 -10.89 -13.11
N PHE B 179 16.92 -11.99 -13.86
CA PHE B 179 16.03 -13.14 -13.75
C PHE B 179 16.93 -14.37 -13.65
N GLU B 180 16.67 -15.22 -12.66
CA GLU B 180 17.45 -16.44 -12.47
C GLU B 180 16.69 -17.72 -12.80
N ASP B 181 17.44 -18.78 -13.11
CA ASP B 181 16.88 -20.06 -13.55
C ASP B 181 16.54 -21.02 -12.41
N GLN B 182 15.89 -20.48 -11.38
CA GLN B 182 15.43 -21.28 -10.22
C GLN B 182 13.93 -21.46 -10.26
N LEU B 183 13.43 -22.45 -9.53
CA LEU B 183 11.99 -22.66 -9.40
C LEU B 183 11.44 -21.64 -8.40
N ALA B 184 10.50 -20.80 -8.85
CA ALA B 184 9.99 -19.70 -8.00
C ALA B 184 9.39 -20.19 -6.69
N SER B 185 8.70 -21.32 -6.73
CA SER B 185 8.00 -21.83 -5.54
C SER B 185 8.95 -22.34 -4.48
N GLU B 186 10.22 -22.56 -4.84
CA GLU B 186 11.29 -23.06 -3.93
C GLU B 186 12.56 -22.21 -3.98
N LYS B 187 12.44 -20.99 -4.53
CA LYS B 187 13.53 -20.04 -4.68
C LYS B 187 14.33 -19.91 -3.38
N LYS B 188 15.66 -19.85 -3.51
CA LYS B 188 16.54 -19.62 -2.36
C LYS B 188 17.54 -18.58 -2.74
N CYS B 189 18.15 -17.98 -1.73
CA CYS B 189 19.37 -17.22 -1.93
C CYS B 189 20.35 -18.11 -2.70
N GLY B 190 21.08 -17.51 -3.64
CA GLY B 190 22.04 -18.23 -4.45
C GLY B 190 23.11 -18.94 -3.66
N HIS B 191 23.34 -18.51 -2.41
CA HIS B 191 24.38 -19.13 -1.56
C HIS B 191 23.86 -20.01 -0.42
N LEU B 192 22.60 -20.43 -0.53
CA LEU B 192 22.05 -21.44 0.37
C LEU B 192 21.91 -22.79 -0.32
N GLY B 193 21.67 -23.83 0.48
CA GLY B 193 21.39 -25.16 -0.04
C GLY B 193 19.98 -25.32 -0.57
N GLY B 194 19.75 -26.40 -1.31
CA GLY B 194 18.41 -26.81 -1.69
C GLY B 194 17.80 -26.03 -2.83
N LYS B 195 18.62 -25.54 -3.75
CA LYS B 195 18.11 -24.81 -4.91
C LYS B 195 17.64 -25.80 -5.97
N VAL B 196 16.56 -25.45 -6.66
CA VAL B 196 15.99 -26.27 -7.71
C VAL B 196 15.99 -25.48 -8.97
N LEU B 197 16.68 -25.97 -9.99
CA LEU B 197 16.69 -25.30 -11.28
C LEU B 197 15.43 -25.64 -12.08
N ILE B 198 15.11 -24.78 -13.05
CA ILE B 198 14.10 -25.08 -14.05
C ILE B 198 14.83 -25.43 -15.36
N PRO B 199 14.13 -26.03 -16.33
CA PRO B 199 14.81 -26.33 -17.59
C PRO B 199 15.36 -25.10 -18.30
N THR B 200 16.46 -25.28 -19.02
CA THR B 200 17.08 -24.24 -19.82
C THR B 200 16.03 -23.54 -20.68
N ALA B 201 15.15 -24.34 -21.28
CA ALA B 201 14.09 -23.79 -22.13
C ALA B 201 13.14 -22.90 -21.34
N ALA B 202 12.81 -23.31 -20.12
CA ALA B 202 11.83 -22.57 -19.31
C ALA B 202 12.36 -21.20 -18.92
N HIS B 203 13.66 -21.14 -18.66
CA HIS B 203 14.26 -19.86 -18.30
C HIS B 203 14.35 -18.95 -19.51
N ILE B 204 14.53 -19.52 -20.69
CA ILE B 204 14.58 -18.71 -21.89
C ILE B 204 13.21 -18.11 -22.14
N ARG B 205 12.16 -18.88 -21.85
CA ARG B 205 10.80 -18.33 -21.90
C ARG B 205 10.67 -17.08 -21.04
N ASN B 206 11.18 -17.10 -19.80
CA ASN B 206 11.09 -15.91 -18.92
C ASN B 206 11.92 -14.73 -19.41
N LEU B 207 13.13 -14.99 -19.93
CA LEU B 207 13.94 -13.89 -20.47
C LEU B 207 13.18 -13.23 -21.62
N ASN B 208 12.49 -14.06 -22.40
CA ASN B 208 11.69 -13.58 -23.52
C ASN B 208 10.40 -12.90 -23.07
N ALA B 209 9.78 -13.40 -22.02
CA ALA B 209 8.67 -12.64 -21.43
C ALA B 209 9.18 -11.25 -21.07
N ALA B 210 10.34 -11.19 -20.45
CA ALA B 210 10.89 -9.93 -19.98
C ALA B 210 11.24 -9.02 -21.12
N ARG B 211 11.74 -9.58 -22.21
CA ARG B 211 12.11 -8.78 -23.36
C ARG B 211 10.90 -8.20 -24.05
N LEU B 212 9.83 -9.00 -24.13
CA LEU B 212 8.56 -8.54 -24.68
C LEU B 212 8.01 -7.44 -23.80
N ALA B 213 8.22 -7.56 -22.49
CA ALA B 213 7.73 -6.55 -21.58
C ALA B 213 8.37 -5.21 -21.94
N ALA B 214 9.68 -5.21 -22.17
CA ALA B 214 10.38 -3.97 -22.41
C ALA B 214 9.95 -3.41 -23.76
N ASP B 215 9.93 -4.28 -24.77
CA ASP B 215 9.50 -3.88 -26.11
C ASP B 215 8.11 -3.28 -26.05
N VAL B 216 7.18 -3.95 -25.37
CA VAL B 216 5.81 -3.44 -25.25
C VAL B 216 5.76 -2.09 -24.52
N MET B 217 6.64 -1.88 -23.54
CA MET B 217 6.72 -0.61 -22.85
C MET B 217 7.48 0.46 -23.62
N GLY B 218 8.22 0.04 -24.65
CA GLY B 218 8.97 0.96 -25.51
C GLY B 218 10.28 1.44 -24.90
N THR B 219 10.90 0.61 -24.07
CA THR B 219 12.11 0.95 -23.33
C THR B 219 13.22 -0.06 -23.60
N PRO B 220 14.47 0.40 -23.76
CA PRO B 220 15.62 -0.47 -24.01
C PRO B 220 16.22 -1.05 -22.72
N THR B 221 15.33 -1.40 -21.78
CA THR B 221 15.71 -1.92 -20.49
C THR B 221 16.64 -3.10 -20.68
N LEU B 222 17.69 -3.14 -19.86
CA LEU B 222 18.67 -4.23 -19.91
C LEU B 222 18.15 -5.44 -19.15
N ILE B 223 18.49 -6.63 -19.67
CA ILE B 223 18.12 -7.89 -19.07
C ILE B 223 19.39 -8.67 -18.72
N VAL B 224 19.45 -9.12 -17.47
CA VAL B 224 20.54 -9.91 -16.96
C VAL B 224 20.04 -11.32 -16.63
N ALA B 225 20.58 -12.32 -17.34
CA ALA B 225 20.22 -13.71 -17.08
C ALA B 225 21.19 -14.28 -16.06
N ARG B 226 20.65 -14.86 -14.99
CA ARG B 226 21.48 -15.47 -13.97
C ARG B 226 21.30 -16.99 -13.96
N THR B 227 22.40 -17.73 -13.71
CA THR B 227 22.32 -19.17 -13.51
C THR B 227 22.77 -19.57 -12.10
N ASP B 228 22.01 -20.45 -11.48
CA ASP B 228 22.30 -20.94 -10.14
C ASP B 228 22.82 -22.38 -10.21
N ALA B 229 23.25 -22.84 -11.39
CA ALA B 229 23.68 -24.24 -11.61
C ALA B 229 25.02 -24.61 -10.95
N GLU B 230 25.80 -23.63 -10.52
CA GLU B 230 27.04 -23.90 -9.82
C GLU B 230 26.83 -24.72 -8.56
N ALA B 231 25.78 -24.41 -7.80
CA ALA B 231 25.50 -25.10 -6.53
C ALA B 231 24.25 -25.98 -6.53
N ALA B 232 23.30 -25.70 -7.42
CA ALA B 232 22.02 -26.41 -7.40
C ALA B 232 22.19 -27.88 -7.78
N LYS B 233 21.65 -28.79 -6.97
CA LYS B 233 21.76 -30.23 -7.25
C LYS B 233 20.42 -30.81 -7.68
N LEU B 234 19.44 -29.93 -7.86
CA LEU B 234 18.12 -30.36 -8.28
C LEU B 234 17.60 -29.60 -9.49
N LEU B 235 16.76 -30.30 -10.25
CA LEU B 235 16.16 -29.78 -11.48
C LEU B 235 14.72 -30.29 -11.55
N THR B 236 13.79 -29.43 -11.92
CA THR B 236 12.38 -29.79 -11.91
C THR B 236 12.03 -30.85 -12.93
N SER B 237 12.59 -30.74 -14.14
CA SER B 237 12.32 -31.67 -15.21
C SER B 237 13.49 -31.82 -16.18
N ASP B 238 13.65 -33.03 -16.71
CA ASP B 238 14.70 -33.38 -17.69
C ASP B 238 14.19 -33.30 -19.14
N ILE B 239 13.12 -32.54 -19.36
CA ILE B 239 12.49 -32.45 -20.69
C ILE B 239 13.40 -31.78 -21.75
N ASP B 240 14.36 -30.96 -21.32
CA ASP B 240 15.25 -30.28 -22.26
C ASP B 240 16.55 -31.07 -22.43
N GLU B 241 16.81 -31.49 -23.67
CA GLU B 241 17.99 -32.30 -24.02
C GLU B 241 19.30 -31.64 -23.60
N ARG B 242 19.31 -30.31 -23.59
CA ARG B 242 20.45 -29.56 -23.09
C ARG B 242 20.75 -29.80 -21.59
N ASP B 243 19.76 -30.23 -20.81
CA ASP B 243 19.98 -30.48 -19.39
C ASP B 243 20.27 -31.95 -19.09
N GLN B 244 19.78 -32.84 -19.94
CA GLN B 244 19.93 -34.28 -19.73
C GLN B 244 21.36 -34.76 -19.46
N PRO B 245 22.38 -34.17 -20.11
CA PRO B 245 23.75 -34.67 -19.84
C PRO B 245 24.25 -34.47 -18.40
N PHE B 246 23.56 -33.60 -17.63
CA PHE B 246 23.92 -33.33 -16.26
C PHE B 246 22.99 -34.02 -15.27
N VAL B 247 22.01 -34.74 -15.78
CA VAL B 247 21.08 -35.46 -14.92
C VAL B 247 21.72 -36.78 -14.45
N ASP B 248 21.71 -36.96 -13.13
CA ASP B 248 22.14 -38.20 -12.52
C ASP B 248 20.93 -39.15 -12.52
N TYR B 249 20.69 -39.81 -13.65
CA TYR B 249 19.63 -40.81 -13.76
C TYR B 249 19.80 -42.00 -12.80
N GLU B 250 20.98 -42.17 -12.21
CA GLU B 250 21.18 -43.26 -11.24
C GLU B 250 20.63 -42.95 -9.85
N ALA B 251 20.62 -41.68 -9.47
CA ALA B 251 20.03 -41.26 -8.19
C ALA B 251 18.53 -41.53 -8.12
N GLY B 252 17.85 -41.38 -9.24
CA GLY B 252 16.38 -41.43 -9.26
C GLY B 252 15.82 -40.07 -8.88
N ARG B 253 14.51 -39.93 -8.96
CA ARG B 253 13.88 -38.65 -8.59
C ARG B 253 13.72 -38.55 -7.09
N THR B 254 13.52 -37.33 -6.60
CA THR B 254 13.26 -37.09 -5.20
C THR B 254 11.79 -37.28 -4.91
N ALA B 255 11.42 -37.21 -3.64
CA ALA B 255 10.04 -37.43 -3.24
C ALA B 255 9.12 -36.39 -3.89
N GLU B 256 9.63 -35.21 -4.19
CA GLU B 256 8.81 -34.17 -4.83
C GLU B 256 8.73 -34.34 -6.36
N GLY B 257 9.53 -35.24 -6.92
CA GLY B 257 9.55 -35.46 -8.36
C GLY B 257 10.67 -34.73 -9.05
N PHE B 258 11.60 -34.17 -8.27
CA PHE B 258 12.73 -33.45 -8.85
C PHE B 258 13.84 -34.41 -9.23
N TYR B 259 14.52 -34.07 -10.32
CA TYR B 259 15.67 -34.81 -10.79
C TYR B 259 16.93 -34.35 -10.07
N GLN B 260 17.92 -35.21 -10.01
CA GLN B 260 19.17 -34.84 -9.36
C GLN B 260 20.19 -34.59 -10.47
N VAL B 261 20.86 -33.45 -10.39
CA VAL B 261 21.87 -33.06 -11.39
C VAL B 261 23.26 -32.89 -10.77
N LYS B 262 24.26 -33.00 -11.63
CA LYS B 262 25.64 -32.76 -11.25
C LYS B 262 25.89 -31.28 -11.45
N ASN B 263 26.16 -30.57 -10.36
CA ASN B 263 26.42 -29.13 -10.38
C ASN B 263 27.87 -28.78 -10.61
N GLY B 264 28.12 -27.53 -10.94
CA GLY B 264 29.45 -26.99 -11.07
C GLY B 264 29.47 -26.06 -12.26
N ILE B 265 30.68 -25.67 -12.66
CA ILE B 265 30.86 -24.74 -13.76
C ILE B 265 30.40 -25.25 -15.12
N GLU B 266 30.37 -26.56 -15.33
CA GLU B 266 30.02 -27.07 -16.66
C GLU B 266 28.57 -26.71 -17.09
N PRO B 267 27.59 -26.96 -16.21
CA PRO B 267 26.24 -26.55 -16.58
C PRO B 267 26.02 -25.04 -16.57
N CYS B 268 26.82 -24.28 -15.83
CA CYS B 268 26.68 -22.82 -15.88
C CYS B 268 27.08 -22.36 -17.27
N ILE B 269 28.21 -22.88 -17.75
CA ILE B 269 28.69 -22.55 -19.09
C ILE B 269 27.65 -22.89 -20.14
N ALA B 270 27.14 -24.12 -20.10
CA ALA B 270 26.12 -24.59 -21.07
C ALA B 270 24.91 -23.68 -21.06
N ARG B 271 24.33 -23.49 -19.89
CA ARG B 271 23.15 -22.64 -19.71
C ARG B 271 23.42 -21.19 -20.11
N ALA B 272 24.59 -20.69 -19.73
CA ALA B 272 24.99 -19.32 -20.06
C ALA B 272 25.05 -19.12 -21.58
N ILE B 273 25.72 -20.04 -22.26
CA ILE B 273 25.84 -20.00 -23.70
C ILE B 273 24.43 -20.05 -24.30
N ALA B 274 23.60 -20.99 -23.85
CA ALA B 274 22.21 -21.06 -24.31
C ALA B 274 21.37 -19.79 -24.01
N TYR B 275 21.59 -19.13 -22.86
CA TYR B 275 20.84 -17.90 -22.53
C TYR B 275 21.35 -16.62 -23.23
N ALA B 276 22.61 -16.61 -23.66
CA ALA B 276 23.27 -15.39 -24.15
C ALA B 276 22.49 -14.58 -25.20
N PRO B 277 21.86 -15.23 -26.18
CA PRO B 277 21.14 -14.44 -27.19
C PRO B 277 19.85 -13.79 -26.71
N TYR B 278 19.44 -14.06 -25.46
CA TYR B 278 18.16 -13.58 -24.94
C TYR B 278 18.35 -12.68 -23.73
N CYS B 279 19.58 -12.20 -23.53
CA CYS B 279 19.89 -11.29 -22.45
C CYS B 279 20.97 -10.33 -22.88
N ASP B 280 21.17 -9.30 -22.07
CA ASP B 280 22.20 -8.31 -22.34
C ASP B 280 23.47 -8.58 -21.55
N LEU B 281 23.30 -9.06 -20.32
CA LEU B 281 24.44 -9.53 -19.56
C LEU B 281 24.14 -10.89 -18.98
N ILE B 282 25.19 -11.62 -18.64
CA ILE B 282 25.08 -12.98 -18.13
C ILE B 282 25.74 -13.03 -16.77
N TRP B 283 25.14 -13.76 -15.84
CA TRP B 283 25.67 -13.87 -14.48
C TRP B 283 25.64 -15.32 -13.98
N MET B 284 26.78 -15.81 -13.52
CA MET B 284 26.90 -17.11 -12.84
C MET B 284 27.11 -16.88 -11.35
N GLU B 285 26.21 -17.38 -10.50
CA GLU B 285 26.42 -17.36 -9.05
C GLU B 285 27.56 -18.29 -8.67
N THR B 286 28.42 -17.84 -7.77
CA THR B 286 29.55 -18.67 -7.29
C THR B 286 29.50 -18.92 -5.77
N SER B 287 30.17 -19.98 -5.34
CA SER B 287 30.25 -20.32 -3.91
C SER B 287 31.40 -19.61 -3.19
N LYS B 288 32.43 -19.25 -3.95
CA LYS B 288 33.62 -18.61 -3.42
C LYS B 288 34.01 -17.50 -4.41
N PRO B 289 34.69 -16.44 -3.95
CA PRO B 289 35.16 -15.42 -4.87
C PRO B 289 36.47 -15.88 -5.52
N ASP B 290 36.37 -16.47 -6.71
CA ASP B 290 37.48 -17.19 -7.31
C ASP B 290 37.76 -16.62 -8.70
N LEU B 291 38.86 -15.87 -8.79
CA LEU B 291 39.22 -15.20 -10.05
C LEU B 291 39.47 -16.20 -11.18
N ALA B 292 40.10 -17.33 -10.87
CA ALA B 292 40.40 -18.31 -11.91
C ALA B 292 39.11 -18.93 -12.43
N GLN B 293 38.17 -19.18 -11.53
CA GLN B 293 36.87 -19.70 -11.94
C GLN B 293 36.15 -18.69 -12.82
N ALA B 294 36.22 -17.42 -12.42
CA ALA B 294 35.57 -16.35 -13.18
C ALA B 294 36.23 -16.23 -14.56
N ARG B 295 37.54 -16.42 -14.62
CA ARG B 295 38.27 -16.38 -15.88
C ARG B 295 37.80 -17.51 -16.77
N ARG B 296 37.74 -18.71 -16.20
CA ARG B 296 37.35 -19.90 -16.94
C ARG B 296 35.94 -19.78 -17.50
N PHE B 297 35.04 -19.20 -16.71
CA PHE B 297 33.67 -18.98 -17.14
C PHE B 297 33.60 -17.96 -18.25
N ALA B 298 34.24 -16.81 -18.01
CA ALA B 298 34.35 -15.74 -18.99
C ALA B 298 34.94 -16.25 -20.30
N GLU B 299 36.01 -17.04 -20.22
CA GLU B 299 36.67 -17.60 -21.41
C GLU B 299 35.71 -18.52 -22.19
N ALA B 300 35.08 -19.47 -21.50
CA ALA B 300 34.11 -20.35 -22.15
C ALA B 300 32.98 -19.57 -22.81
N VAL B 301 32.37 -18.64 -22.07
CA VAL B 301 31.26 -17.86 -22.61
C VAL B 301 31.70 -17.08 -23.86
N HIS B 302 32.90 -16.52 -23.80
CA HIS B 302 33.42 -15.70 -24.90
C HIS B 302 33.83 -16.44 -26.17
N LYS B 303 34.20 -17.70 -26.08
CA LYS B 303 34.45 -18.50 -27.28
C LYS B 303 33.17 -18.61 -28.13
N ALA B 304 32.04 -18.84 -27.48
CA ALA B 304 30.73 -18.92 -28.16
C ALA B 304 30.21 -17.53 -28.51
N HIS B 305 30.41 -16.58 -27.61
CA HIS B 305 29.86 -15.22 -27.77
C HIS B 305 30.91 -14.18 -27.44
N PRO B 306 31.72 -13.81 -28.43
CA PRO B 306 32.76 -12.81 -28.23
C PRO B 306 32.19 -11.48 -27.77
N GLY B 307 32.84 -10.87 -26.79
CA GLY B 307 32.50 -9.54 -26.32
C GLY B 307 31.30 -9.46 -25.40
N LYS B 308 30.73 -10.61 -25.02
CA LYS B 308 29.53 -10.64 -24.19
C LYS B 308 29.82 -10.06 -22.81
N LEU B 309 28.91 -9.21 -22.35
CA LEU B 309 29.11 -8.51 -21.10
C LEU B 309 28.62 -9.37 -19.95
N LEU B 310 29.40 -9.39 -18.89
CA LEU B 310 29.17 -10.28 -17.78
C LEU B 310 28.92 -9.45 -16.52
N ALA B 311 28.26 -10.06 -15.55
CA ALA B 311 28.01 -9.44 -14.26
C ALA B 311 28.51 -10.40 -13.21
N TYR B 312 28.95 -9.86 -12.08
CA TYR B 312 29.48 -10.68 -11.00
C TYR B 312 29.01 -10.20 -9.64
N ASN B 313 28.56 -11.13 -8.80
CA ASN B 313 28.15 -10.84 -7.42
C ASN B 313 29.32 -11.00 -6.47
N CYS B 314 29.86 -9.88 -6.01
CA CYS B 314 30.86 -9.89 -4.95
C CYS B 314 30.12 -10.04 -3.61
N SER B 315 29.88 -11.28 -3.22
CA SER B 315 28.93 -11.55 -2.16
C SER B 315 29.46 -11.45 -0.73
N PRO B 316 28.71 -10.73 0.13
CA PRO B 316 28.87 -10.80 1.58
C PRO B 316 28.63 -12.18 2.19
N SER B 317 28.01 -13.11 1.42
CA SER B 317 27.84 -14.49 1.86
C SER B 317 29.18 -15.24 1.79
N PHE B 318 30.24 -14.53 1.37
CA PHE B 318 31.60 -15.01 1.48
C PHE B 318 32.32 -14.39 2.64
N ASN B 319 33.20 -15.16 3.26
CA ASN B 319 34.12 -14.65 4.26
C ASN B 319 35.40 -14.19 3.55
N TRP B 320 35.44 -12.92 3.16
CA TRP B 320 36.48 -12.43 2.26
C TRP B 320 37.93 -12.70 2.71
N LYS B 321 38.30 -12.29 3.93
CA LYS B 321 39.68 -12.49 4.41
C LYS B 321 40.10 -13.98 4.61
N LYS B 322 39.12 -14.85 4.85
CA LYS B 322 39.37 -16.31 4.96
C LYS B 322 39.71 -16.94 3.59
N ASN B 323 39.09 -16.45 2.51
CA ASN B 323 39.33 -16.99 1.16
C ASN B 323 40.56 -16.34 0.48
N LEU B 324 40.79 -15.05 0.71
CA LEU B 324 41.79 -14.31 -0.08
C LEU B 324 42.74 -13.53 0.81
N ASP B 325 43.93 -13.23 0.30
CA ASP B 325 44.85 -12.30 0.97
C ASP B 325 44.51 -10.86 0.58
N ASP B 326 45.05 -9.92 1.34
CA ASP B 326 44.78 -8.50 1.14
C ASP B 326 45.05 -8.02 -0.29
N ALA B 327 46.10 -8.53 -0.93
CA ALA B 327 46.45 -8.09 -2.28
C ALA B 327 45.38 -8.50 -3.31
N THR B 328 44.87 -9.72 -3.17
CA THR B 328 43.85 -10.23 -4.07
C THR B 328 42.50 -9.55 -3.83
N ILE B 329 42.16 -9.26 -2.58
CA ILE B 329 40.97 -8.48 -2.26
C ILE B 329 41.03 -7.10 -2.91
N ALA B 330 42.17 -6.43 -2.76
CA ALA B 330 42.39 -5.07 -3.31
C ALA B 330 42.24 -4.97 -4.82
N LYS B 331 42.66 -6.02 -5.54
CA LYS B 331 42.70 -6.04 -7.01
C LYS B 331 41.53 -6.79 -7.64
N PHE B 332 40.60 -7.26 -6.79
CA PHE B 332 39.61 -8.25 -7.22
C PHE B 332 38.70 -7.75 -8.33
N GLN B 333 38.05 -6.62 -8.10
CA GLN B 333 37.10 -6.10 -9.06
C GLN B 333 37.79 -5.65 -10.35
N ARG B 334 39.00 -5.10 -10.21
CA ARG B 334 39.77 -4.59 -11.34
C ARG B 334 40.10 -5.74 -12.29
N GLU B 335 40.53 -6.85 -11.71
CA GLU B 335 40.82 -8.08 -12.48
C GLU B 335 39.57 -8.69 -13.10
N LEU B 336 38.45 -8.70 -12.38
CA LEU B 336 37.20 -9.14 -12.99
C LEU B 336 36.84 -8.25 -14.16
N GLY B 337 37.02 -6.94 -13.99
CA GLY B 337 36.70 -5.98 -15.06
C GLY B 337 37.40 -6.28 -16.37
N ALA B 338 38.69 -6.57 -16.29
CA ALA B 338 39.48 -6.85 -17.49
C ALA B 338 39.05 -8.17 -18.16
N MET B 339 38.36 -9.03 -17.42
CA MET B 339 37.78 -10.26 -17.99
C MET B 339 36.45 -10.04 -18.74
N GLY B 340 35.83 -8.88 -18.56
CA GLY B 340 34.53 -8.58 -19.17
C GLY B 340 33.35 -8.55 -18.21
N TYR B 341 33.62 -8.66 -16.90
CA TYR B 341 32.60 -8.47 -15.87
C TYR B 341 32.45 -6.98 -15.64
N LYS B 342 31.60 -6.37 -16.48
CA LYS B 342 31.43 -4.93 -16.52
C LYS B 342 30.39 -4.41 -15.55
N PHE B 343 29.63 -5.31 -14.94
CA PHE B 343 28.77 -4.89 -13.82
C PHE B 343 29.00 -5.78 -12.63
N GLN B 344 29.52 -5.18 -11.56
CA GLN B 344 29.87 -5.93 -10.36
C GLN B 344 29.20 -5.28 -9.15
N PHE B 345 28.77 -6.08 -8.18
CA PHE B 345 27.92 -5.55 -7.13
C PHE B 345 27.99 -6.34 -5.83
N ILE B 346 28.06 -5.63 -4.71
CA ILE B 346 27.96 -6.25 -3.40
C ILE B 346 26.46 -6.23 -3.03
N THR B 347 25.80 -7.33 -3.31
CA THR B 347 24.38 -7.49 -3.04
C THR B 347 23.92 -6.98 -1.68
N LEU B 348 24.55 -7.39 -0.58
CA LEU B 348 23.97 -7.16 0.74
C LEU B 348 24.60 -6.03 1.55
N ALA B 349 25.30 -5.12 0.87
CA ALA B 349 26.03 -4.05 1.54
C ALA B 349 25.11 -3.19 2.42
N GLY B 350 23.93 -2.87 1.89
CA GLY B 350 22.99 -2.03 2.61
C GLY B 350 22.53 -2.66 3.90
N PHE B 351 22.30 -3.97 3.84
CA PHE B 351 21.87 -4.70 5.02
C PHE B 351 23.01 -4.75 6.07
N HIS B 352 24.24 -4.99 5.64
CA HIS B 352 25.31 -5.06 6.62
C HIS B 352 25.69 -3.69 7.21
N GLN B 353 25.70 -2.62 6.40
CA GLN B 353 25.98 -1.27 6.93
CA GLN B 353 26.01 -1.30 6.93
C GLN B 353 24.91 -0.83 7.91
N LEU B 354 23.65 -1.00 7.55
CA LEU B 354 22.52 -0.57 8.39
C LEU B 354 22.55 -1.27 9.74
N ASN B 355 22.67 -2.59 9.70
CA ASN B 355 22.63 -3.41 10.89
C ASN B 355 23.88 -3.29 11.77
N TYR B 356 25.06 -3.36 11.17
CA TYR B 356 26.28 -3.10 11.93
C TYR B 356 26.21 -1.73 12.59
N GLY B 357 25.99 -0.70 11.78
CA GLY B 357 26.04 0.68 12.28
C GLY B 357 25.12 0.93 13.47
N MET B 358 23.90 0.42 13.39
CA MET B 358 22.93 0.63 14.45
C MET B 358 23.23 -0.24 15.67
N PHE B 359 23.67 -1.47 15.46
CA PHE B 359 24.03 -2.29 16.61
C PHE B 359 25.10 -1.53 17.40
N GLU B 360 26.13 -1.05 16.72
CA GLU B 360 27.22 -0.33 17.39
C GLU B 360 26.81 0.98 18.06
N LEU B 361 25.98 1.76 17.36
CA LEU B 361 25.47 2.98 17.93
C LEU B 361 24.64 2.62 19.17
N ALA B 362 23.77 1.62 19.07
CA ALA B 362 22.82 1.34 20.15
C ALA B 362 23.56 0.84 21.40
N ARG B 363 24.64 0.11 21.18
CA ARG B 363 25.44 -0.41 22.27
C ARG B 363 26.23 0.69 22.99
N GLY B 364 26.82 1.60 22.23
CA GLY B 364 27.49 2.76 22.81
C GLY B 364 26.51 3.62 23.59
N TYR B 365 25.32 3.81 23.03
CA TYR B 365 24.27 4.60 23.65
C TYR B 365 23.80 3.98 24.96
N LYS B 366 23.62 2.67 24.98
CA LYS B 366 23.27 1.98 26.22
C LYS B 366 24.28 2.29 27.30
N ASP B 367 25.56 2.18 26.96
CA ASP B 367 26.60 2.23 27.94
C ASP B 367 27.02 3.65 28.31
N ARG B 368 26.88 4.59 27.37
CA ARG B 368 27.38 5.95 27.56
C ARG B 368 26.48 7.06 27.04
N GLN B 369 25.24 6.74 26.67
CA GLN B 369 24.25 7.75 26.37
C GLN B 369 24.76 8.80 25.38
N MET B 370 24.62 10.09 25.67
CA MET B 370 24.91 11.12 24.67
C MET B 370 26.37 11.11 24.16
N ALA B 371 27.30 10.59 24.95
CA ALA B 371 28.69 10.53 24.52
C ALA B 371 28.83 9.69 23.27
N ALA B 372 28.07 8.59 23.19
CA ALA B 372 28.08 7.74 22.00
C ALA B 372 27.50 8.48 20.79
N TYR B 373 26.43 9.24 21.00
CA TYR B 373 25.84 9.91 19.86
C TYR B 373 26.73 11.04 19.36
N SER B 374 27.31 11.81 20.27
CA SER B 374 28.21 12.93 19.91
C SER B 374 29.40 12.48 19.10
N GLU B 375 29.85 11.25 19.33
CA GLU B 375 30.95 10.66 18.55
C GLU B 375 30.57 10.44 17.09
N LEU B 376 29.31 10.05 16.87
CA LEU B 376 28.77 9.89 15.53
C LEU B 376 28.74 11.24 14.84
N GLN B 377 28.12 12.21 15.53
CA GLN B 377 27.97 13.55 15.00
C GLN B 377 29.32 14.14 14.66
N GLN B 378 30.30 13.96 15.54
CA GLN B 378 31.64 14.51 15.29
C GLN B 378 32.22 13.83 14.07
N ALA B 379 32.02 12.52 13.98
CA ALA B 379 32.44 11.77 12.80
C ALA B 379 31.76 12.32 11.53
N GLU B 380 30.50 12.72 11.65
CA GLU B 380 29.79 13.29 10.49
C GLU B 380 30.44 14.58 10.02
N PHE B 381 30.55 15.54 10.94
CA PHE B 381 31.23 16.79 10.64
C PHE B 381 32.58 16.61 9.98
N ALA B 382 33.35 15.66 10.47
CA ALA B 382 34.69 15.36 9.93
C ALA B 382 34.64 14.89 8.49
N ALA B 383 33.50 14.29 8.11
CA ALA B 383 33.31 13.74 6.78
C ALA B 383 32.90 14.82 5.78
N GLU B 384 32.57 16.00 6.27
CA GLU B 384 32.14 17.07 5.38
C GLU B 384 33.21 17.46 4.36
N ALA B 385 34.49 17.37 4.77
CA ALA B 385 35.62 17.64 3.88
C ALA B 385 35.70 16.69 2.68
N ASP B 386 35.10 15.50 2.80
CA ASP B 386 35.18 14.48 1.75
CA ASP B 386 35.17 14.48 1.74
C ASP B 386 33.90 14.40 0.90
N GLY B 387 32.91 15.25 1.21
CA GLY B 387 31.64 15.30 0.45
C GLY B 387 30.34 15.12 1.24
N TYR B 388 30.45 14.75 2.51
CA TYR B 388 29.28 14.49 3.33
C TYR B 388 28.44 15.74 3.61
N THR B 389 27.12 15.60 3.51
CA THR B 389 26.20 16.72 3.66
C THR B 389 25.09 16.51 4.67
N ALA B 390 24.83 15.25 5.04
CA ALA B 390 23.64 14.93 5.85
C ALA B 390 23.67 15.50 7.30
N THR B 391 24.84 15.99 7.73
CA THR B 391 24.91 16.71 9.02
C THR B 391 23.84 17.81 9.08
N LYS B 392 23.72 18.56 7.98
CA LYS B 392 22.64 19.54 7.77
C LYS B 392 21.42 18.80 7.25
N HIS B 393 20.72 18.17 8.18
CA HIS B 393 19.69 17.22 7.84
C HIS B 393 18.43 17.86 7.27
N GLN B 394 18.16 19.11 7.66
CA GLN B 394 16.99 19.81 7.16
C GLN B 394 17.12 20.05 5.65
N ARG B 395 18.30 20.50 5.25
CA ARG B 395 18.58 20.74 3.85
C ARG B 395 18.52 19.41 3.06
N GLU B 396 19.10 18.37 3.66
CA GLU B 396 19.32 17.10 2.96
C GLU B 396 18.02 16.51 2.41
N VAL B 397 16.92 16.73 3.14
CA VAL B 397 15.63 16.12 2.83
C VAL B 397 14.67 17.09 2.14
N GLY B 398 15.11 18.33 1.90
CA GLY B 398 14.39 19.24 1.01
C GLY B 398 13.69 20.43 1.63
N THR B 399 14.04 20.76 2.88
CA THR B 399 13.40 21.85 3.56
C THR B 399 13.61 23.15 2.79
N GLY B 400 14.85 23.35 2.32
CA GLY B 400 15.18 24.52 1.50
C GLY B 400 14.42 24.54 0.19
N TYR B 401 14.30 23.36 -0.44
CA TYR B 401 13.53 23.26 -1.65
C TYR B 401 12.07 23.63 -1.45
N PHE B 402 11.45 23.11 -0.41
CA PHE B 402 10.04 23.40 -0.16
C PHE B 402 9.81 24.83 0.33
N ASP B 403 10.79 25.40 1.04
CA ASP B 403 10.76 26.80 1.36
C ASP B 403 10.63 27.60 0.06
N ALA B 404 11.45 27.26 -0.93
CA ALA B 404 11.43 28.00 -2.20
C ALA B 404 10.12 27.81 -2.91
N VAL B 405 9.51 26.63 -2.76
CA VAL B 405 8.18 26.38 -3.33
C VAL B 405 7.19 27.34 -2.69
N SER B 406 7.15 27.36 -1.36
CA SER B 406 6.26 28.28 -0.61
C SER B 406 6.43 29.73 -1.03
N LEU B 407 7.66 30.17 -1.24
CA LEU B 407 7.90 31.57 -1.65
C LEU B 407 7.41 31.87 -3.07
N ALA B 408 7.42 30.87 -3.95
CA ALA B 408 6.91 31.08 -5.31
C ALA B 408 5.38 31.12 -5.30
N ILE B 409 4.79 30.32 -4.41
CA ILE B 409 3.36 30.25 -4.26
C ILE B 409 2.78 31.55 -3.73
N THR B 410 3.45 32.14 -2.73
CA THR B 410 2.94 33.34 -2.04
C THR B 410 3.55 34.66 -2.53
N GLY B 411 4.11 34.67 -3.74
CA GLY B 411 4.86 35.85 -4.22
C GLY B 411 5.87 36.44 -3.23
N GLY B 412 6.37 35.62 -2.30
CA GLY B 412 7.45 36.02 -1.38
C GLY B 412 7.07 36.47 0.03
N GLN B 413 5.82 36.25 0.42
CA GLN B 413 5.27 36.88 1.65
C GLN B 413 5.00 35.95 2.83
N SER B 414 5.14 34.63 2.64
CA SER B 414 4.80 33.66 3.70
C SER B 414 5.52 33.98 5.02
N SER B 415 4.77 33.89 6.12
CA SER B 415 5.32 34.13 7.48
C SER B 415 5.82 32.84 8.15
N THR B 416 5.67 31.71 7.47
CA THR B 416 5.89 30.41 8.10
C THR B 416 6.89 29.56 7.31
N THR B 417 8.01 30.17 6.90
CA THR B 417 9.12 29.41 6.30
C THR B 417 10.07 28.88 7.39
N ALA B 418 10.74 27.77 7.07
CA ALA B 418 11.41 26.90 8.05
C ALA B 418 12.87 27.30 8.36
N MET B 419 13.64 27.62 7.34
CA MET B 419 15.09 27.64 7.48
C MET B 419 15.73 28.85 8.19
N LYS B 420 15.20 30.07 7.98
CA LYS B 420 15.89 31.30 8.47
C LYS B 420 16.17 31.25 9.99
N GLU B 421 15.11 30.93 10.75
CA GLU B 421 15.17 30.84 12.21
C GLU B 421 15.29 29.38 12.75
N SER B 422 15.90 28.49 11.97
CA SER B 422 16.15 27.08 12.38
C SER B 422 17.41 26.93 13.26
N THR B 423 17.43 25.90 14.11
CA THR B 423 18.66 25.54 14.83
C THR B 423 19.75 25.04 13.85
N GLU B 424 19.33 24.52 12.70
CA GLU B 424 20.27 24.14 11.63
C GLU B 424 21.09 25.35 11.17
N THR B 425 20.39 26.42 10.82
CA THR B 425 21.03 27.66 10.37
C THR B 425 21.90 28.33 11.47
N ALA B 426 21.53 28.15 12.74
CA ALA B 426 22.24 28.80 13.85
C ALA B 426 23.44 27.99 14.41
N GLN B 427 23.35 26.66 14.37
CA GLN B 427 24.35 25.77 15.01
C GLN B 427 25.25 24.97 14.04
N PHE B 428 25.00 25.08 12.73
CA PHE B 428 25.74 24.31 11.71
C PHE B 428 26.37 25.23 10.63
N ASP C 7 -4.63 -31.18 23.79
CA ASP C 7 -3.27 -31.18 23.15
C ASP C 7 -3.14 -30.03 22.13
N PHE C 8 -3.90 -30.11 21.04
CA PHE C 8 -4.00 -29.02 20.08
C PHE C 8 -5.08 -28.03 20.55
N TYR C 9 -6.02 -28.53 21.35
CA TYR C 9 -7.11 -27.72 21.92
C TYR C 9 -6.64 -26.67 22.94
N SER C 10 -5.52 -26.92 23.58
CA SER C 10 -4.95 -25.94 24.51
C SER C 10 -4.14 -24.87 23.77
N LEU C 11 -3.59 -25.23 22.61
CA LEU C 11 -2.89 -24.29 21.73
C LEU C 11 -3.84 -23.37 20.96
N ILE C 12 -5.09 -23.81 20.83
CA ILE C 12 -6.12 -23.09 20.09
C ILE C 12 -7.33 -22.86 20.99
N PRO C 13 -7.18 -21.98 21.99
CA PRO C 13 -8.12 -21.88 23.12
C PRO C 13 -9.60 -21.76 22.75
N SER C 14 -9.90 -21.03 21.67
CA SER C 14 -11.27 -20.78 21.25
C SER C 14 -11.89 -21.92 20.45
N ALA C 15 -11.14 -23.00 20.22
CA ALA C 15 -11.64 -24.08 19.36
C ALA C 15 -12.68 -24.87 20.14
N PRO C 16 -13.87 -25.04 19.57
CA PRO C 16 -14.88 -25.77 20.30
C PRO C 16 -14.60 -27.27 20.31
N LYS C 17 -15.23 -27.93 21.27
CA LYS C 17 -15.28 -29.38 21.41
C LYS C 17 -15.48 -30.05 20.08
N GLY C 18 -14.59 -30.97 19.75
CA GLY C 18 -14.73 -31.73 18.51
C GLY C 18 -14.33 -30.98 17.25
N ARG C 19 -13.79 -29.77 17.39
CA ARG C 19 -13.41 -28.96 16.23
C ARG C 19 -12.54 -29.75 15.29
N PHE C 20 -11.59 -30.50 15.83
CA PHE C 20 -10.63 -31.24 15.01
C PHE C 20 -10.87 -32.75 14.95
N ASP C 21 -12.11 -33.18 15.18
CA ASP C 21 -12.47 -34.58 14.98
C ASP C 21 -12.12 -35.02 13.57
N GLY C 22 -11.33 -36.08 13.47
CA GLY C 22 -10.99 -36.70 12.19
C GLY C 22 -9.91 -36.01 11.38
N ILE C 23 -9.33 -34.94 11.94
CA ILE C 23 -8.30 -34.16 11.26
C ILE C 23 -6.93 -34.65 11.62
N GLU C 24 -6.09 -34.87 10.62
CA GLU C 24 -4.71 -35.33 10.84
C GLU C 24 -3.74 -34.21 10.59
N ARG C 25 -2.58 -34.28 11.25
CA ARG C 25 -1.55 -33.28 11.11
C ARG C 25 -0.19 -33.96 10.91
N ALA C 26 0.61 -33.42 9.99
CA ALA C 26 1.97 -33.88 9.78
C ALA C 26 2.86 -33.50 10.97
N HIS C 27 2.52 -32.41 11.65
CA HIS C 27 3.35 -31.84 12.71
C HIS C 27 2.79 -32.19 14.08
N THR C 28 3.53 -31.85 15.13
CA THR C 28 3.11 -32.14 16.50
C THR C 28 2.71 -30.88 17.24
N ALA C 29 2.04 -31.06 18.36
CA ALA C 29 1.75 -29.98 19.27
C ALA C 29 3.05 -29.26 19.61
N GLU C 30 4.09 -30.02 19.89
CA GLU C 30 5.36 -29.41 20.28
C GLU C 30 5.94 -28.54 19.17
N ASP C 31 5.77 -28.97 17.92
CA ASP C 31 6.26 -28.20 16.79
C ASP C 31 5.61 -26.84 16.82
N VAL C 32 4.32 -26.81 17.11
CA VAL C 32 3.60 -25.58 17.19
C VAL C 32 4.21 -24.70 18.28
N LYS C 33 4.35 -25.23 19.49
CA LYS C 33 4.96 -24.45 20.57
C LYS C 33 6.31 -23.88 20.12
N ARG C 34 7.12 -24.70 19.47
CA ARG C 34 8.44 -24.25 19.03
C ARG C 34 8.42 -23.11 18.00
N LEU C 35 7.39 -23.08 17.16
CA LEU C 35 7.39 -22.25 15.95
C LEU C 35 6.53 -21.00 16.03
N ARG C 36 5.86 -20.80 17.15
CA ARG C 36 4.91 -19.70 17.29
C ARG C 36 5.41 -18.50 18.09
N GLY C 37 6.68 -18.49 18.48
CA GLY C 37 7.20 -17.43 19.34
C GLY C 37 6.74 -17.50 20.80
N SER C 38 7.24 -16.55 21.61
CA SER C 38 7.06 -16.58 23.06
C SER C 38 5.90 -15.77 23.59
N VAL C 39 5.18 -15.03 22.75
CA VAL C 39 4.09 -14.20 23.24
C VAL C 39 2.76 -14.59 22.63
N GLU C 40 1.70 -14.42 23.40
CA GLU C 40 0.34 -14.70 22.95
C GLU C 40 -0.24 -13.45 22.28
N ILE C 41 -0.37 -13.49 20.96
CA ILE C 41 -1.04 -12.47 20.21
C ILE C 41 -2.41 -13.03 19.84
N LYS C 42 -3.45 -12.23 20.06
CA LYS C 42 -4.83 -12.61 19.82
C LYS C 42 -5.32 -12.13 18.46
N TYR C 43 -6.11 -12.96 17.79
CA TYR C 43 -6.66 -12.63 16.48
C TYR C 43 -8.18 -12.76 16.60
N SER C 44 -8.77 -11.74 17.22
CA SER C 44 -10.16 -11.79 17.65
C SER C 44 -11.13 -12.11 16.52
N LEU C 45 -11.09 -11.35 15.44
CA LEU C 45 -12.06 -11.54 14.37
C LEU C 45 -11.93 -12.90 13.68
N ALA C 46 -10.73 -13.42 13.61
CA ALA C 46 -10.51 -14.74 13.02
C ALA C 46 -11.07 -15.83 13.91
N GLU C 47 -10.88 -15.72 15.22
CA GLU C 47 -11.57 -16.63 16.17
C GLU C 47 -13.06 -16.57 16.03
N MET C 48 -13.61 -15.38 16.17
CA MET C 48 -15.06 -15.22 16.12
C MET C 48 -15.59 -15.74 14.79
N GLY C 49 -14.88 -15.42 13.71
CA GLY C 49 -15.33 -15.81 12.38
C GLY C 49 -15.36 -17.32 12.19
N ALA C 50 -14.30 -17.98 12.64
CA ALA C 50 -14.13 -19.41 12.44
C ALA C 50 -15.11 -20.20 13.30
N ASN C 51 -15.30 -19.73 14.54
CA ASN C 51 -16.24 -20.41 15.42
C ASN C 51 -17.66 -20.21 14.92
N ARG C 52 -17.92 -19.06 14.31
CA ARG C 52 -19.24 -18.76 13.82
C ARG C 52 -19.50 -19.58 12.56
N LEU C 53 -18.52 -19.65 11.65
CA LEU C 53 -18.69 -20.43 10.43
C LEU C 53 -18.94 -21.90 10.75
N TRP C 54 -18.24 -22.40 11.77
CA TRP C 54 -18.35 -23.78 12.21
C TRP C 54 -19.76 -24.10 12.73
N LYS C 55 -20.27 -23.20 13.54
CA LYS C 55 -21.64 -23.27 14.02
C LYS C 55 -22.61 -23.31 12.82
N LEU C 56 -22.57 -22.27 12.00
CA LEU C 56 -23.50 -22.17 10.90
C LEU C 56 -23.54 -23.43 10.00
N ILE C 57 -22.39 -24.03 9.70
CA ILE C 57 -22.37 -25.09 8.69
C ILE C 57 -22.88 -26.42 9.25
N HIS C 58 -23.04 -26.47 10.57
CA HIS C 58 -23.58 -27.64 11.28
C HIS C 58 -25.04 -27.47 11.70
N GLU C 59 -25.59 -26.27 11.54
CA GLU C 59 -26.93 -25.92 12.04
C GLU C 59 -27.89 -25.48 10.94
N GLU C 60 -27.38 -24.78 9.94
CA GLU C 60 -28.18 -24.38 8.80
C GLU C 60 -28.27 -25.54 7.80
N ASP C 61 -29.34 -25.56 7.02
CA ASP C 61 -29.46 -26.54 5.95
C ASP C 61 -28.25 -26.42 5.02
N PHE C 62 -27.87 -25.18 4.71
CA PHE C 62 -26.64 -24.85 3.98
C PHE C 62 -26.35 -23.36 4.13
N VAL C 63 -25.08 -22.98 4.09
CA VAL C 63 -24.75 -21.57 4.14
C VAL C 63 -24.40 -21.10 2.74
N ASN C 64 -25.16 -20.12 2.25
CA ASN C 64 -24.91 -19.61 0.93
C ASN C 64 -24.35 -18.21 1.00
N ALA C 65 -23.51 -17.85 0.03
CA ALA C 65 -22.76 -16.60 0.06
C ALA C 65 -22.56 -16.11 -1.36
N LEU C 66 -22.22 -14.83 -1.48
CA LEU C 66 -21.94 -14.19 -2.77
C LEU C 66 -20.55 -13.58 -2.64
N GLY C 67 -19.80 -13.52 -3.75
CA GLY C 67 -18.45 -12.91 -3.75
C GLY C 67 -18.44 -11.38 -3.70
N ALA C 68 -17.92 -10.82 -2.62
CA ALA C 68 -17.80 -9.37 -2.45
C ALA C 68 -16.45 -8.87 -2.92
N LEU C 69 -16.46 -7.89 -3.83
CA LEU C 69 -15.21 -7.20 -4.20
C LEU C 69 -14.99 -5.88 -3.44
N SER C 70 -15.89 -5.53 -2.52
CA SER C 70 -15.67 -4.33 -1.69
C SER C 70 -16.34 -4.46 -0.34
N GLY C 71 -15.84 -3.70 0.62
CA GLY C 71 -16.49 -3.60 1.94
C GLY C 71 -17.97 -3.26 1.83
N ASN C 72 -18.30 -2.28 0.99
CA ASN C 72 -19.69 -1.85 0.87
C ASN C 72 -20.56 -3.01 0.39
N GLN C 73 -20.12 -3.74 -0.62
CA GLN C 73 -20.88 -4.87 -1.11
C GLN C 73 -21.13 -5.83 0.02
N ALA C 74 -20.10 -6.14 0.79
CA ALA C 74 -20.24 -7.13 1.87
C ALA C 74 -21.25 -6.66 2.90
N MET C 75 -21.23 -5.36 3.20
CA MET C 75 -22.16 -4.77 4.17
C MET C 75 -23.61 -4.96 3.75
N GLN C 76 -23.91 -4.77 2.47
CA GLN C 76 -25.29 -4.94 2.02
C GLN C 76 -25.67 -6.41 2.05
N MET C 77 -24.75 -7.30 1.68
CA MET C 77 -24.96 -8.73 1.82
C MET C 77 -25.42 -9.11 3.23
N VAL C 78 -24.77 -8.55 4.24
CA VAL C 78 -25.05 -8.90 5.63
C VAL C 78 -26.33 -8.26 6.10
N ARG C 79 -26.58 -7.04 5.64
CA ARG C 79 -27.81 -6.33 5.95
C ARG C 79 -29.01 -7.02 5.32
N ALA C 80 -28.83 -7.55 4.11
CA ALA C 80 -29.89 -8.27 3.41
C ALA C 80 -30.24 -9.57 4.11
N GLY C 81 -29.39 -10.05 5.00
CA GLY C 81 -29.67 -11.25 5.79
C GLY C 81 -28.77 -12.44 5.47
N LEU C 82 -27.85 -12.29 4.52
CA LEU C 82 -26.93 -13.38 4.23
C LEU C 82 -26.03 -13.52 5.45
N LYS C 83 -25.55 -14.74 5.68
CA LYS C 83 -24.88 -15.14 6.93
C LYS C 83 -23.37 -15.38 6.79
N ALA C 84 -22.86 -15.28 5.57
CA ALA C 84 -21.47 -15.48 5.26
C ALA C 84 -21.10 -14.67 4.04
N ILE C 85 -19.81 -14.41 3.86
CA ILE C 85 -19.31 -13.65 2.71
C ILE C 85 -18.23 -14.44 2.04
N TYR C 86 -18.29 -14.56 0.70
CA TYR C 86 -17.20 -15.15 -0.07
C TYR C 86 -16.25 -14.10 -0.64
N LEU C 87 -14.95 -14.39 -0.58
CA LEU C 87 -13.92 -13.50 -1.11
C LEU C 87 -13.25 -14.20 -2.28
N SER C 88 -13.56 -13.71 -3.48
CA SER C 88 -13.09 -14.28 -4.74
C SER C 88 -11.72 -13.73 -5.11
N GLY C 89 -10.79 -14.63 -5.47
CA GLY C 89 -9.52 -14.22 -6.05
C GLY C 89 -9.72 -13.65 -7.46
N TRP C 90 -10.66 -14.26 -8.18
CA TRP C 90 -11.00 -13.80 -9.52
C TRP C 90 -11.31 -12.31 -9.42
N GLN C 91 -12.18 -11.95 -8.47
CA GLN C 91 -12.60 -10.55 -8.30
C GLN C 91 -11.43 -9.63 -7.86
N VAL C 92 -10.55 -10.17 -7.01
CA VAL C 92 -9.34 -9.45 -6.60
C VAL C 92 -8.52 -9.13 -7.85
N ALA C 93 -8.33 -10.14 -8.71
CA ALA C 93 -7.62 -9.94 -9.97
C ALA C 93 -8.26 -8.84 -10.81
N ALA C 94 -9.60 -8.86 -10.86
CA ALA C 94 -10.36 -7.98 -11.77
C ALA C 94 -10.34 -6.50 -11.38
N ASP C 95 -10.55 -6.20 -10.10
CA ASP C 95 -10.84 -4.81 -9.72
C ASP C 95 -10.47 -4.45 -8.27
N ALA C 96 -9.64 -5.25 -7.59
CA ALA C 96 -9.42 -5.06 -6.15
C ALA C 96 -8.11 -5.69 -5.66
N ASN C 97 -7.02 -5.35 -6.33
CA ASN C 97 -5.71 -5.92 -6.00
C ASN C 97 -4.65 -4.86 -5.77
N THR C 98 -3.54 -5.31 -5.21
CA THR C 98 -2.52 -4.43 -4.71
C THR C 98 -1.51 -4.04 -5.77
N ALA C 99 -1.70 -4.47 -7.01
CA ALA C 99 -0.93 -3.96 -8.13
C ALA C 99 -1.72 -2.89 -8.90
N SER C 100 -2.91 -2.54 -8.41
CA SER C 100 -3.76 -1.55 -9.06
C SER C 100 -3.90 -1.80 -10.56
N ALA C 101 -4.28 -3.03 -10.92
CA ALA C 101 -4.52 -3.37 -12.31
C ALA C 101 -5.65 -4.39 -12.48
N MET C 102 -6.10 -4.50 -13.72
CA MET C 102 -7.09 -5.48 -14.11
C MET C 102 -6.35 -6.68 -14.66
N TYR C 103 -6.60 -7.82 -14.05
CA TYR C 103 -5.94 -9.04 -14.42
C TYR C 103 -6.97 -10.14 -14.65
N PRO C 104 -6.64 -11.10 -15.53
CA PRO C 104 -7.38 -12.38 -15.54
C PRO C 104 -7.00 -13.23 -14.32
N ASP C 105 -7.71 -14.34 -14.12
CA ASP C 105 -7.61 -15.10 -12.89
C ASP C 105 -6.51 -16.12 -12.95
N GLN C 106 -5.28 -15.63 -12.85
CA GLN C 106 -4.11 -16.46 -13.06
C GLN C 106 -2.98 -16.19 -12.05
N SER C 107 -3.32 -15.75 -10.85
CA SER C 107 -2.35 -15.52 -9.80
C SER C 107 -1.24 -14.58 -10.24
N LEU C 108 -1.62 -13.53 -10.94
CA LEU C 108 -0.66 -12.51 -11.42
C LEU C 108 -0.54 -11.31 -10.47
N TYR C 109 -1.51 -11.15 -9.58
CA TYR C 109 -1.49 -10.04 -8.62
C TYR C 109 -0.61 -10.41 -7.42
N PRO C 110 -0.13 -9.42 -6.65
CA PRO C 110 0.76 -9.75 -5.52
C PRO C 110 0.02 -10.51 -4.42
N ALA C 111 0.72 -11.44 -3.78
CA ALA C 111 0.12 -12.44 -2.86
C ALA C 111 -0.62 -11.83 -1.65
N ASN C 112 -0.39 -10.55 -1.35
CA ASN C 112 -1.06 -9.89 -0.21
C ASN C 112 -2.46 -9.34 -0.54
N ALA C 113 -2.89 -9.42 -1.80
CA ALA C 113 -4.12 -8.74 -2.23
C ALA C 113 -5.40 -9.25 -1.57
N GLY C 114 -5.53 -10.57 -1.46
CA GLY C 114 -6.75 -11.17 -0.91
C GLY C 114 -6.93 -10.82 0.54
N PRO C 115 -5.88 -11.01 1.34
CA PRO C 115 -5.92 -10.60 2.73
C PRO C 115 -6.16 -9.11 2.94
N GLU C 116 -5.60 -8.27 2.08
CA GLU C 116 -5.91 -6.85 2.17
C GLU C 116 -7.40 -6.60 2.00
N LEU C 117 -8.00 -7.26 1.01
CA LEU C 117 -9.47 -7.15 0.80
C LEU C 117 -10.25 -7.70 2.01
N ALA C 118 -9.75 -8.78 2.59
CA ALA C 118 -10.40 -9.36 3.78
C ALA C 118 -10.45 -8.32 4.91
N LYS C 119 -9.32 -7.64 5.13
CA LYS C 119 -9.23 -6.56 6.10
C LYS C 119 -10.23 -5.46 5.78
N ARG C 120 -10.33 -5.03 4.51
CA ARG C 120 -11.29 -3.97 4.16
C ARG C 120 -12.73 -4.35 4.49
N ILE C 121 -13.08 -5.58 4.18
CA ILE C 121 -14.42 -6.05 4.43
C ILE C 121 -14.68 -6.02 5.93
N ASN C 122 -13.80 -6.61 6.71
CA ASN C 122 -14.02 -6.62 8.16
C ASN C 122 -14.11 -5.23 8.74
N ARG C 123 -13.35 -4.30 8.18
CA ARG C 123 -13.38 -2.95 8.71
C ARG C 123 -14.65 -2.23 8.39
N THR C 124 -15.22 -2.49 7.22
CA THR C 124 -16.49 -1.85 6.90
C THR C 124 -17.55 -2.41 7.82
N LEU C 125 -17.54 -3.73 7.99
CA LEU C 125 -18.54 -4.38 8.86
C LEU C 125 -18.46 -3.84 10.29
N GLN C 126 -17.22 -3.59 10.75
CA GLN C 126 -16.95 -3.02 12.06
C GLN C 126 -17.55 -1.62 12.21
N ARG C 127 -17.45 -0.82 11.15
CA ARG C 127 -18.05 0.49 11.16
C ARG C 127 -19.58 0.38 11.20
N ALA C 128 -20.15 -0.51 10.39
CA ALA C 128 -21.59 -0.75 10.41
C ALA C 128 -22.03 -1.04 11.83
N ASP C 129 -21.30 -1.94 12.51
CA ASP C 129 -21.60 -2.32 13.90
C ASP C 129 -21.45 -1.14 14.87
N GLN C 130 -20.40 -0.34 14.67
CA GLN C 130 -20.19 0.86 15.48
C GLN C 130 -21.37 1.83 15.39
N ILE C 131 -21.84 2.05 14.17
CA ILE C 131 -22.96 2.95 13.90
C ILE C 131 -24.21 2.52 14.68
N GLU C 132 -24.59 1.26 14.50
CA GLU C 132 -25.77 0.74 15.15
C GLU C 132 -25.61 0.68 16.65
N THR C 133 -24.42 0.35 17.14
CA THR C 133 -24.21 0.28 18.57
C THR C 133 -24.35 1.67 19.17
N ALA C 134 -23.86 2.69 18.49
CA ALA C 134 -23.97 4.06 19.02
C ALA C 134 -25.44 4.55 19.00
N GLU C 135 -26.24 4.05 18.07
CA GLU C 135 -27.62 4.51 17.95
C GLU C 135 -28.47 3.95 19.10
N GLY C 136 -28.08 2.80 19.62
CA GLY C 136 -28.65 2.30 20.87
C GLY C 136 -29.93 1.49 20.79
N LYS C 137 -30.41 1.20 19.57
CA LYS C 137 -31.67 0.47 19.39
C LYS C 137 -31.42 -1.03 19.13
N GLY C 138 -30.21 -1.51 19.37
CA GLY C 138 -29.82 -2.87 18.99
C GLY C 138 -29.38 -2.95 17.53
N LEU C 139 -28.90 -4.11 17.11
CA LEU C 139 -28.49 -4.33 15.72
C LEU C 139 -29.67 -4.76 14.86
N SER C 140 -29.54 -4.58 13.55
CA SER C 140 -30.56 -4.97 12.58
C SER C 140 -30.20 -6.30 11.93
N VAL C 141 -29.10 -6.91 12.36
CA VAL C 141 -28.66 -8.17 11.81
C VAL C 141 -28.27 -9.05 13.00
N ASP C 142 -28.25 -10.37 12.78
CA ASP C 142 -27.82 -11.30 13.85
C ASP C 142 -26.45 -10.86 14.35
N THR C 143 -25.58 -10.56 13.39
CA THR C 143 -24.28 -9.96 13.69
C THR C 143 -23.77 -9.34 12.39
N TRP C 144 -22.96 -8.29 12.51
CA TRP C 144 -22.31 -7.71 11.36
C TRP C 144 -21.07 -8.52 10.92
N PHE C 145 -20.48 -9.25 11.86
CA PHE C 145 -19.25 -10.00 11.58
C PHE C 145 -19.57 -11.37 11.04
N ALA C 146 -20.16 -11.38 9.84
CA ALA C 146 -20.41 -12.58 9.11
C ALA C 146 -19.05 -13.17 8.72
N PRO C 147 -18.90 -14.50 8.79
CA PRO C 147 -17.64 -15.16 8.46
C PRO C 147 -17.24 -14.96 7.02
N ILE C 148 -15.96 -14.70 6.79
CA ILE C 148 -15.43 -14.56 5.44
C ILE C 148 -14.71 -15.85 5.07
N VAL C 149 -15.13 -16.45 3.95
CA VAL C 149 -14.42 -17.58 3.33
C VAL C 149 -13.67 -17.02 2.13
N ALA C 150 -12.35 -17.16 2.16
CA ALA C 150 -11.44 -16.43 1.26
C ALA C 150 -10.58 -17.33 0.36
N ASP C 151 -10.32 -16.85 -0.85
CA ASP C 151 -9.57 -17.57 -1.85
C ASP C 151 -8.09 -17.36 -1.67
N ALA C 152 -7.37 -18.42 -1.33
CA ALA C 152 -5.91 -18.44 -1.31
C ALA C 152 -5.30 -18.97 -2.63
N GLU C 153 -6.15 -19.26 -3.62
CA GLU C 153 -5.71 -19.76 -4.93
C GLU C 153 -4.80 -21.01 -4.84
N ALA C 154 -3.64 -20.99 -5.49
CA ALA C 154 -2.72 -22.12 -5.46
C ALA C 154 -1.69 -21.92 -4.36
N GLY C 155 -1.99 -21.01 -3.42
CA GLY C 155 -1.10 -20.72 -2.31
C GLY C 155 0.11 -19.90 -2.71
N PHE C 156 0.12 -19.41 -3.95
CA PHE C 156 1.17 -18.52 -4.47
C PHE C 156 2.57 -19.08 -4.40
N GLY C 157 2.70 -20.39 -4.57
CA GLY C 157 4.00 -21.04 -4.62
C GLY C 157 4.03 -22.34 -3.86
N GLY C 158 5.04 -22.53 -3.03
CA GLY C 158 5.20 -23.78 -2.29
C GLY C 158 4.45 -23.73 -1.00
N PRO C 159 4.73 -24.70 -0.10
CA PRO C 159 4.09 -24.80 1.22
C PRO C 159 4.35 -23.59 2.10
N LEU C 160 5.56 -23.04 2.04
CA LEU C 160 5.88 -21.83 2.80
C LEU C 160 5.04 -20.65 2.34
N ASP C 161 4.79 -20.56 1.04
CA ASP C 161 3.91 -19.51 0.51
C ASP C 161 2.46 -19.74 1.00
N ALA C 162 2.04 -20.99 1.08
CA ALA C 162 0.72 -21.30 1.59
C ALA C 162 0.64 -20.89 3.06
N PHE C 163 1.68 -21.24 3.80
CA PHE C 163 1.77 -20.95 5.21
C PHE C 163 1.61 -19.44 5.44
N GLU C 164 2.27 -18.65 4.61
CA GLU C 164 2.27 -17.21 4.79
C GLU C 164 0.93 -16.61 4.42
N ILE C 165 0.34 -17.05 3.31
CA ILE C 165 -0.96 -16.47 2.92
C ILE C 165 -2.01 -16.85 3.96
N MET C 166 -1.97 -18.08 4.45
CA MET C 166 -2.90 -18.48 5.52
C MET C 166 -2.82 -17.52 6.71
N LYS C 167 -1.59 -17.26 7.15
CA LYS C 167 -1.34 -16.34 8.23
C LYS C 167 -1.85 -14.93 7.97
N ALA C 168 -1.64 -14.42 6.76
CA ALA C 168 -2.12 -13.08 6.42
C ALA C 168 -3.65 -13.00 6.46
N TYR C 169 -4.31 -14.05 6.00
CA TYR C 169 -5.77 -14.10 6.07
C TYR C 169 -6.30 -14.12 7.49
N ILE C 170 -5.58 -14.77 8.38
CA ILE C 170 -5.99 -14.89 9.79
C ILE C 170 -5.88 -13.51 10.46
N GLU C 171 -4.77 -12.82 10.18
CA GLU C 171 -4.62 -11.44 10.63
C GLU C 171 -5.69 -10.52 10.09
N ALA C 172 -6.15 -10.75 8.86
CA ALA C 172 -7.17 -9.91 8.24
C ALA C 172 -8.55 -10.26 8.78
N GLY C 173 -8.66 -11.35 9.53
CA GLY C 173 -9.94 -11.79 10.11
C GLY C 173 -10.78 -12.77 9.30
N ALA C 174 -10.17 -13.55 8.41
CA ALA C 174 -10.91 -14.53 7.63
C ALA C 174 -11.30 -15.71 8.51
N ALA C 175 -12.42 -16.35 8.19
CA ALA C 175 -12.93 -17.50 8.98
C ALA C 175 -12.55 -18.82 8.35
N GLY C 176 -12.26 -18.77 7.06
CA GLY C 176 -11.95 -19.95 6.29
C GLY C 176 -11.23 -19.54 5.02
N VAL C 177 -10.35 -20.43 4.56
CA VAL C 177 -9.48 -20.14 3.44
C VAL C 177 -9.42 -21.37 2.57
N HIS C 178 -9.44 -21.18 1.25
CA HIS C 178 -9.38 -22.31 0.36
C HIS C 178 -8.14 -22.34 -0.51
N PHE C 179 -7.66 -23.56 -0.72
CA PHE C 179 -6.46 -23.85 -1.50
C PHE C 179 -6.74 -24.92 -2.54
N GLU C 180 -6.16 -24.78 -3.71
CA GLU C 180 -6.45 -25.65 -4.85
C GLU C 180 -5.19 -26.37 -5.35
N ASP C 181 -5.40 -27.55 -5.92
CA ASP C 181 -4.31 -28.42 -6.31
C ASP C 181 -3.79 -28.10 -7.72
N GLN C 182 -3.61 -26.80 -8.02
CA GLN C 182 -3.03 -26.33 -9.30
C GLN C 182 -1.59 -25.84 -9.08
N LEU C 183 -0.85 -25.71 -10.18
CA LEU C 183 0.50 -25.17 -10.14
C LEU C 183 0.34 -23.66 -10.14
N ALA C 184 0.81 -23.02 -9.06
CA ALA C 184 0.63 -21.60 -8.87
C ALA C 184 1.21 -20.76 -10.03
N SER C 185 2.31 -21.21 -10.61
CA SER C 185 2.96 -20.47 -11.68
C SER C 185 2.20 -20.47 -12.99
N GLU C 186 1.23 -21.38 -13.14
CA GLU C 186 0.32 -21.41 -14.31
C GLU C 186 -1.14 -21.52 -13.88
N LYS C 187 -1.47 -20.97 -12.71
CA LYS C 187 -2.82 -21.01 -12.16
C LYS C 187 -3.87 -20.44 -13.11
N LYS C 188 -5.06 -21.02 -13.07
CA LYS C 188 -6.19 -20.52 -13.84
C LYS C 188 -7.46 -20.59 -13.02
N CYS C 189 -8.40 -19.71 -13.35
CA CYS C 189 -9.79 -19.95 -13.03
C CYS C 189 -10.11 -21.39 -13.39
N GLY C 190 -10.85 -22.06 -12.52
CA GLY C 190 -11.26 -23.43 -12.73
C GLY C 190 -12.03 -23.66 -14.01
N HIS C 191 -12.65 -22.60 -14.53
CA HIS C 191 -13.50 -22.69 -15.69
C HIS C 191 -12.81 -22.17 -16.95
N LEU C 192 -11.49 -22.05 -16.88
CA LEU C 192 -10.66 -21.85 -18.07
C LEU C 192 -9.93 -23.16 -18.39
N GLY C 193 -9.41 -23.24 -19.60
CA GLY C 193 -8.54 -24.35 -20.02
C GLY C 193 -7.08 -24.14 -19.59
N GLY C 194 -6.26 -25.15 -19.90
CA GLY C 194 -4.82 -25.13 -19.61
C GLY C 194 -4.43 -25.20 -18.13
N LYS C 195 -5.26 -25.83 -17.32
CA LYS C 195 -4.94 -26.03 -15.93
C LYS C 195 -3.92 -27.14 -15.82
N VAL C 196 -2.95 -26.95 -14.93
CA VAL C 196 -1.94 -27.95 -14.62
C VAL C 196 -2.08 -28.27 -13.15
N LEU C 197 -2.29 -29.55 -12.82
CA LEU C 197 -2.34 -29.98 -11.43
C LEU C 197 -0.96 -30.26 -10.85
N ILE C 198 -0.88 -30.23 -9.52
CA ILE C 198 0.28 -30.72 -8.79
C ILE C 198 -0.02 -32.10 -8.23
N PRO C 199 1.01 -32.83 -7.77
CA PRO C 199 0.79 -34.13 -7.21
C PRO C 199 -0.10 -34.08 -5.99
N THR C 200 -0.86 -35.15 -5.80
CA THR C 200 -1.74 -35.25 -4.64
C THR C 200 -0.94 -34.90 -3.41
N ALA C 201 0.22 -35.52 -3.24
CA ALA C 201 1.07 -35.27 -2.08
C ALA C 201 1.47 -33.80 -1.94
N ALA C 202 1.79 -33.14 -3.04
CA ALA C 202 2.19 -31.75 -3.00
C ALA C 202 1.05 -30.89 -2.49
N HIS C 203 -0.18 -31.16 -2.90
CA HIS C 203 -1.28 -30.40 -2.35
C HIS C 203 -1.52 -30.68 -0.87
N ILE C 204 -1.36 -31.92 -0.45
CA ILE C 204 -1.48 -32.23 0.96
C ILE C 204 -0.50 -31.41 1.82
N ARG C 205 0.71 -31.18 1.35
CA ARG C 205 1.65 -30.32 2.06
C ARG C 205 1.17 -28.88 2.13
N ASN C 206 0.58 -28.36 1.05
CA ASN C 206 0.00 -27.03 1.14
C ASN C 206 -1.07 -26.97 2.22
N LEU C 207 -1.88 -28.01 2.29
CA LEU C 207 -2.99 -28.08 3.24
C LEU C 207 -2.48 -28.13 4.66
N ASN C 208 -1.47 -28.95 4.90
CA ASN C 208 -0.82 -29.02 6.19
C ASN C 208 -0.07 -27.77 6.59
N ALA C 209 0.50 -27.10 5.60
CA ALA C 209 1.16 -25.82 5.83
C ALA C 209 0.11 -24.84 6.32
N ALA C 210 -1.06 -24.85 5.69
CA ALA C 210 -2.14 -23.93 6.10
C ALA C 210 -2.53 -24.22 7.53
N ARG C 211 -2.68 -25.51 7.86
CA ARG C 211 -3.08 -25.91 9.20
C ARG C 211 -2.03 -25.54 10.24
N LEU C 212 -0.76 -25.76 9.90
CA LEU C 212 0.31 -25.38 10.80
C LEU C 212 0.26 -23.88 11.08
N ALA C 213 -0.11 -23.10 10.06
CA ALA C 213 -0.25 -21.65 10.23
C ALA C 213 -1.39 -21.34 11.20
N ALA C 214 -2.56 -21.90 10.97
CA ALA C 214 -3.68 -21.72 11.90
C ALA C 214 -3.26 -22.08 13.35
N ASP C 215 -2.56 -23.21 13.47
CA ASP C 215 -2.14 -23.72 14.77
C ASP C 215 -1.16 -22.77 15.42
N VAL C 216 -0.22 -22.26 14.63
CA VAL C 216 0.81 -21.39 15.14
C VAL C 216 0.19 -20.05 15.53
N MET C 217 -0.86 -19.63 14.81
CA MET C 217 -1.57 -18.42 15.13
C MET C 217 -2.56 -18.65 16.27
N GLY C 218 -2.81 -19.90 16.62
CA GLY C 218 -3.74 -20.18 17.71
C GLY C 218 -5.20 -19.95 17.39
N THR C 219 -5.56 -20.07 16.11
CA THR C 219 -6.92 -19.91 15.64
C THR C 219 -7.45 -21.20 14.99
N PRO C 220 -8.76 -21.45 15.11
CA PRO C 220 -9.39 -22.64 14.56
C PRO C 220 -9.94 -22.43 13.15
N THR C 221 -9.18 -21.69 12.36
CA THR C 221 -9.59 -21.29 11.03
C THR C 221 -9.88 -22.51 10.17
N LEU C 222 -10.93 -22.42 9.35
CA LEU C 222 -11.32 -23.51 8.47
C LEU C 222 -10.48 -23.55 7.22
N ILE C 223 -10.12 -24.75 6.82
CA ILE C 223 -9.40 -24.98 5.59
C ILE C 223 -10.36 -25.69 4.65
N VAL C 224 -10.46 -25.20 3.43
CA VAL C 224 -11.23 -25.84 2.37
C VAL C 224 -10.26 -26.32 1.29
N ALA C 225 -10.24 -27.61 1.01
CA ALA C 225 -9.43 -28.18 -0.06
C ALA C 225 -10.23 -28.21 -1.36
N ARG C 226 -9.68 -27.59 -2.40
CA ARG C 226 -10.28 -27.65 -3.73
C ARG C 226 -9.48 -28.51 -4.67
N THR C 227 -10.15 -29.32 -5.49
CA THR C 227 -9.45 -29.99 -6.60
C THR C 227 -9.92 -29.49 -7.96
N ASP C 228 -8.98 -29.28 -8.88
CA ASP C 228 -9.30 -28.88 -10.25
C ASP C 228 -9.19 -30.05 -11.28
N ALA C 229 -9.35 -31.28 -10.80
CA ALA C 229 -9.11 -32.45 -11.64
C ALA C 229 -10.22 -32.75 -12.64
N GLU C 230 -11.38 -32.13 -12.50
CA GLU C 230 -12.46 -32.43 -13.43
C GLU C 230 -12.11 -32.02 -14.85
N ALA C 231 -11.52 -30.84 -15.01
CA ALA C 231 -11.18 -30.30 -16.34
C ALA C 231 -9.67 -30.30 -16.67
N ALA C 232 -8.84 -30.25 -15.63
CA ALA C 232 -7.38 -30.22 -15.83
C ALA C 232 -6.89 -31.50 -16.52
N LYS C 233 -6.18 -31.31 -17.62
CA LYS C 233 -5.63 -32.41 -18.39
C LYS C 233 -4.10 -32.49 -18.32
N LEU C 234 -3.49 -31.66 -17.46
CA LEU C 234 -2.03 -31.63 -17.31
C LEU C 234 -1.62 -31.79 -15.83
N LEU C 235 -0.45 -32.38 -15.59
CA LEU C 235 0.07 -32.67 -14.25
C LEU C 235 1.58 -32.40 -14.23
N THR C 236 2.09 -31.74 -13.19
CA THR C 236 3.52 -31.41 -13.16
C THR C 236 4.40 -32.63 -13.16
N SER C 237 4.00 -33.63 -12.37
CA SER C 237 4.84 -34.78 -12.11
C SER C 237 3.94 -35.93 -11.75
N ASP C 238 4.34 -37.12 -12.18
CA ASP C 238 3.66 -38.40 -11.85
C ASP C 238 4.32 -39.11 -10.66
N ILE C 239 5.04 -38.37 -9.82
CA ILE C 239 5.83 -39.00 -8.78
C ILE C 239 4.97 -39.74 -7.75
N ASP C 240 3.75 -39.24 -7.49
CA ASP C 240 2.83 -39.83 -6.52
C ASP C 240 2.02 -40.94 -7.16
N GLU C 241 2.16 -42.16 -6.64
CA GLU C 241 1.47 -43.33 -7.16
C GLU C 241 -0.04 -43.19 -7.17
N ARG C 242 -0.57 -42.30 -6.33
CA ARG C 242 -2.01 -42.01 -6.34
C ARG C 242 -2.46 -41.31 -7.62
N ASP C 243 -1.58 -40.57 -8.28
CA ASP C 243 -1.95 -39.90 -9.54
C ASP C 243 -1.76 -40.77 -10.78
N GLN C 244 -0.91 -41.76 -10.66
CA GLN C 244 -0.45 -42.53 -11.82
C GLN C 244 -1.52 -43.24 -12.63
N PRO C 245 -2.60 -43.74 -11.98
CA PRO C 245 -3.67 -44.39 -12.74
C PRO C 245 -4.37 -43.50 -13.73
N PHE C 246 -4.22 -42.18 -13.59
CA PHE C 246 -4.88 -41.20 -14.43
C PHE C 246 -3.94 -40.57 -15.45
N VAL C 247 -2.66 -40.92 -15.36
CA VAL C 247 -1.71 -40.42 -16.31
C VAL C 247 -1.84 -41.24 -17.60
N ASP C 248 -1.97 -40.54 -18.72
CA ASP C 248 -1.93 -41.14 -20.06
C ASP C 248 -0.47 -41.18 -20.49
N TYR C 249 0.21 -42.29 -20.15
CA TYR C 249 1.61 -42.44 -20.45
C TYR C 249 1.88 -42.55 -21.94
N GLU C 250 0.94 -43.11 -22.72
CA GLU C 250 1.15 -43.23 -24.17
C GLU C 250 1.33 -41.85 -24.82
N ALA C 251 0.55 -40.86 -24.36
CA ALA C 251 0.57 -39.51 -24.91
C ALA C 251 1.90 -38.80 -24.64
N GLY C 252 2.53 -39.14 -23.52
CA GLY C 252 3.85 -38.62 -23.23
C GLY C 252 3.72 -37.24 -22.60
N ARG C 253 4.87 -36.62 -22.38
CA ARG C 253 4.91 -35.30 -21.76
C ARG C 253 4.76 -34.22 -22.83
N THR C 254 4.23 -33.08 -22.45
CA THR C 254 4.15 -31.93 -23.34
C THR C 254 5.52 -31.27 -23.42
N ALA C 255 5.67 -30.34 -24.36
CA ALA C 255 6.92 -29.62 -24.56
C ALA C 255 7.50 -29.03 -23.26
N GLU C 256 6.64 -28.52 -22.38
CA GLU C 256 7.09 -27.95 -21.10
C GLU C 256 7.53 -29.00 -20.07
N GLY C 257 7.25 -30.27 -20.34
CA GLY C 257 7.56 -31.36 -19.39
C GLY C 257 6.39 -31.85 -18.56
N PHE C 258 5.19 -31.34 -18.82
CA PHE C 258 4.03 -31.76 -18.07
C PHE C 258 3.57 -33.13 -18.49
N TYR C 259 3.05 -33.88 -17.54
CA TYR C 259 2.36 -35.12 -17.84
C TYR C 259 0.95 -34.82 -18.27
N GLN C 260 0.34 -35.72 -19.01
CA GLN C 260 -1.04 -35.59 -19.48
C GLN C 260 -1.93 -36.60 -18.79
N VAL C 261 -3.11 -36.17 -18.35
CA VAL C 261 -3.95 -36.98 -17.49
C VAL C 261 -5.37 -37.14 -18.01
N LYS C 262 -6.02 -38.25 -17.65
CA LYS C 262 -7.45 -38.45 -17.89
C LYS C 262 -8.19 -37.64 -16.84
N ASN C 263 -8.83 -36.55 -17.26
CA ASN C 263 -9.55 -35.68 -16.35
C ASN C 263 -10.93 -36.27 -16.10
N GLY C 264 -11.68 -35.65 -15.20
CA GLY C 264 -13.02 -36.12 -14.90
C GLY C 264 -13.26 -36.28 -13.42
N ILE C 265 -14.38 -36.90 -13.09
CA ILE C 265 -14.82 -37.07 -11.71
C ILE C 265 -14.04 -38.12 -10.94
N GLU C 266 -13.52 -39.14 -11.62
CA GLU C 266 -12.76 -40.18 -10.89
C GLU C 266 -11.51 -39.63 -10.16
N PRO C 267 -10.66 -38.85 -10.85
CA PRO C 267 -9.53 -38.25 -10.13
C PRO C 267 -9.95 -37.23 -9.05
N CYS C 268 -11.06 -36.53 -9.25
CA CYS C 268 -11.55 -35.62 -8.22
C CYS C 268 -11.87 -36.43 -6.94
N ILE C 269 -12.55 -37.56 -7.12
CA ILE C 269 -12.95 -38.44 -6.00
C ILE C 269 -11.72 -38.94 -5.26
N ALA C 270 -10.73 -39.45 -6.00
CA ALA C 270 -9.50 -39.97 -5.39
C ALA C 270 -8.71 -38.86 -4.66
N ARG C 271 -8.53 -37.72 -5.28
CA ARG C 271 -7.84 -36.61 -4.62
C ARG C 271 -8.62 -36.11 -3.40
N ALA C 272 -9.94 -35.97 -3.54
CA ALA C 272 -10.78 -35.54 -2.42
C ALA C 272 -10.60 -36.48 -1.23
N ILE C 273 -10.66 -37.78 -1.50
CA ILE C 273 -10.56 -38.79 -0.43
C ILE C 273 -9.18 -38.72 0.23
N ALA C 274 -8.15 -38.48 -0.56
CA ALA C 274 -6.81 -38.26 0.00
C ALA C 274 -6.66 -36.94 0.77
N TYR C 275 -7.30 -35.86 0.30
CA TYR C 275 -7.22 -34.56 0.95
C TYR C 275 -8.03 -34.51 2.24
N ALA C 276 -9.05 -35.35 2.32
CA ALA C 276 -10.06 -35.24 3.37
C ALA C 276 -9.55 -35.04 4.81
N PRO C 277 -8.54 -35.80 5.26
CA PRO C 277 -8.08 -35.63 6.63
C PRO C 277 -7.33 -34.34 6.89
N TYR C 278 -6.91 -33.66 5.83
CA TYR C 278 -6.12 -32.45 5.98
C TYR C 278 -6.95 -31.17 5.76
N CYS C 279 -8.28 -31.29 5.78
CA CYS C 279 -9.17 -30.13 5.57
C CYS C 279 -10.51 -30.27 6.25
N ASP C 280 -11.23 -29.16 6.35
CA ASP C 280 -12.55 -29.15 7.01
C ASP C 280 -13.71 -29.31 6.00
N LEU C 281 -13.56 -28.72 4.82
CA LEU C 281 -14.48 -28.90 3.69
C LEU C 281 -13.72 -29.30 2.40
N ILE C 282 -14.36 -30.09 1.56
CA ILE C 282 -13.78 -30.43 0.26
C ILE C 282 -14.65 -29.86 -0.84
N TRP C 283 -14.00 -29.53 -1.96
CA TRP C 283 -14.66 -28.85 -3.05
C TRP C 283 -14.09 -29.33 -4.38
N MET C 284 -15.00 -29.68 -5.27
CA MET C 284 -14.67 -30.07 -6.63
C MET C 284 -15.23 -29.02 -7.59
N GLU C 285 -14.35 -28.37 -8.35
CA GLU C 285 -14.77 -27.51 -9.44
C GLU C 285 -15.43 -28.33 -10.54
N THR C 286 -16.51 -27.80 -11.09
CA THR C 286 -17.27 -28.49 -12.13
C THR C 286 -17.39 -27.59 -13.37
N SER C 287 -17.65 -28.22 -14.52
CA SER C 287 -17.84 -27.52 -15.79
C SER C 287 -19.29 -27.07 -15.97
N LYS C 288 -20.22 -27.79 -15.35
CA LYS C 288 -21.62 -27.45 -15.44
C LYS C 288 -22.25 -27.59 -14.05
N PRO C 289 -23.32 -26.84 -13.78
CA PRO C 289 -24.08 -27.03 -12.56
C PRO C 289 -24.95 -28.29 -12.68
N ASP C 290 -24.43 -29.40 -12.17
CA ASP C 290 -24.99 -30.71 -12.42
C ASP C 290 -25.23 -31.42 -11.10
N LEU C 291 -26.50 -31.53 -10.74
CA LEU C 291 -26.90 -32.18 -9.51
C LEU C 291 -26.42 -33.64 -9.45
N ALA C 292 -26.44 -34.34 -10.59
CA ALA C 292 -26.09 -35.75 -10.59
C ALA C 292 -24.62 -35.90 -10.31
N GLN C 293 -23.80 -35.10 -10.98
CA GLN C 293 -22.36 -35.12 -10.73
C GLN C 293 -22.07 -34.74 -9.28
N ALA C 294 -22.79 -33.75 -8.76
CA ALA C 294 -22.64 -33.34 -7.35
C ALA C 294 -22.93 -34.48 -6.41
N ARG C 295 -23.99 -35.23 -6.70
CA ARG C 295 -24.42 -36.35 -5.88
C ARG C 295 -23.43 -37.50 -5.91
N ARG C 296 -22.92 -37.80 -7.10
CA ARG C 296 -21.92 -38.84 -7.30
CA ARG C 296 -21.92 -38.87 -7.25
C ARG C 296 -20.64 -38.49 -6.53
N PHE C 297 -20.23 -37.23 -6.61
CA PHE C 297 -19.07 -36.79 -5.87
C PHE C 297 -19.31 -36.95 -4.37
N ALA C 298 -20.43 -36.43 -3.90
CA ALA C 298 -20.71 -36.48 -2.47
C ALA C 298 -20.77 -37.93 -1.98
N GLU C 299 -21.45 -38.79 -2.71
CA GLU C 299 -21.63 -40.17 -2.28
C GLU C 299 -20.31 -40.92 -2.15
N ALA C 300 -19.38 -40.68 -3.08
CA ALA C 300 -18.10 -41.39 -3.10
C ALA C 300 -17.20 -40.88 -1.99
N VAL C 301 -17.24 -39.59 -1.72
CA VAL C 301 -16.44 -39.03 -0.63
C VAL C 301 -16.97 -39.52 0.73
N HIS C 302 -18.28 -39.59 0.83
CA HIS C 302 -18.94 -40.07 2.06
C HIS C 302 -18.81 -41.57 2.32
N LYS C 303 -18.64 -42.38 1.27
CA LYS C 303 -18.31 -43.78 1.45
C LYS C 303 -17.04 -43.88 2.30
N ALA C 304 -16.01 -43.14 1.91
CA ALA C 304 -14.73 -43.14 2.64
C ALA C 304 -14.76 -42.32 3.93
N HIS C 305 -15.56 -41.25 3.96
CA HIS C 305 -15.60 -40.32 5.09
C HIS C 305 -17.02 -39.83 5.42
N PRO C 306 -17.80 -40.67 6.12
CA PRO C 306 -19.19 -40.29 6.45
C PRO C 306 -19.29 -38.90 7.07
N GLY C 307 -20.27 -38.12 6.65
CA GLY C 307 -20.51 -36.79 7.25
C GLY C 307 -19.63 -35.62 6.80
N LYS C 308 -18.69 -35.89 5.90
CA LYS C 308 -17.75 -34.87 5.45
C LYS C 308 -18.52 -33.74 4.77
N LEU C 309 -18.26 -32.53 5.23
CA LEU C 309 -18.86 -31.33 4.69
C LEU C 309 -18.18 -30.93 3.37
N LEU C 310 -19.00 -30.41 2.47
CA LEU C 310 -18.56 -30.13 1.11
C LEU C 310 -18.85 -28.68 0.82
N ALA C 311 -18.24 -28.17 -0.23
CA ALA C 311 -18.49 -26.81 -0.68
C ALA C 311 -18.76 -26.85 -2.17
N TYR C 312 -19.62 -25.97 -2.65
CA TYR C 312 -19.97 -26.00 -4.08
C TYR C 312 -20.00 -24.59 -4.64
N ASN C 313 -19.34 -24.42 -5.77
CA ASN C 313 -19.22 -23.12 -6.44
C ASN C 313 -20.33 -22.98 -7.41
N CYS C 314 -21.26 -22.06 -7.16
CA CYS C 314 -22.34 -21.81 -8.11
C CYS C 314 -21.91 -20.75 -9.12
N SER C 315 -21.15 -21.17 -10.12
CA SER C 315 -20.29 -20.26 -10.87
C SER C 315 -21.02 -19.47 -11.97
N PRO C 316 -20.79 -18.14 -11.99
CA PRO C 316 -21.27 -17.36 -13.13
C PRO C 316 -20.54 -17.71 -14.44
N SER C 317 -19.48 -18.51 -14.35
CA SER C 317 -18.82 -19.03 -15.55
C SER C 317 -19.68 -20.06 -16.26
N PHE C 318 -20.80 -20.45 -15.63
CA PHE C 318 -21.84 -21.25 -16.27
C PHE C 318 -22.90 -20.33 -16.87
N ASN C 319 -23.50 -20.77 -17.98
CA ASN C 319 -24.70 -20.17 -18.52
C ASN C 319 -25.88 -20.93 -17.93
N TRP C 320 -26.59 -20.31 -16.98
CA TRP C 320 -27.52 -21.06 -16.13
C TRP C 320 -28.76 -21.58 -16.85
N LYS C 321 -29.51 -20.72 -17.53
CA LYS C 321 -30.74 -21.14 -18.22
C LYS C 321 -30.47 -22.01 -19.47
N LYS C 322 -29.28 -21.92 -20.04
CA LYS C 322 -28.89 -22.81 -21.13
C LYS C 322 -28.65 -24.25 -20.60
N ASN C 323 -28.19 -24.37 -19.36
CA ASN C 323 -27.92 -25.67 -18.77
C ASN C 323 -29.15 -26.33 -18.14
N LEU C 324 -30.04 -25.50 -17.61
CA LEU C 324 -31.07 -25.97 -16.69
C LEU C 324 -32.39 -25.26 -16.90
N ASP C 325 -33.48 -25.92 -16.53
CA ASP C 325 -34.82 -25.31 -16.57
C ASP C 325 -35.06 -24.53 -15.28
N ASP C 326 -36.07 -23.65 -15.31
CA ASP C 326 -36.33 -22.73 -14.20
C ASP C 326 -36.53 -23.45 -12.87
N ALA C 327 -37.08 -24.66 -12.89
CA ALA C 327 -37.36 -25.40 -11.64
C ALA C 327 -36.10 -25.97 -10.99
N THR C 328 -35.18 -26.44 -11.83
CA THR C 328 -33.91 -27.02 -11.37
C THR C 328 -33.01 -25.90 -10.83
N ILE C 329 -33.02 -24.75 -11.51
CA ILE C 329 -32.39 -23.54 -11.01
C ILE C 329 -32.97 -23.15 -9.65
N ALA C 330 -34.28 -23.16 -9.55
CA ALA C 330 -35.00 -22.79 -8.32
C ALA C 330 -34.61 -23.64 -7.11
N LYS C 331 -34.51 -24.96 -7.29
CA LYS C 331 -34.21 -25.88 -6.17
C LYS C 331 -32.70 -26.14 -5.96
N PHE C 332 -31.88 -25.71 -6.91
CA PHE C 332 -30.47 -26.13 -6.99
C PHE C 332 -29.71 -26.16 -5.67
N GLN C 333 -29.73 -25.05 -4.93
CA GLN C 333 -28.97 -24.95 -3.70
C GLN C 333 -29.53 -25.85 -2.60
N ARG C 334 -30.86 -25.97 -2.53
CA ARG C 334 -31.51 -26.82 -1.50
CA ARG C 334 -31.47 -26.81 -1.48
C ARG C 334 -31.15 -28.29 -1.70
N GLU C 335 -31.20 -28.74 -2.95
CA GLU C 335 -30.79 -30.10 -3.26
C GLU C 335 -29.32 -30.34 -2.83
N LEU C 336 -28.41 -29.45 -3.23
CA LEU C 336 -27.00 -29.59 -2.84
C LEU C 336 -26.84 -29.66 -1.32
N GLY C 337 -27.57 -28.81 -0.60
CA GLY C 337 -27.55 -28.83 0.86
C GLY C 337 -27.79 -30.21 1.43
N ALA C 338 -28.84 -30.86 0.94
CA ALA C 338 -29.23 -32.20 1.38
C ALA C 338 -28.13 -33.24 1.12
N MET C 339 -27.31 -33.01 0.10
CA MET C 339 -26.18 -33.90 -0.16
C MET C 339 -24.99 -33.65 0.79
N GLY C 340 -24.98 -32.54 1.52
CA GLY C 340 -23.86 -32.23 2.43
C GLY C 340 -23.01 -31.04 1.98
N TYR C 341 -23.48 -30.33 0.95
CA TYR C 341 -22.82 -29.13 0.46
C TYR C 341 -23.28 -27.95 1.31
N LYS C 342 -22.63 -27.77 2.45
CA LYS C 342 -23.12 -26.84 3.46
C LYS C 342 -22.54 -25.46 3.30
N PHE C 343 -21.59 -25.29 2.38
CA PHE C 343 -21.18 -23.98 1.99
C PHE C 343 -21.24 -23.86 0.47
N GLN C 344 -22.13 -22.99 -0.03
CA GLN C 344 -22.30 -22.74 -1.46
C GLN C 344 -22.18 -21.25 -1.73
N PHE C 345 -21.61 -20.90 -2.88
CA PHE C 345 -21.24 -19.52 -3.14
C PHE C 345 -21.26 -19.18 -4.63
N ILE C 346 -21.83 -18.02 -4.95
CA ILE C 346 -21.73 -17.47 -6.31
C ILE C 346 -20.48 -16.61 -6.34
N THR C 347 -19.41 -17.16 -6.90
CA THR C 347 -18.09 -16.56 -6.89
C THR C 347 -18.06 -15.13 -7.43
N LEU C 348 -18.54 -14.91 -8.65
CA LEU C 348 -18.33 -13.61 -9.32
C LEU C 348 -19.55 -12.71 -9.23
N ALA C 349 -20.33 -12.89 -8.17
CA ALA C 349 -21.59 -12.15 -8.00
C ALA C 349 -21.32 -10.64 -7.96
N GLY C 350 -20.35 -10.26 -7.13
CA GLY C 350 -19.97 -8.86 -6.99
C GLY C 350 -19.58 -8.20 -8.28
N PHE C 351 -18.79 -8.90 -9.09
CA PHE C 351 -18.29 -8.33 -10.34
C PHE C 351 -19.43 -8.14 -11.34
N HIS C 352 -20.26 -9.16 -11.52
CA HIS C 352 -21.40 -9.03 -12.44
C HIS C 352 -22.38 -7.94 -12.00
N GLN C 353 -22.71 -7.89 -10.70
CA GLN C 353 -23.66 -6.87 -10.25
C GLN C 353 -23.09 -5.47 -10.51
N LEU C 354 -21.84 -5.25 -10.10
CA LEU C 354 -21.19 -3.97 -10.24
C LEU C 354 -21.15 -3.50 -11.70
N ASN C 355 -20.71 -4.37 -12.57
CA ASN C 355 -20.47 -4.01 -13.96
C ASN C 355 -21.77 -3.89 -14.75
N TYR C 356 -22.74 -4.77 -14.50
CA TYR C 356 -24.04 -4.65 -15.15
C TYR C 356 -24.75 -3.35 -14.75
N GLY C 357 -24.79 -3.12 -13.43
CA GLY C 357 -25.51 -1.99 -12.86
C GLY C 357 -25.01 -0.64 -13.34
N MET C 358 -23.68 -0.48 -13.40
CA MET C 358 -23.09 0.77 -13.84
C MET C 358 -23.16 0.95 -15.36
N PHE C 359 -23.03 -0.13 -16.12
CA PHE C 359 -23.22 -0.02 -17.56
C PHE C 359 -24.60 0.55 -17.84
N GLU C 360 -25.61 0.01 -17.17
CA GLU C 360 -26.99 0.40 -17.43
C GLU C 360 -27.28 1.80 -16.91
N LEU C 361 -26.75 2.13 -15.72
CA LEU C 361 -26.87 3.49 -15.22
C LEU C 361 -26.26 4.47 -16.22
N ALA C 362 -25.02 4.20 -16.66
CA ALA C 362 -24.30 5.11 -17.56
C ALA C 362 -25.01 5.30 -18.90
N ARG C 363 -25.56 4.22 -19.40
CA ARG C 363 -26.27 4.22 -20.65
C ARG C 363 -27.53 5.07 -20.56
N GLY C 364 -28.26 4.94 -19.46
CA GLY C 364 -29.44 5.75 -19.23
C GLY C 364 -29.04 7.20 -19.12
N TYR C 365 -27.93 7.45 -18.43
CA TYR C 365 -27.42 8.79 -18.19
C TYR C 365 -27.00 9.45 -19.49
N LYS C 366 -26.34 8.72 -20.38
CA LYS C 366 -26.02 9.24 -21.70
C LYS C 366 -27.29 9.64 -22.48
N ASP C 367 -28.31 8.78 -22.44
CA ASP C 367 -29.53 8.96 -23.21
C ASP C 367 -30.42 10.11 -22.69
N ARG C 368 -30.62 10.18 -21.37
CA ARG C 368 -31.50 11.18 -20.77
C ARG C 368 -31.05 11.78 -19.43
N GLN C 369 -29.76 11.77 -19.17
CA GLN C 369 -29.21 12.53 -18.07
C GLN C 369 -29.92 12.23 -16.74
N MET C 370 -30.41 13.26 -16.04
CA MET C 370 -30.88 13.10 -14.65
C MET C 370 -32.09 12.16 -14.47
N ALA C 371 -32.88 11.95 -15.52
CA ALA C 371 -34.05 11.09 -15.42
C ALA C 371 -33.59 9.69 -15.06
N ALA C 372 -32.51 9.23 -15.70
CA ALA C 372 -31.91 7.93 -15.42
C ALA C 372 -31.49 7.82 -13.95
N TYR C 373 -30.81 8.84 -13.40
CA TYR C 373 -30.37 8.76 -12.00
C TYR C 373 -31.56 8.85 -11.04
N SER C 374 -32.55 9.68 -11.36
CA SER C 374 -33.75 9.81 -10.52
C SER C 374 -34.48 8.47 -10.42
N GLU C 375 -34.49 7.71 -11.51
CA GLU C 375 -35.01 6.35 -11.49
C GLU C 375 -34.29 5.45 -10.47
N LEU C 376 -32.96 5.54 -10.43
CA LEU C 376 -32.19 4.79 -9.44
C LEU C 376 -32.64 5.19 -8.04
N GLN C 377 -32.66 6.51 -7.80
CA GLN C 377 -33.05 7.05 -6.49
C GLN C 377 -34.45 6.62 -6.03
N GLN C 378 -35.41 6.61 -6.95
CA GLN C 378 -36.76 6.16 -6.60
C GLN C 378 -36.74 4.68 -6.28
N ALA C 379 -36.07 3.87 -7.08
CA ALA C 379 -35.95 2.45 -6.77
C ALA C 379 -35.37 2.30 -5.33
N GLU C 380 -34.31 3.05 -5.03
CA GLU C 380 -33.74 3.04 -3.68
C GLU C 380 -34.78 3.34 -2.59
N PHE C 381 -35.52 4.43 -2.75
CA PHE C 381 -36.58 4.74 -1.80
C PHE C 381 -37.56 3.57 -1.65
N ALA C 382 -37.97 3.01 -2.79
CA ALA C 382 -38.91 1.88 -2.80
C ALA C 382 -38.38 0.65 -2.09
N ALA C 383 -37.05 0.53 -1.96
CA ALA C 383 -36.44 -0.63 -1.32
C ALA C 383 -36.33 -0.47 0.21
N GLU C 384 -36.65 0.72 0.71
CA GLU C 384 -36.52 0.99 2.14
C GLU C 384 -37.47 0.14 2.97
N ALA C 385 -38.66 -0.13 2.43
CA ALA C 385 -39.60 -1.06 3.07
C ALA C 385 -38.99 -2.46 3.27
N ASP C 386 -38.17 -2.87 2.30
CA ASP C 386 -37.53 -4.18 2.32
CA ASP C 386 -37.52 -4.18 2.32
C ASP C 386 -36.22 -4.18 3.13
N GLY C 387 -35.86 -3.03 3.72
CA GLY C 387 -34.70 -2.91 4.63
C GLY C 387 -33.49 -2.09 4.16
N TYR C 388 -33.57 -1.50 2.96
CA TYR C 388 -32.45 -0.76 2.38
C TYR C 388 -32.28 0.60 3.08
N THR C 389 -31.05 0.97 3.38
CA THR C 389 -30.79 2.19 4.14
C THR C 389 -29.85 3.17 3.45
N ALA C 390 -29.09 2.69 2.47
CA ALA C 390 -28.04 3.49 1.83
C ALA C 390 -28.55 4.72 1.06
N THR C 391 -29.86 4.87 0.91
CA THR C 391 -30.41 6.13 0.39
C THR C 391 -29.95 7.27 1.28
N LYS C 392 -29.97 7.06 2.59
CA LYS C 392 -29.36 8.03 3.53
C LYS C 392 -27.87 7.72 3.65
N HIS C 393 -27.12 8.20 2.66
CA HIS C 393 -25.75 7.78 2.50
C HIS C 393 -24.86 8.32 3.60
N GLN C 394 -25.25 9.45 4.20
CA GLN C 394 -24.42 10.09 5.22
C GLN C 394 -24.46 9.22 6.47
N ARG C 395 -25.65 8.77 6.87
CA ARG C 395 -25.70 7.85 8.01
C ARG C 395 -24.94 6.55 7.70
N GLU C 396 -25.09 6.06 6.47
CA GLU C 396 -24.63 4.73 6.07
C GLU C 396 -23.14 4.52 6.27
N VAL C 397 -22.36 5.57 6.06
CA VAL C 397 -20.89 5.49 6.12
C VAL C 397 -20.33 5.94 7.47
N GLY C 398 -21.23 6.33 8.38
CA GLY C 398 -20.89 6.64 9.76
C GLY C 398 -20.75 8.10 10.14
N THR C 399 -21.38 9.02 9.40
CA THR C 399 -21.29 10.44 9.70
C THR C 399 -21.92 10.68 11.07
N GLY C 400 -22.99 9.94 11.34
CA GLY C 400 -23.67 10.03 12.63
C GLY C 400 -22.79 9.54 13.76
N TYR C 401 -22.05 8.46 13.52
CA TYR C 401 -21.15 7.91 14.53
C TYR C 401 -20.03 8.87 14.90
N PHE C 402 -19.42 9.49 13.90
CA PHE C 402 -18.30 10.40 14.14
C PHE C 402 -18.76 11.72 14.76
N ASP C 403 -20.01 12.12 14.49
CA ASP C 403 -20.63 13.21 15.23
C ASP C 403 -20.66 12.87 16.72
N ALA C 404 -21.14 11.68 17.04
CA ALA C 404 -21.18 11.24 18.41
C ALA C 404 -19.76 11.16 19.00
N VAL C 405 -18.75 10.84 18.19
CA VAL C 405 -17.37 10.81 18.66
C VAL C 405 -16.90 12.22 19.05
N SER C 406 -17.23 13.21 18.22
CA SER C 406 -16.86 14.60 18.48
C SER C 406 -17.49 15.14 19.77
N LEU C 407 -18.76 14.80 19.98
CA LEU C 407 -19.48 15.26 21.15
C LEU C 407 -18.93 14.64 22.42
N ALA C 408 -18.52 13.38 22.36
CA ALA C 408 -17.86 12.80 23.51
C ALA C 408 -16.50 13.49 23.72
N ILE C 409 -15.73 13.71 22.65
CA ILE C 409 -14.44 14.41 22.79
C ILE C 409 -14.63 15.77 23.45
N THR C 410 -15.65 16.51 23.03
CA THR C 410 -15.82 17.90 23.44
C THR C 410 -16.86 18.12 24.54
N GLY C 411 -17.29 17.04 25.20
CA GLY C 411 -18.36 17.11 26.24
C GLY C 411 -19.69 17.69 25.79
N GLY C 412 -20.01 17.55 24.50
CA GLY C 412 -21.27 18.04 23.92
C GLY C 412 -21.16 19.41 23.26
N GLN C 413 -19.94 19.96 23.17
CA GLN C 413 -19.74 21.37 22.84
C GLN C 413 -19.10 21.68 21.47
N SER C 414 -19.16 20.75 20.52
CA SER C 414 -18.68 21.04 19.15
C SER C 414 -19.68 21.93 18.38
N SER C 415 -19.15 22.95 17.72
CA SER C 415 -19.92 23.79 16.79
C SER C 415 -20.03 23.12 15.43
N THR C 416 -19.07 22.24 15.12
CA THR C 416 -18.86 21.80 13.74
C THR C 416 -19.40 20.38 13.47
N THR C 417 -20.50 19.99 14.10
CA THR C 417 -21.07 18.66 13.82
C THR C 417 -21.84 18.69 12.51
N ALA C 418 -21.94 17.53 11.86
CA ALA C 418 -22.35 17.44 10.45
C ALA C 418 -23.86 17.20 10.19
N MET C 419 -24.50 16.33 10.96
CA MET C 419 -25.83 15.79 10.60
C MET C 419 -27.04 16.72 10.80
N LYS C 420 -27.07 17.50 11.89
CA LYS C 420 -28.24 18.31 12.27
C LYS C 420 -28.73 19.21 11.13
N GLU C 421 -27.78 19.86 10.46
CA GLU C 421 -28.08 20.82 9.38
C GLU C 421 -27.76 20.29 7.98
N SER C 422 -27.59 18.97 7.87
CA SER C 422 -27.33 18.32 6.59
C SER C 422 -28.58 18.33 5.70
N THR C 423 -28.37 18.14 4.41
CA THR C 423 -29.49 18.05 3.47
C THR C 423 -30.14 16.68 3.57
N GLU C 424 -29.41 15.70 4.09
CA GLU C 424 -29.99 14.39 4.41
C GLU C 424 -31.13 14.51 5.42
N THR C 425 -30.88 15.27 6.49
CA THR C 425 -31.87 15.48 7.54
C THR C 425 -33.07 16.27 7.03
N ALA C 426 -32.81 17.22 6.13
CA ALA C 426 -33.86 18.10 5.59
C ALA C 426 -34.70 17.45 4.46
N GLN C 427 -34.05 16.67 3.59
CA GLN C 427 -34.69 16.15 2.37
C GLN C 427 -35.06 14.66 2.36
N PHE C 428 -34.59 13.90 3.34
CA PHE C 428 -34.90 12.44 3.43
C PHE C 428 -35.60 12.10 4.76
N LYS C 429 -36.75 12.74 4.99
CA LYS C 429 -37.51 12.59 6.24
C LYS C 429 -38.78 11.79 6.00
N ASP D 7 6.03 31.43 -23.24
CA ASP D 7 6.72 31.78 -21.95
C ASP D 7 6.45 30.67 -20.92
N PHE D 8 5.18 30.54 -20.53
CA PHE D 8 4.74 29.36 -19.79
C PHE D 8 4.40 28.22 -20.77
N TYR D 9 4.15 28.58 -22.02
CA TYR D 9 3.82 27.58 -23.03
C TYR D 9 5.02 26.68 -23.37
N SER D 10 6.23 27.24 -23.30
CA SER D 10 7.44 26.42 -23.53
C SER D 10 7.75 25.52 -22.32
N LEU D 11 7.26 25.88 -21.13
CA LEU D 11 7.41 25.01 -19.95
C LEU D 11 6.41 23.86 -19.96
N ILE D 12 5.30 24.06 -20.68
CA ILE D 12 4.23 23.06 -20.84
C ILE D 12 3.97 22.78 -22.35
N PRO D 13 4.86 21.99 -23.00
CA PRO D 13 4.85 21.79 -24.47
C PRO D 13 3.52 21.28 -25.07
N SER D 14 2.72 20.59 -24.27
CA SER D 14 1.47 19.98 -24.72
C SER D 14 0.27 20.92 -24.67
N ALA D 15 0.43 22.08 -24.05
CA ALA D 15 -0.67 23.03 -23.91
C ALA D 15 -1.09 23.55 -25.27
N PRO D 16 -2.39 23.48 -25.60
CA PRO D 16 -2.86 24.04 -26.88
C PRO D 16 -2.93 25.56 -26.83
N LYS D 17 -2.94 26.21 -28.00
CA LYS D 17 -3.06 27.66 -28.10
C LYS D 17 -4.20 28.17 -27.22
N GLY D 18 -3.92 29.23 -26.48
CA GLY D 18 -4.93 29.88 -25.64
C GLY D 18 -5.25 29.15 -24.35
N ARG D 19 -4.53 28.08 -24.06
CA ARG D 19 -4.82 27.27 -22.89
C ARG D 19 -4.87 28.14 -21.63
N PHE D 20 -3.89 29.02 -21.47
CA PHE D 20 -3.79 29.82 -20.26
C PHE D 20 -4.28 31.25 -20.42
N ASP D 21 -5.17 31.49 -21.39
CA ASP D 21 -5.82 32.82 -21.54
C ASP D 21 -6.57 33.22 -20.28
N GLY D 22 -6.29 34.43 -19.82
CA GLY D 22 -6.98 34.97 -18.66
C GLY D 22 -6.55 34.36 -17.34
N ILE D 23 -5.49 33.55 -17.36
CA ILE D 23 -5.01 32.90 -16.15
C ILE D 23 -3.85 33.67 -15.55
N GLU D 24 -4.03 34.08 -14.29
CA GLU D 24 -2.99 34.75 -13.53
C GLU D 24 -2.25 33.72 -12.69
N ARG D 25 -0.96 33.99 -12.49
CA ARG D 25 -0.08 33.16 -11.70
C ARG D 25 0.70 34.07 -10.73
N ALA D 26 0.87 33.63 -9.48
CA ALA D 26 1.72 34.34 -8.51
C ALA D 26 3.22 34.20 -8.82
N HIS D 27 3.58 33.10 -9.50
CA HIS D 27 4.98 32.74 -9.73
C HIS D 27 5.39 33.07 -11.14
N THR D 28 6.71 33.12 -11.36
CA THR D 28 7.25 33.42 -12.69
C THR D 28 7.65 32.14 -13.36
N ALA D 29 7.91 32.24 -14.66
CA ALA D 29 8.44 31.13 -15.43
C ALA D 29 9.80 30.69 -14.91
N GLU D 30 10.61 31.64 -14.45
CA GLU D 30 11.89 31.31 -13.82
C GLU D 30 11.70 30.48 -12.55
N ASP D 31 10.69 30.80 -11.75
CA ASP D 31 10.39 30.00 -10.55
C ASP D 31 10.16 28.55 -10.97
N VAL D 32 9.38 28.35 -12.03
CA VAL D 32 9.12 26.99 -12.50
C VAL D 32 10.41 26.27 -12.90
N LYS D 33 11.18 26.84 -13.83
CA LYS D 33 12.48 26.24 -14.23
C LYS D 33 13.37 25.91 -13.01
N ARG D 34 13.33 26.76 -12.00
CA ARG D 34 14.16 26.60 -10.83
C ARG D 34 13.64 25.48 -9.91
N LEU D 35 12.34 25.23 -9.92
CA LEU D 35 11.72 24.29 -8.99
C LEU D 35 11.36 22.90 -9.57
N ARG D 36 11.73 22.62 -10.82
CA ARG D 36 11.24 21.43 -11.50
C ARG D 36 12.30 20.35 -11.72
N GLY D 37 13.49 20.54 -11.18
CA GLY D 37 14.59 19.58 -11.38
C GLY D 37 15.27 19.72 -12.74
N SER D 38 16.35 18.95 -12.92
CA SER D 38 17.23 19.10 -14.10
C SER D 38 16.88 18.18 -15.26
N VAL D 39 15.93 17.28 -15.09
CA VAL D 39 15.59 16.32 -16.14
C VAL D 39 14.12 16.42 -16.54
N GLU D 40 13.84 15.98 -17.76
CA GLU D 40 12.50 15.96 -18.29
C GLU D 40 11.83 14.62 -18.02
N ILE D 41 10.73 14.64 -17.28
CA ILE D 41 9.93 13.43 -17.04
C ILE D 41 8.56 13.71 -17.58
N LYS D 42 8.02 12.74 -18.31
CA LYS D 42 6.79 12.91 -19.01
C LYS D 42 5.69 12.21 -18.25
N TYR D 43 4.50 12.79 -18.34
CA TYR D 43 3.30 12.31 -17.66
C TYR D 43 2.21 12.24 -18.71
N SER D 44 2.25 11.15 -19.49
CA SER D 44 1.55 11.03 -20.74
C SER D 44 0.06 11.07 -20.59
N LEU D 45 -0.46 10.27 -19.66
CA LEU D 45 -1.90 10.23 -19.45
C LEU D 45 -2.46 11.53 -18.92
N ALA D 46 -1.64 12.28 -18.19
CA ALA D 46 -2.06 13.56 -17.63
C ALA D 46 -2.15 14.59 -18.76
N GLU D 47 -1.13 14.60 -19.60
CA GLU D 47 -1.15 15.43 -20.80
C GLU D 47 -2.38 15.16 -21.65
N MET D 48 -2.53 13.91 -22.04
CA MET D 48 -3.61 13.50 -22.93
C MET D 48 -4.96 13.82 -22.32
N GLY D 49 -5.15 13.43 -21.07
CA GLY D 49 -6.39 13.71 -20.36
C GLY D 49 -6.72 15.19 -20.29
N ALA D 50 -5.73 16.02 -19.99
CA ALA D 50 -5.97 17.44 -19.81
C ALA D 50 -6.39 18.09 -21.13
N ASN D 51 -5.70 17.73 -22.21
CA ASN D 51 -6.00 18.32 -23.51
C ASN D 51 -7.34 17.84 -24.04
N ARG D 52 -7.60 16.55 -23.91
CA ARG D 52 -8.90 16.04 -24.33
C ARG D 52 -10.04 16.65 -23.51
N LEU D 53 -9.84 16.84 -22.21
CA LEU D 53 -10.86 17.47 -21.40
C LEU D 53 -11.05 18.92 -21.87
N TRP D 54 -9.95 19.62 -22.11
CA TRP D 54 -10.03 20.99 -22.62
C TRP D 54 -10.83 21.06 -23.94
N LYS D 55 -10.52 20.20 -24.91
CA LYS D 55 -11.28 20.18 -26.16
C LYS D 55 -12.76 19.83 -25.93
N LEU D 56 -13.07 18.88 -25.05
CA LEU D 56 -14.46 18.47 -24.87
C LEU D 56 -15.27 19.60 -24.28
N ILE D 57 -14.75 20.28 -23.27
CA ILE D 57 -15.57 21.30 -22.57
C ILE D 57 -15.81 22.53 -23.45
N HIS D 58 -15.03 22.72 -24.50
CA HIS D 58 -15.26 23.81 -25.44
C HIS D 58 -16.17 23.45 -26.61
N GLU D 59 -16.27 22.17 -26.96
CA GLU D 59 -16.96 21.72 -28.18
C GLU D 59 -18.34 21.12 -27.92
N GLU D 60 -18.48 20.41 -26.82
CA GLU D 60 -19.76 19.80 -26.46
C GLU D 60 -20.69 20.81 -25.82
N ASP D 61 -21.99 20.61 -25.98
CA ASP D 61 -23.00 21.35 -25.25
C ASP D 61 -22.68 21.33 -23.75
N PHE D 62 -22.34 20.15 -23.25
CA PHE D 62 -21.81 19.97 -21.90
C PHE D 62 -21.22 18.55 -21.75
N VAL D 63 -20.19 18.42 -20.93
CA VAL D 63 -19.59 17.13 -20.64
C VAL D 63 -20.14 16.66 -19.30
N ASN D 64 -20.76 15.50 -19.27
CA ASN D 64 -21.35 15.02 -18.02
C ASN D 64 -20.70 13.71 -17.59
N ALA D 65 -20.67 13.45 -16.29
CA ALA D 65 -19.97 12.30 -15.77
C ALA D 65 -20.66 11.75 -14.54
N LEU D 66 -20.22 10.57 -14.15
CA LEU D 66 -20.67 9.90 -12.93
C LEU D 66 -19.46 9.62 -12.08
N GLY D 67 -19.63 9.62 -10.75
CA GLY D 67 -18.57 9.25 -9.81
C GLY D 67 -18.23 7.75 -9.79
N ALA D 68 -16.99 7.41 -10.12
CA ALA D 68 -16.54 6.03 -10.13
C ALA D 68 -15.78 5.71 -8.86
N LEU D 69 -16.13 4.61 -8.20
CA LEU D 69 -15.38 4.18 -7.05
C LEU D 69 -14.44 3.00 -7.34
N SER D 70 -14.46 2.50 -8.57
CA SER D 70 -13.52 1.49 -9.01
C SER D 70 -13.20 1.60 -10.49
N GLY D 71 -12.09 0.97 -10.89
CA GLY D 71 -11.72 0.84 -12.28
C GLY D 71 -12.81 0.24 -13.16
N ASN D 72 -13.39 -0.89 -12.75
CA ASN D 72 -14.48 -1.52 -13.50
C ASN D 72 -15.65 -0.54 -13.71
N GLN D 73 -16.05 0.15 -12.65
CA GLN D 73 -17.15 1.10 -12.79
C GLN D 73 -16.79 2.12 -13.88
N ALA D 74 -15.57 2.62 -13.84
CA ALA D 74 -15.15 3.61 -14.84
C ALA D 74 -15.20 3.01 -16.25
N MET D 75 -14.78 1.76 -16.37
CA MET D 75 -14.69 1.08 -17.67
C MET D 75 -16.05 0.97 -18.34
N GLN D 76 -17.08 0.63 -17.58
CA GLN D 76 -18.44 0.56 -18.09
C GLN D 76 -19.01 1.92 -18.47
N MET D 77 -18.57 2.97 -17.76
CA MET D 77 -19.03 4.31 -18.08
C MET D 77 -18.53 4.66 -19.46
N VAL D 78 -17.27 4.35 -19.72
CA VAL D 78 -16.65 4.70 -20.99
C VAL D 78 -17.25 3.82 -22.09
N ARG D 79 -17.46 2.54 -21.79
CA ARG D 79 -18.06 1.63 -22.74
C ARG D 79 -19.45 2.12 -23.12
N ALA D 80 -20.20 2.54 -22.11
CA ALA D 80 -21.57 3.04 -22.30
C ALA D 80 -21.59 4.32 -23.10
N GLY D 81 -20.46 5.01 -23.22
CA GLY D 81 -20.34 6.16 -24.10
C GLY D 81 -20.13 7.51 -23.43
N LEU D 82 -19.92 7.52 -22.12
CA LEU D 82 -19.65 8.77 -21.41
C LEU D 82 -18.23 9.18 -21.74
N LYS D 83 -17.99 10.47 -21.75
CA LYS D 83 -16.75 11.02 -22.28
C LYS D 83 -15.83 11.53 -21.20
N ALA D 84 -16.28 11.51 -19.94
CA ALA D 84 -15.42 11.86 -18.83
C ALA D 84 -15.78 11.01 -17.62
N ILE D 85 -14.90 11.05 -16.62
CA ILE D 85 -15.09 10.34 -15.37
C ILE D 85 -14.85 11.31 -14.20
N TYR D 86 -15.69 11.21 -13.19
CA TYR D 86 -15.53 11.96 -11.96
C TYR D 86 -14.98 11.03 -10.89
N LEU D 87 -14.08 11.55 -10.08
CA LEU D 87 -13.54 10.80 -8.94
C LEU D 87 -13.96 11.55 -7.69
N SER D 88 -14.87 10.94 -6.93
CA SER D 88 -15.44 11.50 -5.71
C SER D 88 -14.62 11.16 -4.47
N GLY D 89 -14.27 12.17 -3.70
CA GLY D 89 -13.64 11.97 -2.38
C GLY D 89 -14.54 11.30 -1.36
N TRP D 90 -15.84 11.60 -1.44
CA TRP D 90 -16.87 10.99 -0.60
C TRP D 90 -16.81 9.45 -0.75
N GLN D 91 -16.75 9.01 -2.01
CA GLN D 91 -16.67 7.59 -2.35
C GLN D 91 -15.36 6.98 -1.93
N VAL D 92 -14.28 7.77 -1.95
CA VAL D 92 -12.98 7.29 -1.51
C VAL D 92 -13.10 6.98 -0.03
N ALA D 93 -13.60 7.96 0.74
CA ALA D 93 -13.84 7.80 2.17
C ALA D 93 -14.72 6.60 2.47
N ALA D 94 -15.78 6.44 1.67
CA ALA D 94 -16.78 5.41 1.94
C ALA D 94 -16.24 3.99 1.72
N ASP D 95 -15.50 3.78 0.63
CA ASP D 95 -15.24 2.41 0.17
C ASP D 95 -14.01 2.20 -0.71
N ALA D 96 -13.09 3.16 -0.76
CA ALA D 96 -11.95 3.05 -1.65
C ALA D 96 -10.75 3.90 -1.22
N ASN D 97 -10.35 3.78 0.04
CA ASN D 97 -9.21 4.55 0.52
C ASN D 97 -8.08 3.72 1.11
N THR D 98 -6.94 4.39 1.31
CA THR D 98 -5.71 3.73 1.67
C THR D 98 -5.58 3.45 3.17
N ALA D 99 -6.63 3.72 3.96
CA ALA D 99 -6.69 3.23 5.34
C ALA D 99 -7.53 1.96 5.49
N SER D 100 -8.02 1.44 4.37
CA SER D 100 -8.91 0.28 4.38
C SER D 100 -10.03 0.39 5.42
N ALA D 101 -10.76 1.50 5.36
CA ALA D 101 -11.81 1.81 6.34
C ALA D 101 -12.97 2.53 5.67
N MET D 102 -14.15 2.45 6.28
CA MET D 102 -15.29 3.24 5.82
C MET D 102 -15.32 4.52 6.64
N TYR D 103 -15.27 5.65 5.94
CA TYR D 103 -15.27 6.97 6.59
C TYR D 103 -16.40 7.86 6.08
N PRO D 104 -16.94 8.70 6.96
CA PRO D 104 -17.69 9.82 6.44
C PRO D 104 -16.77 10.79 5.66
N ASP D 105 -17.37 11.77 4.99
CA ASP D 105 -16.68 12.61 4.02
C ASP D 105 -16.09 13.82 4.73
N GLN D 106 -15.00 13.59 5.46
CA GLN D 106 -14.42 14.61 6.33
C GLN D 106 -12.89 14.66 6.26
N SER D 107 -12.32 14.27 5.13
CA SER D 107 -10.87 14.22 4.95
C SER D 107 -10.20 13.45 6.08
N LEU D 108 -10.75 12.28 6.38
CA LEU D 108 -10.22 11.45 7.44
C LEU D 108 -9.19 10.46 6.92
N TYR D 109 -9.23 10.17 5.62
CA TYR D 109 -8.36 9.14 5.04
C TYR D 109 -7.02 9.74 4.64
N PRO D 110 -6.03 8.89 4.37
CA PRO D 110 -4.73 9.45 4.01
C PRO D 110 -4.71 10.12 2.64
N ALA D 111 -3.96 11.23 2.55
CA ALA D 111 -3.97 12.14 1.37
C ALA D 111 -3.66 11.48 0.04
N ASN D 112 -3.01 10.32 0.06
CA ASN D 112 -2.69 9.55 -1.16
C ASN D 112 -3.86 8.74 -1.74
N ALA D 113 -5.01 8.73 -1.06
CA ALA D 113 -6.12 7.82 -1.46
C ALA D 113 -6.70 8.17 -2.82
N GLY D 114 -6.96 9.46 -3.03
CA GLY D 114 -7.55 9.92 -4.29
C GLY D 114 -6.67 9.57 -5.48
N PRO D 115 -5.41 10.02 -5.46
CA PRO D 115 -4.52 9.69 -6.58
C PRO D 115 -4.36 8.18 -6.80
N GLU D 116 -4.34 7.38 -5.73
CA GLU D 116 -4.29 5.92 -5.93
C GLU D 116 -5.51 5.38 -6.65
N LEU D 117 -6.69 5.92 -6.38
CA LEU D 117 -7.87 5.49 -7.12
C LEU D 117 -7.80 5.99 -8.58
N ALA D 118 -7.28 7.19 -8.81
CA ALA D 118 -7.10 7.69 -10.17
C ALA D 118 -6.22 6.72 -10.99
N LYS D 119 -5.12 6.28 -10.38
CA LYS D 119 -4.19 5.37 -11.03
C LYS D 119 -4.87 4.03 -11.35
N ARG D 120 -5.63 3.49 -10.39
CA ARG D 120 -6.41 2.29 -10.60
C ARG D 120 -7.31 2.44 -11.82
N ILE D 121 -8.04 3.56 -11.88
CA ILE D 121 -8.98 3.78 -12.95
C ILE D 121 -8.28 3.79 -14.30
N ASN D 122 -7.18 4.55 -14.39
CA ASN D 122 -6.47 4.66 -15.67
C ASN D 122 -5.90 3.31 -16.09
N ARG D 123 -5.45 2.53 -15.11
CA ARG D 123 -4.96 1.19 -15.37
C ARG D 123 -6.04 0.25 -15.95
N THR D 124 -7.26 0.34 -15.43
CA THR D 124 -8.35 -0.44 -16.00
C THR D 124 -8.59 0.00 -17.42
N LEU D 125 -8.61 1.31 -17.66
CA LEU D 125 -8.90 1.78 -19.01
C LEU D 125 -7.77 1.31 -19.95
N GLN D 126 -6.55 1.32 -19.43
CA GLN D 126 -5.40 0.84 -20.18
C GLN D 126 -5.57 -0.62 -20.61
N ARG D 127 -6.00 -1.49 -19.69
CA ARG D 127 -6.19 -2.90 -20.08
C ARG D 127 -7.28 -3.02 -21.13
N ALA D 128 -8.39 -2.30 -20.93
CA ALA D 128 -9.50 -2.30 -21.88
C ALA D 128 -9.02 -1.97 -23.27
N ASP D 129 -8.09 -1.01 -23.36
CA ASP D 129 -7.53 -0.55 -24.64
C ASP D 129 -6.61 -1.59 -25.25
N GLN D 130 -5.85 -2.29 -24.39
CA GLN D 130 -4.94 -3.34 -24.86
C GLN D 130 -5.69 -4.54 -25.40
N ILE D 131 -6.78 -4.89 -24.72
CA ILE D 131 -7.62 -6.00 -25.13
C ILE D 131 -8.09 -5.71 -26.55
N GLU D 132 -8.75 -4.56 -26.76
CA GLU D 132 -9.33 -4.27 -28.06
C GLU D 132 -8.26 -4.07 -29.14
N THR D 133 -7.16 -3.40 -28.79
CA THR D 133 -6.05 -3.24 -29.73
C THR D 133 -5.53 -4.61 -30.18
N ALA D 134 -5.40 -5.53 -29.23
CA ALA D 134 -4.93 -6.88 -29.52
C ALA D 134 -5.91 -7.69 -30.37
N GLU D 135 -7.21 -7.42 -30.26
CA GLU D 135 -8.19 -8.15 -31.08
C GLU D 135 -8.18 -7.66 -32.53
N GLY D 136 -7.70 -6.46 -32.79
CA GLY D 136 -7.43 -6.02 -34.16
C GLY D 136 -8.61 -5.48 -34.97
N LYS D 137 -9.75 -5.25 -34.34
CA LYS D 137 -10.95 -4.77 -35.05
C LYS D 137 -11.27 -3.30 -34.72
N GLY D 138 -10.31 -2.57 -34.17
CA GLY D 138 -10.53 -1.17 -33.78
C GLY D 138 -11.24 -1.07 -32.44
N LEU D 139 -11.39 0.17 -31.93
CA LEU D 139 -11.95 0.39 -30.60
C LEU D 139 -13.47 0.49 -30.65
N SER D 140 -14.12 0.08 -29.58
CA SER D 140 -15.59 0.16 -29.48
C SER D 140 -16.07 1.49 -28.89
N VAL D 141 -15.13 2.44 -28.74
CA VAL D 141 -15.38 3.74 -28.11
C VAL D 141 -14.43 4.76 -28.73
N ASP D 142 -14.68 6.04 -28.53
CA ASP D 142 -13.83 7.08 -29.10
C ASP D 142 -12.41 6.95 -28.59
N THR D 143 -12.29 6.72 -27.28
CA THR D 143 -11.01 6.47 -26.64
C THR D 143 -11.36 5.87 -25.30
N TRP D 144 -10.57 4.89 -24.85
CA TRP D 144 -10.76 4.35 -23.50
C TRP D 144 -10.28 5.31 -22.43
N PHE D 145 -9.39 6.22 -22.80
CA PHE D 145 -8.78 7.15 -21.87
C PHE D 145 -9.57 8.44 -21.72
N ALA D 146 -10.81 8.28 -21.27
CA ALA D 146 -11.65 9.40 -20.90
C ALA D 146 -10.96 10.22 -19.79
N PRO D 147 -11.04 11.56 -19.87
CA PRO D 147 -10.42 12.36 -18.83
C PRO D 147 -11.07 12.15 -17.47
N ILE D 148 -10.23 12.03 -16.45
CA ILE D 148 -10.70 11.96 -15.07
C ILE D 148 -10.61 13.33 -14.42
N VAL D 149 -11.69 13.78 -13.80
CA VAL D 149 -11.68 15.00 -12.99
C VAL D 149 -11.81 14.57 -11.54
N ALA D 150 -10.84 14.92 -10.70
CA ALA D 150 -10.72 14.31 -9.37
C ALA D 150 -10.73 15.30 -8.20
N ASP D 151 -11.23 14.82 -7.08
CA ASP D 151 -11.52 15.57 -5.90
C ASP D 151 -10.26 15.61 -5.04
N ALA D 152 -9.67 16.81 -4.87
CA ALA D 152 -8.56 17.01 -3.93
C ALA D 152 -9.05 17.57 -2.58
N GLU D 153 -10.37 17.64 -2.39
CA GLU D 153 -10.99 18.13 -1.17
C GLU D 153 -10.48 19.53 -0.82
N ALA D 154 -9.93 19.73 0.38
CA ALA D 154 -9.41 21.04 0.83
C ALA D 154 -7.90 21.12 0.68
N GLY D 155 -7.33 20.17 -0.06
CA GLY D 155 -5.88 20.12 -0.28
C GLY D 155 -5.15 19.42 0.87
N PHE D 156 -5.89 18.90 1.83
CA PHE D 156 -5.31 18.21 2.98
C PHE D 156 -4.32 19.08 3.75
N GLY D 157 -4.61 20.36 3.85
CA GLY D 157 -3.84 21.25 4.70
C GLY D 157 -3.55 22.56 4.03
N GLY D 158 -2.30 23.00 4.11
CA GLY D 158 -1.92 24.29 3.53
C GLY D 158 -1.54 24.18 2.07
N PRO D 159 -0.95 25.24 1.53
CA PRO D 159 -0.51 25.28 0.14
C PRO D 159 0.44 24.12 -0.26
N LEU D 160 1.37 23.75 0.61
CA LEU D 160 2.29 22.67 0.25
C LEU D 160 1.59 21.30 0.16
N ASP D 161 0.59 21.09 1.00
CA ASP D 161 -0.22 19.91 0.90
C ASP D 161 -1.02 19.91 -0.40
N ALA D 162 -1.51 21.08 -0.79
CA ALA D 162 -2.26 21.26 -2.04
C ALA D 162 -1.37 20.94 -3.23
N PHE D 163 -0.22 21.59 -3.25
CA PHE D 163 0.85 21.33 -4.20
C PHE D 163 1.15 19.82 -4.36
N GLU D 164 1.25 19.08 -3.25
CA GLU D 164 1.62 17.67 -3.31
C GLU D 164 0.51 16.78 -3.88
N ILE D 165 -0.73 17.02 -3.47
CA ILE D 165 -1.83 16.20 -3.98
C ILE D 165 -2.04 16.44 -5.48
N MET D 166 -1.79 17.67 -5.94
CA MET D 166 -1.86 17.99 -7.37
C MET D 166 -0.85 17.14 -8.14
N LYS D 167 0.42 17.17 -7.71
CA LYS D 167 1.44 16.35 -8.35
C LYS D 167 1.07 14.86 -8.34
N ALA D 168 0.53 14.39 -7.22
CA ALA D 168 0.17 12.99 -7.11
C ALA D 168 -0.90 12.64 -8.17
N TYR D 169 -1.91 13.50 -8.27
CA TYR D 169 -2.96 13.33 -9.30
C TYR D 169 -2.42 13.40 -10.73
N ILE D 170 -1.45 14.28 -10.98
CA ILE D 170 -0.86 14.40 -12.30
C ILE D 170 -0.15 13.09 -12.63
N GLU D 171 0.67 12.61 -11.70
CA GLU D 171 1.33 11.31 -11.89
C GLU D 171 0.37 10.16 -12.15
N ALA D 172 -0.79 10.18 -11.51
CA ALA D 172 -1.80 9.11 -11.62
C ALA D 172 -2.61 9.26 -12.91
N GLY D 173 -2.49 10.41 -13.58
CA GLY D 173 -3.10 10.61 -14.89
C GLY D 173 -4.41 11.39 -14.87
N ALA D 174 -4.69 12.07 -13.77
CA ALA D 174 -5.86 12.93 -13.67
C ALA D 174 -5.77 14.08 -14.71
N ALA D 175 -6.92 14.44 -15.27
CA ALA D 175 -7.01 15.49 -16.30
C ALA D 175 -7.32 16.82 -15.65
N GLY D 176 -8.10 16.76 -14.57
CA GLY D 176 -8.47 17.94 -13.81
C GLY D 176 -8.63 17.59 -12.34
N VAL D 177 -8.46 18.59 -11.48
CA VAL D 177 -8.48 18.42 -10.03
C VAL D 177 -9.23 19.59 -9.39
N HIS D 178 -10.14 19.33 -8.46
CA HIS D 178 -10.82 20.39 -7.73
C HIS D 178 -10.44 20.59 -6.26
N PHE D 179 -10.41 21.87 -5.86
CA PHE D 179 -10.04 22.30 -4.53
C PHE D 179 -11.14 23.21 -3.98
N GLU D 180 -11.44 23.04 -2.70
CA GLU D 180 -12.53 23.77 -2.11
C GLU D 180 -12.04 24.59 -0.95
N ASP D 181 -12.74 25.70 -0.72
CA ASP D 181 -12.35 26.68 0.28
C ASP D 181 -12.78 26.34 1.70
N GLN D 182 -12.67 25.06 2.08
CA GLN D 182 -12.93 24.62 3.44
C GLN D 182 -11.63 24.40 4.24
N LEU D 183 -11.77 24.33 5.56
CA LEU D 183 -10.64 24.05 6.45
C LEU D 183 -10.46 22.56 6.43
N ALA D 184 -9.30 22.11 5.94
CA ALA D 184 -9.03 20.68 5.80
C ALA D 184 -9.33 19.94 7.08
N SER D 185 -8.85 20.48 8.20
CA SER D 185 -8.95 19.83 9.50
C SER D 185 -10.39 19.64 10.03
N GLU D 186 -11.36 20.36 9.45
CA GLU D 186 -12.77 20.18 9.78
C GLU D 186 -13.62 19.96 8.52
N LYS D 187 -13.02 19.46 7.44
CA LYS D 187 -13.70 19.28 6.15
C LYS D 187 -14.99 18.44 6.25
N LYS D 188 -16.02 18.87 5.52
CA LYS D 188 -17.27 18.12 5.42
C LYS D 188 -17.66 17.98 3.98
N CYS D 189 -18.45 16.95 3.72
CA CYS D 189 -19.29 16.91 2.52
C CYS D 189 -19.98 18.25 2.35
N GLY D 190 -19.99 18.77 1.12
CA GLY D 190 -20.65 20.04 0.80
C GLY D 190 -22.08 20.10 1.31
N HIS D 191 -22.72 18.94 1.38
CA HIS D 191 -24.13 18.85 1.77
C HIS D 191 -24.37 18.49 3.22
N LEU D 192 -23.32 18.50 4.04
CA LEU D 192 -23.48 18.38 5.49
C LEU D 192 -23.37 19.75 6.16
N GLY D 193 -23.76 19.79 7.44
CA GLY D 193 -23.66 21.00 8.27
C GLY D 193 -22.25 21.12 8.86
N GLY D 194 -21.99 22.23 9.54
CA GLY D 194 -20.74 22.42 10.27
C GLY D 194 -19.50 22.60 9.42
N LYS D 195 -19.68 23.12 8.21
CA LYS D 195 -18.53 23.46 7.38
C LYS D 195 -17.88 24.74 7.90
N VAL D 196 -16.56 24.81 7.81
CA VAL D 196 -15.82 26.00 8.15
C VAL D 196 -15.06 26.45 6.92
N LEU D 197 -15.29 27.69 6.46
CA LEU D 197 -14.56 28.24 5.34
C LEU D 197 -13.21 28.76 5.79
N ILE D 198 -12.28 28.86 4.85
CA ILE D 198 -11.00 29.53 5.04
C ILE D 198 -11.10 30.88 4.33
N PRO D 199 -10.17 31.81 4.62
CA PRO D 199 -10.22 33.10 3.98
C PRO D 199 -10.04 33.03 2.48
N THR D 200 -10.70 33.95 1.78
CA THR D 200 -10.65 33.96 0.34
C THR D 200 -9.20 33.85 -0.10
N ALA D 201 -8.32 34.67 0.48
CA ALA D 201 -6.88 34.68 0.11
C ALA D 201 -6.21 33.32 0.28
N ALA D 202 -6.61 32.57 1.31
CA ALA D 202 -5.94 31.32 1.66
C ALA D 202 -6.33 30.30 0.60
N HIS D 203 -7.57 30.37 0.10
CA HIS D 203 -7.95 29.45 -0.93
C HIS D 203 -7.30 29.82 -2.26
N ILE D 204 -7.06 31.10 -2.51
CA ILE D 204 -6.31 31.49 -3.70
C ILE D 204 -4.87 30.94 -3.59
N ARG D 205 -4.33 30.92 -2.38
CA ARG D 205 -3.02 30.29 -2.17
C ARG D 205 -3.05 28.82 -2.62
N ASN D 206 -4.05 28.06 -2.18
CA ASN D 206 -4.12 26.65 -2.57
C ASN D 206 -4.27 26.48 -4.09
N LEU D 207 -5.07 27.33 -4.73
CA LEU D 207 -5.24 27.25 -6.17
C LEU D 207 -3.92 27.50 -6.91
N ASN D 208 -3.14 28.47 -6.45
CA ASN D 208 -1.84 28.73 -7.04
C ASN D 208 -0.80 27.65 -6.77
N ALA D 209 -0.89 27.01 -5.61
CA ALA D 209 -0.03 25.90 -5.34
C ALA D 209 -0.31 24.83 -6.38
N ALA D 210 -1.57 24.69 -6.72
CA ALA D 210 -2.00 23.64 -7.64
C ALA D 210 -1.41 23.98 -9.00
N ARG D 211 -1.50 25.25 -9.37
CA ARG D 211 -1.01 25.67 -10.68
C ARG D 211 0.49 25.50 -10.79
N LEU D 212 1.22 25.89 -9.77
CA LEU D 212 2.67 25.69 -9.69
C LEU D 212 3.01 24.22 -9.83
N ALA D 213 2.24 23.39 -9.15
CA ALA D 213 2.40 21.95 -9.27
C ALA D 213 2.28 21.55 -10.74
N ALA D 214 1.17 21.89 -11.40
CA ALA D 214 0.99 21.53 -12.81
C ALA D 214 2.14 22.06 -13.69
N ASP D 215 2.50 23.31 -13.47
CA ASP D 215 3.58 23.97 -14.23
C ASP D 215 4.90 23.24 -14.04
N VAL D 216 5.23 22.94 -12.79
CA VAL D 216 6.42 22.19 -12.46
C VAL D 216 6.41 20.77 -13.04
N MET D 217 5.26 20.12 -13.02
CA MET D 217 5.17 18.80 -13.64
C MET D 217 5.19 18.96 -15.16
N GLY D 218 4.85 20.15 -15.63
CA GLY D 218 4.86 20.48 -17.03
C GLY D 218 3.66 19.94 -17.74
N THR D 219 2.51 19.93 -17.07
CA THR D 219 1.27 19.48 -17.69
C THR D 219 0.21 20.56 -17.57
N PRO D 220 -0.71 20.61 -18.54
CA PRO D 220 -1.76 21.61 -18.57
C PRO D 220 -3.04 21.18 -17.83
N THR D 221 -2.85 20.52 -16.70
CA THR D 221 -3.94 19.97 -15.89
C THR D 221 -4.95 21.05 -15.54
N LEU D 222 -6.23 20.71 -15.62
CA LEU D 222 -7.28 21.67 -15.31
C LEU D 222 -7.44 21.78 -13.79
N ILE D 223 -7.73 23.00 -13.33
CA ILE D 223 -7.96 23.30 -11.93
C ILE D 223 -9.39 23.80 -11.81
N VAL D 224 -10.16 23.18 -10.92
CA VAL D 224 -11.55 23.58 -10.68
C VAL D 224 -11.61 24.15 -9.28
N ALA D 225 -11.96 25.44 -9.17
CA ALA D 225 -12.10 26.05 -7.86
C ALA D 225 -13.57 25.94 -7.42
N ARG D 226 -13.77 25.42 -6.21
CA ARG D 226 -15.09 25.23 -5.64
C ARG D 226 -15.25 26.10 -4.41
N THR D 227 -16.40 26.75 -4.28
CA THR D 227 -16.74 27.40 -3.02
C THR D 227 -17.88 26.71 -2.26
N ASP D 228 -17.69 26.60 -0.94
CA ASP D 228 -18.70 26.02 -0.05
C ASP D 228 -19.43 27.09 0.76
N ALA D 229 -19.45 28.32 0.22
CA ALA D 229 -20.05 29.45 0.93
C ALA D 229 -21.58 29.48 0.94
N GLU D 230 -22.26 28.63 0.17
CA GLU D 230 -23.73 28.63 0.16
C GLU D 230 -24.32 28.19 1.49
N ALA D 231 -23.74 27.14 2.07
CA ALA D 231 -24.22 26.58 3.35
C ALA D 231 -23.31 26.82 4.55
N ALA D 232 -22.06 27.21 4.32
CA ALA D 232 -21.08 27.34 5.40
C ALA D 232 -21.40 28.55 6.27
N LYS D 233 -21.55 28.32 7.58
CA LYS D 233 -21.83 29.41 8.54
C LYS D 233 -20.62 29.77 9.43
N LEU D 234 -19.46 29.19 9.12
CA LEU D 234 -18.26 29.40 9.91
C LEU D 234 -17.04 29.68 9.01
N LEU D 235 -16.11 30.46 9.56
CA LEU D 235 -14.93 30.96 8.86
C LEU D 235 -13.82 31.02 9.86
N THR D 236 -12.60 30.64 9.48
CA THR D 236 -11.49 30.54 10.42
C THR D 236 -11.04 31.90 10.90
N SER D 237 -11.02 32.88 10.01
CA SER D 237 -10.48 34.20 10.32
C SER D 237 -11.10 35.25 9.40
N ASP D 238 -11.39 36.41 9.97
CA ASP D 238 -11.87 37.57 9.20
C ASP D 238 -10.73 38.45 8.64
N ILE D 239 -9.50 37.93 8.59
CA ILE D 239 -8.34 38.75 8.17
C ILE D 239 -8.44 39.34 6.76
N ASP D 240 -9.16 38.66 5.88
CA ASP D 240 -9.32 39.09 4.48
C ASP D 240 -10.50 40.03 4.38
N GLU D 241 -10.23 41.29 4.04
CA GLU D 241 -11.29 42.30 3.85
C GLU D 241 -12.43 41.82 2.97
N ARG D 242 -12.12 40.96 2.00
CA ARG D 242 -13.14 40.45 1.10
C ARG D 242 -14.21 39.61 1.82
N ASP D 243 -13.86 39.06 2.97
CA ASP D 243 -14.77 38.21 3.75
C ASP D 243 -15.52 38.97 4.85
N GLN D 244 -15.03 40.16 5.22
CA GLN D 244 -15.58 40.91 6.32
C GLN D 244 -17.03 41.37 6.09
N PRO D 245 -17.43 41.64 4.84
CA PRO D 245 -18.82 42.00 4.64
C PRO D 245 -19.82 40.92 4.99
N PHE D 246 -19.35 39.68 5.15
CA PHE D 246 -20.25 38.55 5.43
C PHE D 246 -20.15 38.01 6.84
N VAL D 247 -19.34 38.65 7.67
CA VAL D 247 -19.10 38.16 9.02
C VAL D 247 -20.15 38.76 9.94
N ASP D 248 -20.74 37.92 10.76
CA ASP D 248 -21.64 38.37 11.80
C ASP D 248 -20.82 38.67 13.04
N TYR D 249 -20.50 39.94 13.23
CA TYR D 249 -19.69 40.35 14.37
C TYR D 249 -20.53 40.45 15.61
N GLU D 250 -21.85 40.60 15.45
CA GLU D 250 -22.77 40.60 16.58
C GLU D 250 -22.76 39.26 17.33
N ALA D 251 -22.75 38.14 16.59
CA ALA D 251 -22.86 36.79 17.21
C ALA D 251 -21.60 36.32 17.95
N GLY D 252 -20.46 36.93 17.66
CA GLY D 252 -19.21 36.52 18.27
C GLY D 252 -18.55 35.27 17.66
N ARG D 253 -17.42 34.90 18.21
CA ARG D 253 -16.70 33.71 17.80
C ARG D 253 -17.17 32.51 18.57
N THR D 254 -16.99 31.33 17.99
CA THR D 254 -17.32 30.10 18.68
C THR D 254 -16.25 29.83 19.74
N ALA D 255 -16.48 28.82 20.60
CA ALA D 255 -15.44 28.42 21.61
C ALA D 255 -14.13 28.01 20.96
N GLU D 256 -14.19 27.52 19.72
CA GLU D 256 -12.98 27.19 18.95
C GLU D 256 -12.30 28.41 18.33
N GLY D 257 -12.94 29.58 18.41
CA GLY D 257 -12.39 30.79 17.81
C GLY D 257 -12.78 31.01 16.35
N PHE D 258 -13.78 30.29 15.84
CA PHE D 258 -14.20 30.51 14.45
C PHE D 258 -15.10 31.72 14.44
N TYR D 259 -15.09 32.45 13.33
CA TYR D 259 -16.04 33.53 13.09
C TYR D 259 -17.29 32.94 12.48
N GLN D 260 -18.43 33.57 12.74
CA GLN D 260 -19.69 33.14 12.16
C GLN D 260 -19.98 34.07 10.99
N VAL D 261 -20.45 33.49 9.88
CA VAL D 261 -20.71 34.23 8.64
C VAL D 261 -22.13 34.00 8.12
N LYS D 262 -22.56 34.90 7.24
CA LYS D 262 -23.90 34.82 6.66
C LYS D 262 -23.76 34.08 5.36
N ASN D 263 -24.26 32.85 5.33
CA ASN D 263 -24.12 32.00 4.15
C ASN D 263 -25.06 32.37 3.02
N GLY D 264 -24.70 31.96 1.81
CA GLY D 264 -25.63 32.00 0.69
C GLY D 264 -24.99 32.43 -0.61
N ILE D 265 -25.84 32.82 -1.55
CA ILE D 265 -25.44 33.10 -2.93
C ILE D 265 -24.43 34.26 -3.02
N GLU D 266 -24.56 35.25 -2.15
CA GLU D 266 -23.74 36.44 -2.26
C GLU D 266 -22.26 36.20 -1.99
N PRO D 267 -21.93 35.52 -0.88
CA PRO D 267 -20.50 35.20 -0.68
C PRO D 267 -19.96 34.19 -1.69
N CYS D 268 -20.82 33.36 -2.28
CA CYS D 268 -20.39 32.46 -3.34
C CYS D 268 -20.00 33.24 -4.56
N ILE D 269 -20.83 34.24 -4.91
CA ILE D 269 -20.56 35.07 -6.09
C ILE D 269 -19.25 35.78 -5.88
N ALA D 270 -19.08 36.41 -4.72
CA ALA D 270 -17.88 37.21 -4.45
C ALA D 270 -16.62 36.33 -4.45
N ARG D 271 -16.68 35.21 -3.74
CA ARG D 271 -15.54 34.29 -3.70
C ARG D 271 -15.22 33.79 -5.07
N ALA D 272 -16.25 33.38 -5.80
CA ALA D 272 -16.05 32.87 -7.14
C ALA D 272 -15.33 33.87 -8.04
N ILE D 273 -15.74 35.13 -8.00
CA ILE D 273 -15.15 36.16 -8.83
C ILE D 273 -13.69 36.38 -8.43
N ALA D 274 -13.39 36.26 -7.14
CA ALA D 274 -12.00 36.37 -6.67
C ALA D 274 -11.14 35.19 -7.13
N TYR D 275 -11.72 34.00 -7.14
CA TYR D 275 -11.00 32.78 -7.53
C TYR D 275 -10.77 32.71 -9.02
N ALA D 276 -11.67 33.34 -9.80
CA ALA D 276 -11.75 33.16 -11.26
C ALA D 276 -10.40 33.17 -12.00
N PRO D 277 -9.55 34.17 -11.77
CA PRO D 277 -8.28 34.21 -12.52
C PRO D 277 -7.31 33.06 -12.18
N TYR D 278 -7.60 32.33 -11.10
CA TYR D 278 -6.65 31.32 -10.59
C TYR D 278 -7.13 29.89 -10.80
N CYS D 279 -8.14 29.71 -11.65
CA CYS D 279 -8.66 28.39 -11.99
C CYS D 279 -9.23 28.37 -13.39
N ASP D 280 -9.62 27.19 -13.87
CA ASP D 280 -10.15 27.01 -15.21
C ASP D 280 -11.69 26.82 -15.24
N LEU D 281 -12.23 26.32 -14.14
CA LEU D 281 -13.69 26.20 -13.96
C LEU D 281 -14.00 26.59 -12.54
N ILE D 282 -15.16 27.22 -12.35
CA ILE D 282 -15.63 27.56 -11.02
C ILE D 282 -16.89 26.80 -10.71
N TRP D 283 -16.99 26.41 -9.46
CA TRP D 283 -18.07 25.57 -9.01
C TRP D 283 -18.57 26.08 -7.66
N MET D 284 -19.88 26.28 -7.58
CA MET D 284 -20.53 26.63 -6.34
C MET D 284 -21.39 25.46 -5.90
N GLU D 285 -21.08 24.89 -4.74
CA GLU D 285 -21.95 23.88 -4.12
C GLU D 285 -23.28 24.50 -3.81
N THR D 286 -24.36 23.74 -4.00
CA THR D 286 -25.71 24.20 -3.68
C THR D 286 -26.48 23.23 -2.78
N SER D 287 -27.54 23.76 -2.15
CA SER D 287 -28.39 22.98 -1.23
C SER D 287 -29.52 22.25 -1.95
N LYS D 288 -29.83 22.68 -3.16
CA LYS D 288 -30.94 22.11 -3.90
C LYS D 288 -30.62 22.18 -5.39
N PRO D 289 -31.23 21.30 -6.18
CA PRO D 289 -31.08 21.42 -7.61
C PRO D 289 -32.03 22.50 -8.12
N ASP D 290 -31.50 23.71 -8.30
CA ASP D 290 -32.27 24.91 -8.58
C ASP D 290 -31.68 25.68 -9.76
N LEU D 291 -32.37 25.64 -10.90
CA LEU D 291 -31.85 26.24 -12.12
C LEU D 291 -31.80 27.75 -12.06
N ALA D 292 -32.70 28.36 -11.28
CA ALA D 292 -32.77 29.82 -11.12
C ALA D 292 -31.53 30.32 -10.36
N GLN D 293 -31.26 29.72 -9.22
CA GLN D 293 -30.01 30.01 -8.51
C GLN D 293 -28.81 29.80 -9.42
N ALA D 294 -28.82 28.72 -10.20
CA ALA D 294 -27.70 28.41 -11.08
C ALA D 294 -27.53 29.47 -12.18
N ARG D 295 -28.65 30.02 -12.63
CA ARG D 295 -28.60 31.07 -13.64
CA ARG D 295 -28.68 31.09 -13.63
C ARG D 295 -28.08 32.36 -13.02
N ARG D 296 -28.56 32.70 -11.82
CA ARG D 296 -28.08 33.88 -11.13
C ARG D 296 -26.56 33.82 -10.95
N PHE D 297 -26.07 32.68 -10.44
CA PHE D 297 -24.64 32.50 -10.22
C PHE D 297 -23.86 32.65 -11.53
N ALA D 298 -24.32 31.97 -12.58
CA ALA D 298 -23.66 32.08 -13.88
C ALA D 298 -23.63 33.53 -14.40
N GLU D 299 -24.77 34.24 -14.31
CA GLU D 299 -24.85 35.64 -14.77
C GLU D 299 -23.86 36.55 -14.03
N ALA D 300 -23.80 36.44 -12.69
CA ALA D 300 -22.89 37.29 -11.92
C ALA D 300 -21.44 36.99 -12.25
N VAL D 301 -21.07 35.72 -12.30
CA VAL D 301 -19.70 35.40 -12.58
C VAL D 301 -19.33 35.95 -13.97
N HIS D 302 -20.25 35.81 -14.91
CA HIS D 302 -20.02 36.23 -16.28
C HIS D 302 -19.98 37.75 -16.49
N LYS D 303 -20.68 38.51 -15.64
CA LYS D 303 -20.52 39.96 -15.61
C LYS D 303 -19.06 40.32 -15.35
N ALA D 304 -18.43 39.64 -14.40
CA ALA D 304 -17.02 39.89 -14.08
C ALA D 304 -16.09 39.24 -15.09
N HIS D 305 -16.46 38.06 -15.60
CA HIS D 305 -15.57 37.24 -16.43
C HIS D 305 -16.34 36.52 -17.51
N PRO D 306 -16.62 37.22 -18.61
CA PRO D 306 -17.42 36.66 -19.71
C PRO D 306 -16.81 35.38 -20.25
N GLY D 307 -17.66 34.41 -20.55
CA GLY D 307 -17.21 33.14 -21.10
C GLY D 307 -16.51 32.19 -20.13
N LYS D 308 -16.51 32.48 -18.82
CA LYS D 308 -15.95 31.54 -17.82
C LYS D 308 -16.73 30.23 -17.73
N LEU D 309 -16.00 29.13 -17.76
CA LEU D 309 -16.58 27.80 -17.74
C LEU D 309 -16.95 27.42 -16.30
N LEU D 310 -18.13 26.84 -16.12
CA LEU D 310 -18.60 26.46 -14.80
C LEU D 310 -18.87 24.94 -14.70
N ALA D 311 -18.93 24.44 -13.47
CA ALA D 311 -19.17 23.04 -13.20
C ALA D 311 -20.32 22.97 -12.22
N TYR D 312 -21.14 21.93 -12.34
CA TYR D 312 -22.28 21.79 -11.50
C TYR D 312 -22.32 20.37 -10.95
N ASN D 313 -22.60 20.27 -9.66
CA ASN D 313 -22.75 19.01 -8.95
C ASN D 313 -24.21 18.62 -8.91
N CYS D 314 -24.56 17.56 -9.62
CA CYS D 314 -25.92 17.03 -9.59
C CYS D 314 -25.98 16.00 -8.49
N SER D 315 -26.12 16.49 -7.27
CA SER D 315 -25.84 15.69 -6.10
C SER D 315 -26.92 14.67 -5.79
N PRO D 316 -26.53 13.42 -5.53
CA PRO D 316 -27.47 12.48 -4.93
C PRO D 316 -27.90 12.84 -3.51
N SER D 317 -27.19 13.78 -2.89
CA SER D 317 -27.60 14.32 -1.58
C SER D 317 -28.85 15.19 -1.71
N PHE D 318 -29.34 15.35 -2.94
CA PHE D 318 -30.65 15.95 -3.16
C PHE D 318 -31.69 14.85 -3.29
N ASN D 319 -32.91 15.13 -2.87
CA ASN D 319 -34.07 14.27 -3.18
C ASN D 319 -34.70 14.83 -4.45
N TRP D 320 -34.47 14.17 -5.58
CA TRP D 320 -34.76 14.83 -6.87
C TRP D 320 -36.24 14.99 -7.18
N LYS D 321 -37.04 13.96 -6.92
CA LYS D 321 -38.50 14.00 -7.14
C LYS D 321 -39.20 14.88 -6.10
N LYS D 322 -38.59 15.05 -4.92
CA LYS D 322 -39.16 15.95 -3.92
C LYS D 322 -39.00 17.41 -4.34
N ASN D 323 -37.86 17.72 -4.93
CA ASN D 323 -37.59 19.09 -5.36
C ASN D 323 -38.26 19.46 -6.68
N LEU D 324 -38.26 18.55 -7.65
CA LEU D 324 -38.59 18.90 -9.03
C LEU D 324 -39.61 17.96 -9.69
N ASP D 325 -40.32 18.45 -10.70
CA ASP D 325 -41.19 17.58 -11.50
C ASP D 325 -40.38 16.89 -12.60
N ASP D 326 -40.98 15.85 -13.20
CA ASP D 326 -40.30 14.99 -14.18
C ASP D 326 -39.68 15.77 -15.35
N ALA D 327 -40.35 16.84 -15.77
CA ALA D 327 -39.93 17.59 -16.96
C ALA D 327 -38.69 18.46 -16.68
N THR D 328 -38.60 18.99 -15.48
CA THR D 328 -37.47 19.81 -15.06
C THR D 328 -36.25 18.89 -14.85
N ILE D 329 -36.51 17.72 -14.26
CA ILE D 329 -35.50 16.70 -14.11
C ILE D 329 -34.95 16.28 -15.46
N ALA D 330 -35.80 16.24 -16.49
CA ALA D 330 -35.39 15.76 -17.81
C ALA D 330 -34.51 16.75 -18.55
N LYS D 331 -34.82 18.04 -18.42
CA LYS D 331 -34.10 19.12 -19.11
C LYS D 331 -32.92 19.70 -18.29
N PHE D 332 -32.80 19.29 -17.03
CA PHE D 332 -31.90 19.94 -16.08
C PHE D 332 -30.48 20.18 -16.62
N GLN D 333 -29.79 19.13 -17.02
CA GLN D 333 -28.41 19.27 -17.48
C GLN D 333 -28.30 20.04 -18.81
N ARG D 334 -29.29 19.88 -19.71
CA ARG D 334 -29.34 20.68 -20.96
C ARG D 334 -29.39 22.18 -20.67
N GLU D 335 -30.28 22.57 -19.75
CA GLU D 335 -30.41 23.97 -19.35
C GLU D 335 -29.11 24.48 -18.72
N LEU D 336 -28.54 23.71 -17.80
CA LEU D 336 -27.29 24.10 -17.17
C LEU D 336 -26.21 24.32 -18.24
N GLY D 337 -26.14 23.44 -19.22
CA GLY D 337 -25.17 23.58 -20.29
C GLY D 337 -25.20 24.94 -20.97
N ALA D 338 -26.39 25.49 -21.17
CA ALA D 338 -26.56 26.76 -21.90
C ALA D 338 -26.15 27.96 -21.05
N MET D 339 -26.24 27.81 -19.74
CA MET D 339 -25.79 28.85 -18.81
C MET D 339 -24.27 28.89 -18.72
N GLY D 340 -23.61 27.84 -19.19
CA GLY D 340 -22.16 27.78 -19.18
C GLY D 340 -21.59 26.68 -18.31
N TYR D 341 -22.47 25.87 -17.70
CA TYR D 341 -22.03 24.75 -16.88
C TYR D 341 -21.56 23.60 -17.77
N LYS D 342 -20.30 23.69 -18.18
CA LYS D 342 -19.74 22.75 -19.15
C LYS D 342 -19.23 21.44 -18.56
N PHE D 343 -19.16 21.33 -17.23
CA PHE D 343 -18.83 20.06 -16.60
C PHE D 343 -19.83 19.73 -15.50
N GLN D 344 -20.50 18.60 -15.64
CA GLN D 344 -21.60 18.27 -14.73
C GLN D 344 -21.46 16.84 -14.30
N PHE D 345 -21.69 16.56 -13.03
CA PHE D 345 -21.34 15.26 -12.51
C PHE D 345 -22.28 14.82 -11.42
N ILE D 346 -22.65 13.53 -11.41
CA ILE D 346 -23.35 12.94 -10.26
C ILE D 346 -22.30 12.30 -9.35
N THR D 347 -21.95 13.05 -8.32
CA THR D 347 -20.86 12.70 -7.41
C THR D 347 -20.93 11.28 -6.87
N LEU D 348 -22.07 10.91 -6.29
CA LEU D 348 -22.16 9.63 -5.56
C LEU D 348 -22.82 8.47 -6.35
N ALA D 349 -22.81 8.57 -7.68
CA ALA D 349 -23.49 7.60 -8.54
C ALA D 349 -22.97 6.20 -8.28
N GLY D 350 -21.65 6.07 -8.23
CA GLY D 350 -20.99 4.81 -7.97
C GLY D 350 -21.45 4.15 -6.69
N PHE D 351 -21.53 4.92 -5.60
CA PHE D 351 -21.90 4.36 -4.29
C PHE D 351 -23.35 3.88 -4.28
N HIS D 352 -24.24 4.65 -4.92
CA HIS D 352 -25.65 4.27 -4.91
C HIS D 352 -25.93 3.07 -5.82
N GLN D 353 -25.31 3.01 -7.00
CA GLN D 353 -25.54 1.87 -7.88
CA GLN D 353 -25.47 1.86 -7.92
C GLN D 353 -24.94 0.59 -7.28
N LEU D 354 -23.77 0.71 -6.68
CA LEU D 354 -23.11 -0.44 -6.05
C LEU D 354 -23.92 -0.94 -4.88
N ASN D 355 -24.32 -0.03 -4.00
CA ASN D 355 -24.99 -0.43 -2.77
C ASN D 355 -26.43 -0.87 -3.01
N TYR D 356 -27.18 -0.15 -3.86
CA TYR D 356 -28.51 -0.63 -4.26
C TYR D 356 -28.44 -2.02 -4.92
N GLY D 357 -27.67 -2.09 -5.99
CA GLY D 357 -27.49 -3.31 -6.76
C GLY D 357 -27.22 -4.56 -5.93
N MET D 358 -26.26 -4.46 -4.99
CA MET D 358 -25.95 -5.61 -4.17
C MET D 358 -27.00 -5.86 -3.10
N PHE D 359 -27.57 -4.82 -2.50
CA PHE D 359 -28.63 -5.10 -1.55
C PHE D 359 -29.72 -5.92 -2.23
N GLU D 360 -30.14 -5.48 -3.42
CA GLU D 360 -31.24 -6.13 -4.09
C GLU D 360 -30.86 -7.52 -4.53
N LEU D 361 -29.66 -7.70 -5.07
CA LEU D 361 -29.20 -9.05 -5.41
C LEU D 361 -29.12 -9.98 -4.20
N ALA D 362 -28.56 -9.50 -3.10
CA ALA D 362 -28.43 -10.32 -1.89
C ALA D 362 -29.80 -10.71 -1.33
N ARG D 363 -30.72 -9.77 -1.41
CA ARG D 363 -32.07 -9.96 -0.93
C ARG D 363 -32.81 -11.06 -1.71
N GLY D 364 -32.68 -11.01 -3.03
CA GLY D 364 -33.25 -12.02 -3.91
C GLY D 364 -32.59 -13.38 -3.68
N TYR D 365 -31.29 -13.38 -3.48
CA TYR D 365 -30.54 -14.59 -3.18
C TYR D 365 -31.00 -15.28 -1.89
N LYS D 366 -31.13 -14.54 -0.80
CA LYS D 366 -31.67 -15.08 0.45
C LYS D 366 -33.01 -15.72 0.23
N ASP D 367 -33.83 -15.07 -0.58
CA ASP D 367 -35.18 -15.47 -0.81
C ASP D 367 -35.23 -16.73 -1.69
N ARG D 368 -34.55 -16.70 -2.83
CA ARG D 368 -34.70 -17.76 -3.82
C ARG D 368 -33.41 -18.17 -4.53
N GLN D 369 -32.30 -18.03 -3.81
CA GLN D 369 -31.01 -18.58 -4.23
C GLN D 369 -30.74 -18.37 -5.72
N MET D 370 -30.43 -19.42 -6.47
CA MET D 370 -29.98 -19.28 -7.86
C MET D 370 -30.99 -18.59 -8.80
N ALA D 371 -32.28 -18.64 -8.48
CA ALA D 371 -33.28 -17.92 -9.27
C ALA D 371 -32.94 -16.42 -9.33
N ALA D 372 -32.52 -15.85 -8.21
CA ALA D 372 -32.16 -14.41 -8.19
C ALA D 372 -30.95 -14.13 -9.05
N TYR D 373 -29.96 -15.01 -9.05
CA TYR D 373 -28.76 -14.79 -9.86
C TYR D 373 -29.06 -15.00 -11.34
N SER D 374 -29.84 -16.02 -11.65
CA SER D 374 -30.17 -16.27 -13.04
C SER D 374 -30.84 -15.05 -13.66
N GLU D 375 -31.71 -14.41 -12.89
CA GLU D 375 -32.34 -13.16 -13.32
C GLU D 375 -31.31 -12.08 -13.67
N LEU D 376 -30.26 -11.94 -12.86
CA LEU D 376 -29.20 -11.02 -13.20
C LEU D 376 -28.53 -11.45 -14.51
N GLN D 377 -28.24 -12.73 -14.64
CA GLN D 377 -27.48 -13.20 -15.80
C GLN D 377 -28.24 -12.97 -17.11
N GLN D 378 -29.53 -13.27 -17.12
CA GLN D 378 -30.38 -13.01 -18.30
C GLN D 378 -30.45 -11.50 -18.61
N ALA D 379 -30.57 -10.67 -17.58
CA ALA D 379 -30.55 -9.22 -17.79
C ALA D 379 -29.24 -8.79 -18.45
N GLU D 380 -28.13 -9.43 -18.08
CA GLU D 380 -26.84 -9.20 -18.75
C GLU D 380 -26.86 -9.65 -20.21
N PHE D 381 -27.39 -10.84 -20.48
CA PHE D 381 -27.55 -11.27 -21.87
C PHE D 381 -28.38 -10.24 -22.64
N ALA D 382 -29.48 -9.80 -22.03
CA ALA D 382 -30.40 -8.85 -22.66
C ALA D 382 -29.76 -7.48 -22.96
N ALA D 383 -28.74 -7.08 -22.21
CA ALA D 383 -28.08 -5.79 -22.43
C ALA D 383 -27.05 -5.83 -23.54
N GLU D 384 -26.63 -7.03 -23.96
CA GLU D 384 -25.58 -7.17 -24.98
C GLU D 384 -25.94 -6.45 -26.27
N ALA D 385 -27.22 -6.48 -26.65
CA ALA D 385 -27.66 -5.77 -27.86
C ALA D 385 -27.29 -4.27 -27.79
N ASP D 386 -27.33 -3.72 -26.57
CA ASP D 386 -27.02 -2.29 -26.33
CA ASP D 386 -27.03 -2.30 -26.33
C ASP D 386 -25.53 -2.04 -26.04
N GLY D 387 -24.68 -3.04 -26.27
CA GLY D 387 -23.22 -2.86 -26.13
C GLY D 387 -22.52 -3.43 -24.90
N TYR D 388 -23.29 -4.01 -23.98
CA TYR D 388 -22.76 -4.67 -22.80
C TYR D 388 -21.95 -5.88 -23.22
N THR D 389 -20.78 -6.05 -22.60
CA THR D 389 -19.90 -7.16 -22.90
C THR D 389 -19.52 -8.03 -21.68
N ALA D 390 -19.80 -7.57 -20.46
CA ALA D 390 -19.19 -8.19 -19.26
C ALA D 390 -19.74 -9.57 -18.88
N THR D 391 -20.83 -10.02 -19.51
CA THR D 391 -21.30 -11.38 -19.29
C THR D 391 -20.19 -12.40 -19.60
N LYS D 392 -19.46 -12.16 -20.68
CA LYS D 392 -18.23 -12.91 -20.98
C LYS D 392 -17.11 -12.29 -20.15
N HIS D 393 -17.11 -12.65 -18.86
CA HIS D 393 -16.22 -12.03 -17.91
C HIS D 393 -14.74 -12.35 -18.14
N GLN D 394 -14.43 -13.50 -18.73
CA GLN D 394 -13.03 -13.87 -18.94
C GLN D 394 -12.40 -12.93 -19.98
N ARG D 395 -13.11 -12.63 -21.05
CA ARG D 395 -12.63 -11.68 -22.03
C ARG D 395 -12.46 -10.30 -21.44
N GLU D 396 -13.48 -9.87 -20.69
CA GLU D 396 -13.54 -8.52 -20.14
C GLU D 396 -12.30 -8.14 -19.32
N VAL D 397 -11.78 -9.05 -18.50
CA VAL D 397 -10.67 -8.72 -17.62
C VAL D 397 -9.30 -8.96 -18.27
N GLY D 398 -9.29 -9.41 -19.53
CA GLY D 398 -8.04 -9.59 -20.28
C GLY D 398 -7.53 -10.99 -20.49
N THR D 399 -8.33 -12.01 -20.20
CA THR D 399 -7.84 -13.39 -20.41
C THR D 399 -7.31 -13.57 -21.85
N GLY D 400 -8.06 -13.08 -22.83
CA GLY D 400 -7.66 -13.23 -24.22
C GLY D 400 -6.38 -12.48 -24.53
N TYR D 401 -6.28 -11.25 -23.99
CA TYR D 401 -5.06 -10.44 -24.11
C TYR D 401 -3.81 -11.18 -23.64
N PHE D 402 -3.87 -11.75 -22.43
CA PHE D 402 -2.71 -12.48 -21.88
C PHE D 402 -2.45 -13.81 -22.58
N ASP D 403 -3.50 -14.45 -23.12
CA ASP D 403 -3.29 -15.61 -23.98
C ASP D 403 -2.41 -15.21 -25.14
N ALA D 404 -2.73 -14.09 -25.79
CA ALA D 404 -1.91 -13.60 -26.88
C ALA D 404 -0.48 -13.23 -26.42
N VAL D 405 -0.32 -12.77 -25.16
CA VAL D 405 1.01 -12.45 -24.66
C VAL D 405 1.82 -13.73 -24.60
N SER D 406 1.22 -14.76 -24.01
CA SER D 406 1.89 -16.06 -23.84
C SER D 406 2.27 -16.67 -25.19
N LEU D 407 1.40 -16.55 -26.19
CA LEU D 407 1.69 -17.11 -27.54
C LEU D 407 2.84 -16.37 -28.21
N ALA D 408 2.93 -15.06 -28.03
CA ALA D 408 4.06 -14.30 -28.52
C ALA D 408 5.36 -14.75 -27.82
N ILE D 409 5.27 -15.11 -26.56
CA ILE D 409 6.44 -15.55 -25.81
C ILE D 409 6.86 -16.94 -26.25
N THR D 410 5.89 -17.84 -26.35
CA THR D 410 6.13 -19.26 -26.56
C THR D 410 6.11 -19.64 -28.03
N GLY D 411 6.09 -18.64 -28.91
CA GLY D 411 6.09 -18.89 -30.35
C GLY D 411 4.88 -19.66 -30.84
N GLY D 412 3.76 -19.51 -30.14
CA GLY D 412 2.49 -20.12 -30.54
C GLY D 412 2.33 -21.54 -30.07
N GLN D 413 3.17 -21.96 -29.11
CA GLN D 413 3.28 -23.40 -28.76
C GLN D 413 2.79 -23.79 -27.36
N SER D 414 2.56 -22.84 -26.47
CA SER D 414 2.15 -23.19 -25.09
C SER D 414 1.01 -24.22 -25.01
N SER D 415 1.13 -25.13 -24.05
CA SER D 415 0.10 -26.13 -23.75
C SER D 415 -0.96 -25.62 -22.77
N THR D 416 -0.73 -24.43 -22.20
CA THR D 416 -1.51 -23.94 -21.09
C THR D 416 -2.25 -22.62 -21.40
N THR D 417 -2.75 -22.46 -22.63
CA THR D 417 -3.62 -21.30 -22.95
C THR D 417 -4.99 -21.51 -22.30
N ALA D 418 -5.62 -20.40 -21.91
CA ALA D 418 -6.80 -20.42 -21.04
C ALA D 418 -8.16 -20.48 -21.77
N MET D 419 -8.29 -19.77 -22.89
CA MET D 419 -9.62 -19.51 -23.51
C MET D 419 -10.24 -20.64 -24.38
N LYS D 420 -9.47 -21.25 -25.28
CA LYS D 420 -10.00 -22.28 -26.20
C LYS D 420 -10.85 -23.37 -25.49
N GLU D 421 -10.39 -23.89 -24.35
CA GLU D 421 -11.12 -24.93 -23.61
C GLU D 421 -11.93 -24.41 -22.43
N SER D 422 -12.21 -23.10 -22.40
CA SER D 422 -12.94 -22.48 -21.27
C SER D 422 -14.45 -22.67 -21.40
N THR D 423 -15.14 -22.57 -20.27
CA THR D 423 -16.60 -22.66 -20.26
C THR D 423 -17.26 -21.43 -20.89
N GLU D 424 -16.54 -20.31 -20.90
CA GLU D 424 -16.98 -19.11 -21.59
C GLU D 424 -17.10 -19.36 -23.09
N THR D 425 -16.06 -19.93 -23.69
CA THR D 425 -16.08 -20.29 -25.10
C THR D 425 -17.12 -21.37 -25.42
N ALA D 426 -17.34 -22.30 -24.49
CA ALA D 426 -18.26 -23.43 -24.72
C ALA D 426 -19.75 -23.13 -24.47
N GLN D 427 -20.04 -22.24 -23.51
CA GLN D 427 -21.40 -22.00 -23.04
C GLN D 427 -21.96 -20.58 -23.31
N PHE D 428 -21.12 -19.67 -23.81
CA PHE D 428 -21.55 -18.30 -24.05
C PHE D 428 -21.41 -17.91 -25.54
N LYS D 429 -21.67 -18.87 -26.42
CA LYS D 429 -21.75 -18.62 -27.86
C LYS D 429 -23.10 -17.93 -28.17
N PRO D 430 -23.17 -17.11 -29.23
CA PRO D 430 -24.39 -16.34 -29.59
C PRO D 430 -25.71 -17.16 -29.63
C1 EDO E . 9.44 1.46 3.71
O1 EDO E . 9.78 2.12 4.93
C2 EDO E . 10.49 0.43 3.35
O2 EDO E . 10.47 0.11 1.95
C1 EDO F . 1.05 11.14 35.86
O1 EDO F . 0.45 11.44 34.58
C2 EDO F . 2.50 10.65 35.69
O2 EDO F . 3.27 11.52 34.82
C1 ICT G . 10.79 13.82 15.11
O1 ICT G . 11.77 13.06 15.05
O2 ICT G . 9.77 13.72 14.37
C2 ICT G . 10.80 14.96 16.12
O7 ICT G . 9.41 15.23 16.36
C3 ICT G . 11.61 16.17 15.57
C4 ICT G . 13.14 15.88 15.44
C5 ICT G . 14.20 16.83 16.01
O3 ICT G . 14.45 17.91 15.40
O4 ICT G . 14.87 16.46 17.02
C6 ICT G . 11.23 17.39 16.37
O5 ICT G . 10.34 18.13 15.93
O6 ICT G . 11.79 17.60 17.45
MG MG H . 8.11 14.87 14.89
C1 EDO I . 25.83 -8.43 -26.34
O1 EDO I . 24.46 -8.81 -26.27
C2 EDO I . 26.24 -7.67 -25.07
O2 EDO I . 26.86 -8.53 -24.12
C1 ICT J . 20.21 -10.63 -3.79
O1 ICT J . 20.79 -9.63 -3.29
O2 ICT J . 18.97 -10.85 -3.68
C2 ICT J . 20.99 -11.66 -4.55
O7 ICT J . 20.04 -12.18 -5.51
C3 ICT J . 21.48 -12.70 -3.50
C4 ICT J . 22.48 -12.13 -2.44
C5 ICT J . 23.80 -12.85 -2.14
O3 ICT J . 23.80 -13.92 -1.47
O4 ICT J . 24.88 -12.32 -2.53
C6 ICT J . 22.01 -13.91 -4.19
O5 ICT J . 21.25 -14.90 -4.31
O6 ICT J . 23.16 -13.87 -4.59
MG MG K . 18.10 -12.18 -5.03
C1 EDO L . -14.94 -33.19 9.13
O1 EDO L . -13.64 -32.81 8.65
C2 EDO L . -16.03 -32.20 8.69
O2 EDO L . -16.12 -32.08 7.27
C1 EDO M . -9.49 -1.62 -3.90
O1 EDO M . -9.79 -2.73 -3.05
C2 EDO M . -9.87 -0.32 -3.17
O2 EDO M . -9.77 0.82 -4.03
C1 ICT N . -12.86 -17.20 -7.81
O1 ICT N . -13.85 -16.51 -7.52
O2 ICT N . -11.69 -16.76 -7.87
C2 ICT N . -13.05 -18.65 -8.10
O7 ICT N . -11.91 -19.33 -7.60
C3 ICT N . -13.16 -18.81 -9.62
C4 ICT N . -14.43 -18.15 -10.22
C5 ICT N . -15.42 -19.00 -11.00
O3 ICT N . -15.10 -19.33 -12.17
O4 ICT N . -16.52 -19.30 -10.46
C6 ICT N . -12.98 -20.28 -9.84
O5 ICT N . -11.81 -20.67 -9.96
O6 ICT N . -13.96 -21.02 -9.84
MG MG O . -10.29 -18.22 -7.34
C1 EDO P . -11.27 30.74 -18.79
O1 EDO P . -10.35 30.62 -17.67
C2 EDO P . -11.96 29.40 -19.06
O2 EDO P . -13.05 29.19 -18.15
C1 ICT Q . -17.68 14.16 -3.46
O1 ICT Q . -18.27 13.32 -4.19
O2 ICT Q . -16.64 13.87 -2.82
C2 ICT Q . -18.24 15.55 -3.35
O7 ICT Q . -17.13 16.40 -2.95
C3 ICT Q . -19.40 15.59 -2.32
C4 ICT Q . -20.60 14.69 -2.71
C5 ICT Q . -22.01 15.26 -2.60
O3 ICT Q . -22.49 15.49 -1.48
O4 ICT Q . -22.68 15.45 -3.66
C6 ICT Q . -19.74 17.02 -2.14
O5 ICT Q . -19.14 17.63 -1.23
O6 ICT Q . -20.56 17.54 -2.94
MG MG R . -15.61 15.59 -1.94
#